data_2M8G
#
_entry.id   2M8G
#
_entity_poly.entity_id   1
_entity_poly.type   'polypeptide(L)'
_entity_poly.pdbx_seq_one_letter_code
;TSSELPELLRKRERKTGDLPKFIEETEKKRIIEALEKTGYVKSRAAKLLGYTLRQLDYRIKKYGIELKKF
;
_entity_poly.pdbx_strand_id   X
#
# COMPACT_ATOMS: atom_id res chain seq x y z
N THR A 1 -43.21 -23.82 -9.36
CA THR A 1 -42.81 -23.07 -10.55
C THR A 1 -42.89 -23.94 -11.79
N SER A 2 -43.97 -23.77 -12.55
CA SER A 2 -44.17 -24.55 -13.78
C SER A 2 -43.10 -24.22 -14.81
N SER A 3 -42.71 -22.95 -14.86
CA SER A 3 -41.70 -22.50 -15.82
C SER A 3 -40.29 -22.85 -15.30
N GLU A 4 -39.41 -23.21 -16.23
CA GLU A 4 -38.04 -23.56 -15.88
C GLU A 4 -37.04 -22.88 -16.82
N LEU A 5 -37.03 -21.56 -16.80
CA LEU A 5 -36.13 -20.80 -17.65
C LEU A 5 -34.95 -20.24 -16.85
N PRO A 6 -33.84 -19.96 -17.55
CA PRO A 6 -32.63 -19.42 -16.92
C PRO A 6 -32.81 -17.99 -16.43
N GLU A 7 -33.69 -17.25 -17.11
CA GLU A 7 -33.96 -15.86 -16.75
C GLU A 7 -32.67 -15.03 -16.78
N LEU A 8 -31.85 -15.27 -17.80
CA LEU A 8 -30.60 -14.54 -17.95
C LEU A 8 -30.85 -13.07 -18.27
N LEU A 9 -31.82 -12.82 -19.14
CA LEU A 9 -32.17 -11.46 -19.53
C LEU A 9 -32.92 -10.74 -18.41
N ARG A 10 -33.79 -11.47 -17.73
CA ARG A 10 -34.57 -10.90 -16.64
C ARG A 10 -33.66 -10.50 -15.48
N LYS A 11 -32.54 -11.19 -15.35
CA LYS A 11 -31.58 -10.90 -14.29
C LYS A 11 -31.06 -9.47 -14.40
N ARG A 12 -31.08 -8.75 -13.28
CA ARG A 12 -30.62 -7.37 -13.25
C ARG A 12 -29.39 -7.23 -12.34
N GLU A 13 -28.26 -6.87 -12.93
CA GLU A 13 -27.03 -6.71 -12.17
C GLU A 13 -27.15 -5.57 -11.16
N ARG A 14 -26.34 -5.62 -10.12
CA ARG A 14 -26.36 -4.60 -9.08
C ARG A 14 -25.02 -3.89 -8.98
N LYS A 15 -24.76 -2.99 -9.93
CA LYS A 15 -23.51 -2.24 -9.96
C LYS A 15 -23.38 -1.37 -8.71
N THR A 16 -24.43 -0.62 -8.40
CA THR A 16 -24.43 0.26 -7.23
C THR A 16 -24.05 -0.51 -5.98
N GLY A 17 -23.25 0.12 -5.13
CA GLY A 17 -22.83 -0.51 -3.89
C GLY A 17 -21.33 -0.43 -3.68
N ASP A 18 -20.91 0.11 -2.54
CA ASP A 18 -19.50 0.24 -2.22
C ASP A 18 -19.09 -0.74 -1.13
N LEU A 19 -17.93 -1.36 -1.30
CA LEU A 19 -17.43 -2.33 -0.33
C LEU A 19 -16.00 -1.99 0.08
N PRO A 20 -15.58 -2.53 1.23
CA PRO A 20 -14.22 -2.31 1.76
C PRO A 20 -13.15 -2.99 0.93
N LYS A 21 -13.46 -4.19 0.44
CA LYS A 21 -12.53 -4.95 -0.39
C LYS A 21 -12.01 -4.10 -1.54
N PHE A 22 -12.91 -3.38 -2.19
CA PHE A 22 -12.54 -2.53 -3.32
C PHE A 22 -11.56 -1.44 -2.88
N ILE A 23 -11.83 -0.86 -1.71
CA ILE A 23 -10.98 0.20 -1.18
C ILE A 23 -9.57 -0.31 -0.89
N GLU A 24 -9.49 -1.41 -0.14
CA GLU A 24 -8.21 -2.01 0.21
C GLU A 24 -7.49 -2.50 -1.04
N GLU A 25 -8.25 -2.90 -2.05
CA GLU A 25 -7.67 -3.38 -3.29
C GLU A 25 -7.14 -2.23 -4.14
N THR A 26 -7.95 -1.18 -4.28
CA THR A 26 -7.55 -0.02 -5.07
C THR A 26 -6.45 0.77 -4.36
N GLU A 27 -6.48 0.77 -3.04
CA GLU A 27 -5.49 1.48 -2.24
C GLU A 27 -4.14 0.76 -2.28
N LYS A 28 -4.18 -0.55 -2.01
CA LYS A 28 -2.97 -1.36 -2.00
C LYS A 28 -2.33 -1.38 -3.39
N LYS A 29 -3.15 -1.55 -4.41
CA LYS A 29 -2.67 -1.58 -5.79
C LYS A 29 -1.99 -0.27 -6.16
N ARG A 30 -2.55 0.84 -5.68
CA ARG A 30 -2.01 2.16 -5.97
C ARG A 30 -0.65 2.34 -5.29
N ILE A 31 -0.58 1.99 -4.02
CA ILE A 31 0.67 2.10 -3.27
C ILE A 31 1.78 1.26 -3.88
N ILE A 32 1.49 -0.03 -4.10
CA ILE A 32 2.46 -0.94 -4.69
C ILE A 32 2.84 -0.51 -6.10
N GLU A 33 1.86 0.01 -6.83
CA GLU A 33 2.09 0.47 -8.20
C GLU A 33 3.07 1.63 -8.22
N ALA A 34 2.80 2.65 -7.41
CA ALA A 34 3.67 3.83 -7.35
C ALA A 34 5.07 3.44 -6.89
N LEU A 35 5.16 2.61 -5.87
CA LEU A 35 6.46 2.16 -5.35
C LEU A 35 7.27 1.49 -6.44
N GLU A 36 6.70 0.48 -7.08
CA GLU A 36 7.38 -0.24 -8.15
C GLU A 36 7.80 0.70 -9.26
N LYS A 37 6.94 1.66 -9.58
CA LYS A 37 7.23 2.63 -10.64
C LYS A 37 8.31 3.61 -10.18
N THR A 38 8.43 3.78 -8.87
CA THR A 38 9.42 4.70 -8.31
C THR A 38 10.72 3.97 -7.98
N GLY A 39 10.69 2.64 -8.07
CA GLY A 39 11.87 1.85 -7.79
C GLY A 39 11.93 1.40 -6.34
N TYR A 40 10.78 1.02 -5.79
CA TYR A 40 10.70 0.57 -4.40
C TYR A 40 11.16 1.67 -3.45
N VAL A 41 10.58 2.86 -3.60
CA VAL A 41 10.93 4.00 -2.75
C VAL A 41 9.68 4.59 -2.10
N LYS A 42 9.67 4.61 -0.77
CA LYS A 42 8.55 5.16 -0.01
C LYS A 42 8.42 6.66 -0.26
N SER A 43 9.54 7.37 -0.14
CA SER A 43 9.55 8.82 -0.34
C SER A 43 8.94 9.18 -1.70
N ARG A 44 9.45 8.56 -2.75
CA ARG A 44 8.96 8.81 -4.10
C ARG A 44 7.51 8.36 -4.26
N ALA A 45 7.24 7.12 -3.84
CA ALA A 45 5.89 6.57 -3.93
C ALA A 45 4.88 7.47 -3.22
N ALA A 46 5.32 8.08 -2.11
CA ALA A 46 4.44 8.95 -1.34
C ALA A 46 4.19 10.27 -2.08
N LYS A 47 5.27 10.92 -2.50
CA LYS A 47 5.16 12.19 -3.22
C LYS A 47 4.43 11.99 -4.55
N LEU A 48 4.58 10.81 -5.14
CA LEU A 48 3.93 10.51 -6.41
C LEU A 48 2.43 10.29 -6.21
N LEU A 49 2.08 9.46 -5.25
CA LEU A 49 0.68 9.17 -4.95
C LEU A 49 -0.03 10.40 -4.40
N GLY A 50 0.65 11.13 -3.52
CA GLY A 50 0.08 12.32 -2.94
C GLY A 50 -0.09 12.20 -1.43
N TYR A 51 0.65 11.28 -0.82
CA TYR A 51 0.57 11.07 0.62
C TYR A 51 1.92 11.34 1.28
N THR A 52 1.90 11.56 2.60
CA THR A 52 3.12 11.83 3.34
C THR A 52 3.76 10.54 3.83
N LEU A 53 5.02 10.62 4.25
CA LEU A 53 5.75 9.46 4.73
C LEU A 53 4.95 8.71 5.78
N ARG A 54 4.23 9.45 6.62
CA ARG A 54 3.40 8.86 7.66
C ARG A 54 2.25 8.05 7.06
N GLN A 55 1.50 8.67 6.15
CA GLN A 55 0.38 8.02 5.51
C GLN A 55 0.84 6.80 4.73
N LEU A 56 1.80 7.00 3.83
CA LEU A 56 2.32 5.90 3.02
C LEU A 56 2.79 4.75 3.90
N ASP A 57 3.62 5.05 4.87
CA ASP A 57 4.15 4.05 5.78
C ASP A 57 3.00 3.26 6.43
N TYR A 58 1.99 3.97 6.89
CA TYR A 58 0.84 3.34 7.53
C TYR A 58 0.16 2.37 6.58
N ARG A 59 0.14 2.71 5.30
CA ARG A 59 -0.48 1.86 4.29
C ARG A 59 0.38 0.62 4.02
N ILE A 60 1.69 0.81 4.01
CA ILE A 60 2.61 -0.29 3.77
C ILE A 60 2.52 -1.34 4.86
N LYS A 61 2.40 -0.89 6.10
CA LYS A 61 2.30 -1.78 7.25
C LYS A 61 0.93 -2.44 7.30
N LYS A 62 -0.11 -1.67 7.00
CA LYS A 62 -1.48 -2.18 7.01
C LYS A 62 -1.69 -3.18 5.88
N TYR A 63 -1.21 -2.83 4.69
CA TYR A 63 -1.35 -3.71 3.53
C TYR A 63 -0.19 -4.70 3.45
N GLY A 64 0.76 -4.57 4.37
CA GLY A 64 1.91 -5.46 4.39
C GLY A 64 2.59 -5.54 3.03
N ILE A 65 2.77 -4.39 2.40
CA ILE A 65 3.42 -4.34 1.09
C ILE A 65 4.93 -4.49 1.22
N GLU A 66 5.56 -5.01 0.16
CA GLU A 66 7.01 -5.20 0.17
C GLU A 66 7.70 -4.08 -0.63
N LEU A 67 9.02 -3.99 -0.47
CA LEU A 67 9.80 -2.98 -1.16
C LEU A 67 11.29 -3.19 -0.92
N LYS A 68 12.07 -3.11 -2.00
CA LYS A 68 13.52 -3.30 -1.91
C LYS A 68 14.23 -1.94 -1.79
N LYS A 69 14.66 -1.62 -0.58
CA LYS A 69 15.34 -0.36 -0.32
C LYS A 69 16.09 -0.41 1.01
N PHE A 70 17.34 0.05 1.01
CA PHE A 70 18.15 0.06 2.21
C PHE A 70 18.18 1.46 2.84
N THR A 1 6.14 13.55 29.25
CA THR A 1 6.21 12.89 27.95
C THR A 1 4.99 12.02 27.70
N SER A 2 4.01 12.57 27.00
CA SER A 2 2.78 11.85 26.70
C SER A 2 3.09 10.60 25.89
N SER A 3 2.83 9.43 26.49
CA SER A 3 3.08 8.16 25.82
C SER A 3 1.76 7.50 25.41
N GLU A 4 1.68 7.11 24.14
CA GLU A 4 0.48 6.46 23.63
C GLU A 4 0.77 5.03 23.21
N LEU A 5 -0.26 4.19 23.24
CA LEU A 5 -0.12 2.79 22.87
C LEU A 5 -0.49 2.57 21.39
N PRO A 6 0.04 1.49 20.81
CA PRO A 6 -0.22 1.14 19.41
C PRO A 6 -1.66 0.69 19.19
N GLU A 7 -2.13 -0.20 20.04
CA GLU A 7 -3.49 -0.73 19.94
C GLU A 7 -3.72 -1.38 18.58
N LEU A 8 -2.69 -2.02 18.05
CA LEU A 8 -2.77 -2.68 16.76
C LEU A 8 -3.67 -3.92 16.84
N LEU A 9 -3.44 -4.75 17.87
CA LEU A 9 -4.22 -5.96 18.05
C LEU A 9 -5.69 -5.63 18.29
N ARG A 10 -5.93 -4.47 18.89
CA ARG A 10 -7.30 -4.03 19.18
C ARG A 10 -7.98 -3.51 17.92
N LYS A 11 -7.19 -2.91 17.03
CA LYS A 11 -7.71 -2.36 15.80
C LYS A 11 -8.32 -3.45 14.93
N ARG A 12 -7.57 -4.52 14.72
CA ARG A 12 -8.04 -5.65 13.92
C ARG A 12 -8.92 -6.59 14.74
N GLU A 13 -9.97 -7.10 14.13
CA GLU A 13 -10.88 -8.01 14.81
C GLU A 13 -11.27 -9.18 13.91
N ARG A 14 -12.12 -10.06 14.43
CA ARG A 14 -12.56 -11.22 13.67
C ARG A 14 -14.08 -11.23 13.52
N LYS A 15 -14.57 -10.67 12.43
CA LYS A 15 -16.01 -10.61 12.18
C LYS A 15 -16.30 -10.66 10.67
N THR A 16 -17.28 -11.47 10.29
CA THR A 16 -17.66 -11.61 8.89
C THR A 16 -18.68 -10.54 8.49
N GLY A 17 -19.03 -10.53 7.20
CA GLY A 17 -19.99 -9.55 6.71
C GLY A 17 -19.54 -8.89 5.43
N ASP A 18 -19.14 -7.62 5.53
CA ASP A 18 -18.68 -6.88 4.36
C ASP A 18 -17.47 -6.02 4.71
N LEU A 19 -16.48 -6.00 3.82
CA LEU A 19 -15.28 -5.22 4.04
C LEU A 19 -14.92 -4.40 2.79
N PRO A 20 -14.11 -3.35 2.97
CA PRO A 20 -13.69 -2.48 1.88
C PRO A 20 -12.71 -3.17 0.93
N LYS A 21 -13.26 -4.00 0.05
CA LYS A 21 -12.45 -4.74 -0.92
C LYS A 21 -12.04 -3.83 -2.08
N PHE A 22 -13.01 -3.07 -2.59
CA PHE A 22 -12.76 -2.16 -3.71
C PHE A 22 -11.79 -1.05 -3.29
N ILE A 23 -11.88 -0.64 -2.03
CA ILE A 23 -11.00 0.41 -1.52
C ILE A 23 -9.61 -0.12 -1.22
N GLU A 24 -9.56 -1.22 -0.48
CA GLU A 24 -8.28 -1.84 -0.12
C GLU A 24 -7.54 -2.31 -1.37
N GLU A 25 -8.30 -2.68 -2.39
CA GLU A 25 -7.72 -3.16 -3.64
C GLU A 25 -7.14 -2.00 -4.45
N THR A 26 -7.93 -0.94 -4.60
CA THR A 26 -7.51 0.23 -5.36
C THR A 26 -6.41 0.99 -4.63
N GLU A 27 -6.47 0.97 -3.30
CA GLU A 27 -5.47 1.66 -2.48
C GLU A 27 -4.15 0.91 -2.49
N LYS A 28 -4.20 -0.39 -2.24
CA LYS A 28 -3.00 -1.21 -2.24
C LYS A 28 -2.34 -1.24 -3.61
N LYS A 29 -3.16 -1.34 -4.65
CA LYS A 29 -2.66 -1.38 -6.02
C LYS A 29 -1.98 -0.07 -6.38
N ARG A 30 -2.53 1.04 -5.89
CA ARG A 30 -1.98 2.37 -6.16
C ARG A 30 -0.62 2.53 -5.48
N ILE A 31 -0.56 2.17 -4.20
CA ILE A 31 0.67 2.28 -3.44
C ILE A 31 1.78 1.43 -4.05
N ILE A 32 1.49 0.16 -4.27
CA ILE A 32 2.45 -0.76 -4.85
C ILE A 32 2.85 -0.32 -6.27
N GLU A 33 1.88 0.21 -7.00
CA GLU A 33 2.13 0.67 -8.36
C GLU A 33 3.12 1.83 -8.38
N ALA A 34 2.83 2.84 -7.56
CA ALA A 34 3.70 4.02 -7.48
C ALA A 34 5.10 3.63 -7.02
N LEU A 35 5.19 2.77 -6.02
CA LEU A 35 6.47 2.32 -5.50
C LEU A 35 7.31 1.67 -6.59
N GLU A 36 6.74 0.66 -7.25
CA GLU A 36 7.42 -0.04 -8.32
C GLU A 36 7.86 0.92 -9.42
N LYS A 37 6.99 1.89 -9.72
CA LYS A 37 7.28 2.88 -10.75
C LYS A 37 8.36 3.85 -10.28
N THR A 38 8.47 4.01 -8.97
CA THR A 38 9.46 4.91 -8.38
C THR A 38 10.75 4.18 -8.06
N GLY A 39 10.71 2.86 -8.16
CA GLY A 39 11.90 2.06 -7.87
C GLY A 39 11.94 1.58 -6.44
N TYR A 40 10.78 1.18 -5.91
CA TYR A 40 10.69 0.70 -4.55
C TYR A 40 11.13 1.77 -3.56
N VAL A 41 10.51 2.94 -3.64
CA VAL A 41 10.84 4.05 -2.75
C VAL A 41 9.58 4.64 -2.13
N LYS A 42 9.54 4.66 -0.80
CA LYS A 42 8.39 5.20 -0.07
C LYS A 42 8.29 6.71 -0.27
N SER A 43 9.42 7.39 -0.18
CA SER A 43 9.46 8.85 -0.35
C SER A 43 8.91 9.24 -1.72
N ARG A 44 9.45 8.63 -2.77
CA ARG A 44 9.01 8.93 -4.13
C ARG A 44 7.57 8.48 -4.34
N ALA A 45 7.22 7.32 -3.79
CA ALA A 45 5.87 6.79 -3.94
C ALA A 45 4.86 7.67 -3.22
N ALA A 46 5.28 8.28 -2.12
CA ALA A 46 4.41 9.16 -1.34
C ALA A 46 4.18 10.48 -2.07
N LYS A 47 5.26 11.13 -2.45
CA LYS A 47 5.17 12.41 -3.16
C LYS A 47 4.47 12.23 -4.50
N LEU A 48 4.64 11.07 -5.11
CA LEU A 48 4.02 10.79 -6.40
C LEU A 48 2.52 10.56 -6.24
N LEU A 49 2.15 9.69 -5.30
CA LEU A 49 0.75 9.37 -5.05
C LEU A 49 0.01 10.60 -4.50
N GLY A 50 0.67 11.32 -3.60
CA GLY A 50 0.05 12.51 -3.01
C GLY A 50 -0.13 12.38 -1.51
N TYR A 51 0.62 11.47 -0.90
CA TYR A 51 0.53 11.25 0.54
C TYR A 51 1.87 11.51 1.21
N THR A 52 1.84 11.72 2.52
CA THR A 52 3.06 11.97 3.29
C THR A 52 3.69 10.67 3.76
N LEU A 53 4.95 10.75 4.20
CA LEU A 53 5.67 9.58 4.68
C LEU A 53 4.84 8.83 5.72
N ARG A 54 4.12 9.57 6.55
CA ARG A 54 3.29 8.97 7.59
C ARG A 54 2.14 8.18 6.97
N GLN A 55 1.41 8.82 6.07
CA GLN A 55 0.28 8.17 5.41
C GLN A 55 0.73 6.96 4.62
N LEU A 56 1.70 7.15 3.74
CA LEU A 56 2.23 6.06 2.92
C LEU A 56 2.67 4.89 3.79
N ASP A 57 3.50 5.18 4.78
CA ASP A 57 4.01 4.16 5.70
C ASP A 57 2.85 3.37 6.32
N TYR A 58 1.85 4.09 6.78
CA TYR A 58 0.68 3.46 7.41
C TYR A 58 0.01 2.49 6.44
N ARG A 59 -0.02 2.87 5.16
CA ARG A 59 -0.63 2.02 4.14
C ARG A 59 0.21 0.78 3.88
N ILE A 60 1.53 0.95 3.89
CA ILE A 60 2.45 -0.16 3.65
C ILE A 60 2.32 -1.22 4.75
N LYS A 61 2.20 -0.77 5.98
CA LYS A 61 2.07 -1.67 7.12
C LYS A 61 0.68 -2.31 7.15
N LYS A 62 -0.34 -1.51 6.83
CA LYS A 62 -1.71 -1.98 6.83
C LYS A 62 -1.94 -2.98 5.69
N TYR A 63 -1.44 -2.65 4.51
CA TYR A 63 -1.58 -3.52 3.35
C TYR A 63 -0.43 -4.52 3.28
N GLY A 64 0.50 -4.41 4.21
CA GLY A 64 1.63 -5.32 4.23
C GLY A 64 2.34 -5.40 2.90
N ILE A 65 2.55 -4.26 2.26
CA ILE A 65 3.22 -4.20 0.97
C ILE A 65 4.72 -4.42 1.11
N GLU A 66 5.34 -4.94 0.06
CA GLU A 66 6.78 -5.18 0.06
C GLU A 66 7.52 -4.13 -0.75
N LEU A 67 8.85 -4.13 -0.64
CA LEU A 67 9.67 -3.17 -1.36
C LEU A 67 11.15 -3.48 -1.17
N LYS A 68 11.90 -3.47 -2.28
CA LYS A 68 13.33 -3.75 -2.23
C LYS A 68 14.11 -2.51 -1.79
N LYS A 69 14.94 -2.67 -0.76
CA LYS A 69 15.75 -1.58 -0.24
C LYS A 69 16.76 -2.09 0.77
N PHE A 70 17.66 -1.21 1.19
CA PHE A 70 18.69 -1.56 2.16
C PHE A 70 18.52 -0.78 3.46
N THR A 1 -14.46 -0.46 -19.18
CA THR A 1 -13.66 0.76 -19.27
C THR A 1 -14.37 1.94 -18.64
N SER A 2 -14.34 2.01 -17.31
CA SER A 2 -14.98 3.09 -16.57
C SER A 2 -14.08 4.31 -16.50
N SER A 3 -14.63 5.43 -16.03
CA SER A 3 -13.89 6.67 -15.91
C SER A 3 -14.65 7.68 -15.06
N GLU A 4 -13.91 8.45 -14.26
CA GLU A 4 -14.51 9.46 -13.41
C GLU A 4 -13.91 10.84 -13.68
N LEU A 5 -14.67 11.88 -13.34
CA LEU A 5 -14.21 13.25 -13.55
C LEU A 5 -13.18 13.65 -12.50
N PRO A 6 -12.34 14.65 -12.85
CA PRO A 6 -11.29 15.14 -11.95
C PRO A 6 -11.87 15.90 -10.76
N GLU A 7 -13.01 16.55 -10.96
CA GLU A 7 -13.66 17.30 -9.89
C GLU A 7 -13.90 16.43 -8.67
N LEU A 8 -14.47 15.24 -8.90
CA LEU A 8 -14.75 14.30 -7.82
C LEU A 8 -13.47 13.84 -7.14
N LEU A 9 -12.41 13.71 -7.92
CA LEU A 9 -11.12 13.28 -7.39
C LEU A 9 -10.63 14.24 -6.31
N ARG A 10 -10.97 15.51 -6.46
CA ARG A 10 -10.57 16.53 -5.49
C ARG A 10 -11.43 16.46 -4.24
N LYS A 11 -12.73 16.28 -4.43
CA LYS A 11 -13.67 16.20 -3.32
C LYS A 11 -13.32 15.03 -2.39
N ARG A 12 -13.77 15.11 -1.15
CA ARG A 12 -13.50 14.07 -0.17
C ARG A 12 -14.80 13.52 0.41
N GLU A 13 -15.14 12.29 0.03
CA GLU A 13 -16.36 11.66 0.51
C GLU A 13 -16.05 10.56 1.51
N ARG A 14 -16.04 10.92 2.78
CA ARG A 14 -15.75 9.96 3.86
C ARG A 14 -16.86 9.95 4.89
N LYS A 15 -17.96 9.26 4.57
CA LYS A 15 -19.09 9.17 5.47
C LYS A 15 -19.14 7.80 6.14
N THR A 16 -19.16 6.75 5.34
CA THR A 16 -19.20 5.39 5.85
C THR A 16 -18.27 4.47 5.06
N GLY A 17 -17.54 3.62 5.78
CA GLY A 17 -16.62 2.70 5.14
C GLY A 17 -16.14 1.60 6.07
N ASP A 18 -16.27 0.36 5.63
CA ASP A 18 -15.85 -0.78 6.44
C ASP A 18 -14.63 -1.47 5.81
N LEU A 19 -13.85 -0.70 5.06
CA LEU A 19 -12.66 -1.24 4.41
C LEU A 19 -13.01 -2.48 3.59
N PRO A 20 -13.77 -2.27 2.50
CA PRO A 20 -14.18 -3.37 1.60
C PRO A 20 -13.02 -3.93 0.81
N LYS A 21 -13.33 -4.77 -0.18
CA LYS A 21 -12.32 -5.37 -1.02
C LYS A 21 -11.97 -4.47 -2.20
N PHE A 22 -12.97 -3.74 -2.69
CA PHE A 22 -12.77 -2.83 -3.82
C PHE A 22 -11.83 -1.69 -3.43
N ILE A 23 -11.93 -1.24 -2.18
CA ILE A 23 -11.10 -0.15 -1.69
C ILE A 23 -9.69 -0.64 -1.37
N GLU A 24 -9.61 -1.74 -0.62
CA GLU A 24 -8.33 -2.32 -0.24
C GLU A 24 -7.55 -2.78 -1.47
N GLU A 25 -8.28 -3.18 -2.50
CA GLU A 25 -7.66 -3.66 -3.73
C GLU A 25 -7.11 -2.49 -4.55
N THR A 26 -7.92 -1.44 -4.70
CA THR A 26 -7.54 -0.27 -5.46
C THR A 26 -6.46 0.53 -4.72
N GLU A 27 -6.55 0.53 -3.38
CA GLU A 27 -5.60 1.26 -2.56
C GLU A 27 -4.24 0.55 -2.54
N LYS A 28 -4.27 -0.75 -2.28
CA LYS A 28 -3.05 -1.54 -2.22
C LYS A 28 -2.37 -1.57 -3.59
N LYS A 29 -3.16 -1.74 -4.63
CA LYS A 29 -2.64 -1.79 -6.00
C LYS A 29 -1.98 -0.45 -6.37
N ARG A 30 -2.57 0.64 -5.91
CA ARG A 30 -2.05 1.97 -6.19
C ARG A 30 -0.72 2.19 -5.49
N ILE A 31 -0.67 1.86 -4.21
CA ILE A 31 0.56 2.03 -3.43
C ILE A 31 1.70 1.20 -4.02
N ILE A 32 1.45 -0.08 -4.22
CA ILE A 32 2.45 -0.97 -4.78
C ILE A 32 2.85 -0.55 -6.19
N GLU A 33 1.87 -0.06 -6.95
CA GLU A 33 2.12 0.38 -8.31
C GLU A 33 3.08 1.56 -8.34
N ALA A 34 2.78 2.59 -7.54
CA ALA A 34 3.62 3.77 -7.47
C ALA A 34 5.02 3.43 -6.99
N LEU A 35 5.09 2.59 -5.95
CA LEU A 35 6.39 2.18 -5.39
C LEU A 35 7.26 1.52 -6.46
N GLU A 36 6.70 0.50 -7.12
CA GLU A 36 7.43 -0.22 -8.16
C GLU A 36 7.86 0.74 -9.28
N LYS A 37 6.98 1.68 -9.60
CA LYS A 37 7.26 2.65 -10.65
C LYS A 37 8.30 3.67 -10.20
N THR A 38 8.40 3.84 -8.88
CA THR A 38 9.36 4.78 -8.31
C THR A 38 10.67 4.09 -7.97
N GLY A 39 10.66 2.76 -7.99
CA GLY A 39 11.85 2.00 -7.68
C GLY A 39 11.88 1.54 -6.23
N TYR A 40 10.74 1.13 -5.72
CA TYR A 40 10.64 0.68 -4.33
C TYR A 40 11.05 1.77 -3.36
N VAL A 41 10.41 2.93 -3.49
CA VAL A 41 10.71 4.07 -2.63
C VAL A 41 9.43 4.65 -2.03
N LYS A 42 9.34 4.64 -0.70
CA LYS A 42 8.17 5.17 -0.01
C LYS A 42 8.04 6.68 -0.24
N SER A 43 9.16 7.38 -0.14
CA SER A 43 9.18 8.82 -0.34
C SER A 43 8.63 9.20 -1.71
N ARG A 44 9.19 8.58 -2.75
CA ARG A 44 8.77 8.85 -4.12
C ARG A 44 7.33 8.37 -4.34
N ALA A 45 7.01 7.21 -3.78
CA ALA A 45 5.68 6.64 -3.91
C ALA A 45 4.64 7.52 -3.23
N ALA A 46 5.03 8.15 -2.13
CA ALA A 46 4.13 9.01 -1.38
C ALA A 46 3.87 10.32 -2.13
N LYS A 47 4.95 11.00 -2.51
CA LYS A 47 4.84 12.26 -3.24
C LYS A 47 4.15 12.05 -4.57
N LEU A 48 4.37 10.89 -5.18
CA LEU A 48 3.76 10.57 -6.47
C LEU A 48 2.27 10.31 -6.32
N LEU A 49 1.92 9.44 -5.38
CA LEU A 49 0.52 9.10 -5.14
C LEU A 49 -0.26 10.31 -4.62
N GLY A 50 0.36 11.06 -3.72
CA GLY A 50 -0.27 12.24 -3.16
C GLY A 50 -0.48 12.13 -1.66
N TYR A 51 0.28 11.24 -1.03
CA TYR A 51 0.17 11.05 0.41
C TYR A 51 1.49 11.34 1.10
N THR A 52 1.44 11.56 2.41
CA THR A 52 2.64 11.86 3.19
C THR A 52 3.30 10.57 3.69
N LEU A 53 4.55 10.69 4.13
CA LEU A 53 5.30 9.54 4.62
C LEU A 53 4.48 8.78 5.67
N ARG A 54 3.73 9.51 6.49
CA ARG A 54 2.91 8.90 7.52
C ARG A 54 1.78 8.07 6.90
N GLN A 55 1.04 8.68 5.98
CA GLN A 55 -0.06 8.01 5.32
C GLN A 55 0.43 6.79 4.55
N LEU A 56 1.41 7.00 3.67
CA LEU A 56 1.96 5.91 2.88
C LEU A 56 2.43 4.76 3.77
N ASP A 57 3.25 5.09 4.76
CA ASP A 57 3.77 4.09 5.69
C ASP A 57 2.63 3.29 6.31
N TYR A 58 1.59 3.98 6.77
CA TYR A 58 0.44 3.34 7.39
C TYR A 58 -0.20 2.34 6.43
N ARG A 59 -0.22 2.69 5.14
CA ARG A 59 -0.80 1.82 4.12
C ARG A 59 0.08 0.60 3.88
N ILE A 60 1.40 0.81 3.90
CA ILE A 60 2.35 -0.27 3.68
C ILE A 60 2.24 -1.33 4.78
N LYS A 61 2.09 -0.87 6.01
CA LYS A 61 1.98 -1.76 7.16
C LYS A 61 0.61 -2.44 7.18
N LYS A 62 -0.43 -1.68 6.85
CA LYS A 62 -1.79 -2.21 6.83
C LYS A 62 -1.97 -3.21 5.71
N TYR A 63 -1.46 -2.88 4.53
CA TYR A 63 -1.57 -3.76 3.37
C TYR A 63 -0.40 -4.74 3.32
N GLY A 64 0.53 -4.59 4.26
CA GLY A 64 1.68 -5.45 4.30
C GLY A 64 2.40 -5.54 2.97
N ILE A 65 2.58 -4.38 2.32
CA ILE A 65 3.25 -4.33 1.03
C ILE A 65 4.76 -4.48 1.18
N GLU A 66 5.41 -4.98 0.13
CA GLU A 66 6.85 -5.18 0.16
C GLU A 66 7.56 -4.06 -0.61
N LEU A 67 8.87 -3.96 -0.42
CA LEU A 67 9.66 -2.93 -1.09
C LEU A 67 11.14 -3.12 -0.81
N LYS A 68 11.96 -3.02 -1.87
CA LYS A 68 13.40 -3.18 -1.73
C LYS A 68 14.08 -1.82 -1.54
N LYS A 69 14.33 -1.46 -0.29
CA LYS A 69 14.98 -0.19 0.02
C LYS A 69 15.57 -0.21 1.44
N PHE A 70 16.81 0.25 1.57
CA PHE A 70 17.47 0.28 2.86
C PHE A 70 16.67 1.09 3.86
N THR A 1 9.85 -16.69 -11.75
CA THR A 1 10.85 -17.57 -11.14
C THR A 1 11.17 -17.14 -9.72
N SER A 2 10.19 -16.53 -9.06
CA SER A 2 10.38 -16.07 -7.69
C SER A 2 9.18 -16.45 -6.82
N SER A 3 9.46 -16.91 -5.61
CA SER A 3 8.41 -17.32 -4.68
C SER A 3 8.54 -16.59 -3.35
N GLU A 4 8.24 -15.30 -3.37
CA GLU A 4 8.33 -14.48 -2.16
C GLU A 4 7.10 -14.68 -1.28
N LEU A 5 5.93 -14.77 -1.90
CA LEU A 5 4.69 -14.97 -1.18
C LEU A 5 4.50 -16.43 -0.79
N PRO A 6 3.69 -16.67 0.25
CA PRO A 6 3.42 -18.02 0.75
C PRO A 6 2.56 -18.83 -0.22
N GLU A 7 1.57 -18.17 -0.82
CA GLU A 7 0.69 -18.84 -1.77
C GLU A 7 -0.23 -17.82 -2.46
N LEU A 8 -0.36 -17.95 -3.77
CA LEU A 8 -1.20 -17.04 -4.54
C LEU A 8 -2.68 -17.33 -4.28
N LEU A 9 -3.00 -18.60 -4.08
CA LEU A 9 -4.39 -19.01 -3.81
C LEU A 9 -4.88 -18.43 -2.49
N ARG A 10 -4.03 -18.48 -1.48
CA ARG A 10 -4.39 -17.97 -0.16
C ARG A 10 -4.56 -16.45 -0.21
N LYS A 11 -3.76 -15.79 -1.04
CA LYS A 11 -3.82 -14.34 -1.17
C LYS A 11 -4.27 -13.94 -2.58
N ARG A 12 -5.48 -14.33 -2.94
CA ARG A 12 -6.02 -14.03 -4.26
C ARG A 12 -7.12 -12.97 -4.17
N GLU A 13 -7.89 -13.02 -3.09
CA GLU A 13 -8.98 -12.07 -2.88
C GLU A 13 -9.51 -12.15 -1.45
N ARG A 14 -9.78 -11.00 -0.86
CA ARG A 14 -10.28 -10.94 0.50
C ARG A 14 -11.81 -10.97 0.53
N LYS A 15 -12.36 -12.18 0.68
CA LYS A 15 -13.80 -12.36 0.71
C LYS A 15 -14.31 -12.35 2.16
N THR A 16 -13.52 -12.91 3.06
CA THR A 16 -13.90 -12.97 4.48
C THR A 16 -14.28 -11.58 4.99
N GLY A 17 -15.36 -11.52 5.77
CA GLY A 17 -15.81 -10.26 6.31
C GLY A 17 -16.56 -9.42 5.29
N ASP A 18 -17.24 -8.39 5.77
CA ASP A 18 -18.01 -7.51 4.89
C ASP A 18 -17.26 -6.21 4.66
N LEU A 19 -15.94 -6.28 4.64
CA LEU A 19 -15.10 -5.10 4.43
C LEU A 19 -15.04 -4.73 2.95
N PRO A 20 -14.68 -3.47 2.67
CA PRO A 20 -14.58 -2.97 1.29
C PRO A 20 -13.41 -3.58 0.54
N LYS A 21 -13.71 -4.42 -0.45
CA LYS A 21 -12.67 -5.07 -1.25
C LYS A 21 -12.23 -4.16 -2.39
N PHE A 22 -13.15 -3.35 -2.90
CA PHE A 22 -12.85 -2.45 -4.00
C PHE A 22 -11.92 -1.33 -3.53
N ILE A 23 -12.09 -0.91 -2.28
CA ILE A 23 -11.26 0.14 -1.70
C ILE A 23 -9.89 -0.38 -1.31
N GLU A 24 -9.87 -1.54 -0.65
CA GLU A 24 -8.62 -2.14 -0.22
C GLU A 24 -7.79 -2.61 -1.41
N GLU A 25 -8.48 -3.01 -2.47
CA GLU A 25 -7.82 -3.48 -3.69
C GLU A 25 -7.22 -2.32 -4.47
N THR A 26 -7.99 -1.25 -4.60
CA THR A 26 -7.54 -0.07 -5.33
C THR A 26 -6.47 0.69 -4.56
N GLU A 27 -6.57 0.65 -3.24
CA GLU A 27 -5.60 1.34 -2.38
C GLU A 27 -4.27 0.59 -2.37
N LYS A 28 -4.33 -0.72 -2.13
CA LYS A 28 -3.13 -1.54 -2.09
C LYS A 28 -2.45 -1.58 -3.47
N LYS A 29 -3.25 -1.73 -4.52
CA LYS A 29 -2.73 -1.78 -5.88
C LYS A 29 -2.05 -0.46 -6.24
N ARG A 30 -2.64 0.64 -5.79
CA ARG A 30 -2.10 1.96 -6.08
C ARG A 30 -0.75 2.16 -5.38
N ILE A 31 -0.71 1.87 -4.09
CA ILE A 31 0.52 2.01 -3.31
C ILE A 31 1.64 1.17 -3.91
N ILE A 32 1.39 -0.13 -4.06
CA ILE A 32 2.38 -1.04 -4.63
C ILE A 32 2.78 -0.63 -6.04
N GLU A 33 1.80 -0.13 -6.80
CA GLU A 33 2.05 0.31 -8.17
C GLU A 33 3.05 1.47 -8.20
N ALA A 34 2.77 2.50 -7.40
CA ALA A 34 3.64 3.67 -7.32
C ALA A 34 5.04 3.29 -6.88
N LEU A 35 5.12 2.45 -5.85
CA LEU A 35 6.41 2.00 -5.32
C LEU A 35 7.24 1.32 -6.41
N GLU A 36 6.65 0.31 -7.04
CA GLU A 36 7.34 -0.43 -8.10
C GLU A 36 7.78 0.52 -9.22
N LYS A 37 6.92 1.47 -9.56
CA LYS A 37 7.23 2.43 -10.61
C LYS A 37 8.31 3.40 -10.15
N THR A 38 8.42 3.59 -8.84
CA THR A 38 9.41 4.49 -8.27
C THR A 38 10.69 3.75 -7.92
N GLY A 39 10.68 2.43 -8.12
CA GLY A 39 11.86 1.63 -7.82
C GLY A 39 11.92 1.23 -6.35
N TYR A 40 10.77 0.89 -5.79
CA TYR A 40 10.69 0.49 -4.39
C TYR A 40 11.18 1.61 -3.47
N VAL A 41 10.56 2.78 -3.62
CA VAL A 41 10.93 3.93 -2.80
C VAL A 41 9.70 4.57 -2.15
N LYS A 42 9.69 4.60 -0.83
CA LYS A 42 8.58 5.17 -0.09
C LYS A 42 8.46 6.67 -0.34
N SER A 43 9.59 7.36 -0.28
CA SER A 43 9.63 8.80 -0.51
C SER A 43 9.00 9.15 -1.85
N ARG A 44 9.46 8.49 -2.91
CA ARG A 44 8.95 8.73 -4.24
C ARG A 44 7.52 8.25 -4.38
N ALA A 45 7.27 7.01 -3.95
CA ALA A 45 5.94 6.43 -4.01
C ALA A 45 4.91 7.32 -3.32
N ALA A 46 5.31 7.93 -2.20
CA ALA A 46 4.43 8.81 -1.46
C ALA A 46 4.19 10.11 -2.20
N LYS A 47 5.27 10.78 -2.60
CA LYS A 47 5.18 12.04 -3.32
C LYS A 47 4.44 11.85 -4.64
N LEU A 48 4.57 10.67 -5.23
CA LEU A 48 3.90 10.37 -6.49
C LEU A 48 2.40 10.17 -6.29
N LEU A 49 2.06 9.33 -5.32
CA LEU A 49 0.66 9.06 -5.02
C LEU A 49 -0.03 10.29 -4.46
N GLY A 50 0.73 11.11 -3.73
CA GLY A 50 0.17 12.32 -3.15
C GLY A 50 0.00 12.23 -1.65
N TYR A 51 0.67 11.24 -1.04
CA TYR A 51 0.59 11.03 0.40
C TYR A 51 1.95 11.28 1.06
N THR A 52 1.92 11.52 2.37
CA THR A 52 3.15 11.78 3.12
C THR A 52 3.77 10.48 3.62
N LEU A 53 5.03 10.55 4.03
CA LEU A 53 5.74 9.37 4.53
C LEU A 53 4.92 8.66 5.60
N ARG A 54 4.20 9.44 6.41
CA ARG A 54 3.38 8.88 7.47
C ARG A 54 2.21 8.08 6.89
N GLN A 55 1.48 8.70 5.96
CA GLN A 55 0.34 8.06 5.34
C GLN A 55 0.77 6.80 4.59
N LEU A 56 1.73 6.96 3.68
CA LEU A 56 2.24 5.83 2.89
C LEU A 56 2.70 4.69 3.80
N ASP A 57 3.54 5.02 4.77
CA ASP A 57 4.04 4.02 5.72
C ASP A 57 2.89 3.26 6.36
N TYR A 58 1.91 4.00 6.87
CA TYR A 58 0.76 3.39 7.52
C TYR A 58 0.04 2.42 6.58
N ARG A 59 0.04 2.75 5.30
CA ARG A 59 -0.61 1.91 4.29
C ARG A 59 0.21 0.65 4.04
N ILE A 60 1.53 0.80 3.97
CA ILE A 60 2.42 -0.33 3.73
C ILE A 60 2.31 -1.36 4.85
N LYS A 61 2.20 -0.89 6.09
CA LYS A 61 2.08 -1.77 7.24
C LYS A 61 0.70 -2.40 7.31
N LYS A 62 -0.32 -1.61 6.97
CA LYS A 62 -1.69 -2.08 6.98
C LYS A 62 -1.93 -3.13 5.89
N TYR A 63 -1.43 -2.84 4.70
CA TYR A 63 -1.58 -3.75 3.56
C TYR A 63 -0.42 -4.73 3.50
N GLY A 64 0.51 -4.61 4.44
CA GLY A 64 1.66 -5.49 4.48
C GLY A 64 2.36 -5.59 3.14
N ILE A 65 2.53 -4.45 2.49
CA ILE A 65 3.19 -4.40 1.19
C ILE A 65 4.70 -4.55 1.33
N GLU A 66 5.35 -5.06 0.29
CA GLU A 66 6.79 -5.25 0.31
C GLU A 66 7.48 -4.31 -0.67
N LEU A 67 8.75 -4.02 -0.42
CA LEU A 67 9.52 -3.14 -1.28
C LEU A 67 11.02 -3.27 -1.00
N LYS A 68 11.80 -3.40 -2.07
CA LYS A 68 13.25 -3.53 -1.95
C LYS A 68 13.89 -2.19 -1.60
N LYS A 69 14.06 -1.94 -0.31
CA LYS A 69 14.67 -0.70 0.15
C LYS A 69 15.12 -0.81 1.61
N PHE A 70 16.34 -0.37 1.88
CA PHE A 70 16.88 -0.42 3.23
C PHE A 70 16.38 0.74 4.08
N THR A 1 15.33 -4.44 9.65
CA THR A 1 14.94 -3.10 10.08
C THR A 1 13.87 -2.53 9.16
N SER A 2 12.77 -2.06 9.74
CA SER A 2 11.67 -1.49 8.97
C SER A 2 11.13 -2.50 7.96
N SER A 3 11.21 -3.78 8.32
CA SER A 3 10.73 -4.85 7.45
C SER A 3 10.25 -6.04 8.26
N GLU A 4 9.13 -6.62 7.85
CA GLU A 4 8.57 -7.77 8.54
C GLU A 4 9.30 -9.06 8.16
N LEU A 5 8.99 -10.14 8.86
CA LEU A 5 9.63 -11.43 8.59
C LEU A 5 8.82 -12.24 7.58
N PRO A 6 9.50 -13.17 6.89
CA PRO A 6 8.87 -14.03 5.89
C PRO A 6 7.90 -15.03 6.51
N GLU A 7 7.90 -15.11 7.83
CA GLU A 7 7.03 -16.02 8.55
C GLU A 7 5.59 -15.88 8.08
N LEU A 8 4.85 -16.99 8.05
CA LEU A 8 3.47 -16.99 7.62
C LEU A 8 2.65 -15.97 8.41
N LEU A 9 3.03 -15.78 9.67
CA LEU A 9 2.33 -14.82 10.53
C LEU A 9 2.28 -13.44 9.89
N ARG A 10 3.26 -13.15 9.05
CA ARG A 10 3.32 -11.86 8.36
C ARG A 10 2.09 -11.65 7.48
N LYS A 11 1.58 -12.75 6.93
CA LYS A 11 0.41 -12.68 6.06
C LYS A 11 -0.83 -13.22 6.79
N ARG A 12 -1.50 -12.35 7.54
CA ARG A 12 -2.69 -12.74 8.27
C ARG A 12 -3.81 -11.71 8.09
N GLU A 13 -5.02 -12.20 7.88
CA GLU A 13 -6.17 -11.32 7.69
C GLU A 13 -7.26 -11.61 8.73
N ARG A 14 -8.37 -10.89 8.64
CA ARG A 14 -9.47 -11.06 9.57
C ARG A 14 -10.41 -12.17 9.09
N LYS A 15 -11.51 -12.36 9.82
CA LYS A 15 -12.48 -13.39 9.47
C LYS A 15 -13.86 -12.77 9.23
N THR A 16 -14.03 -12.17 8.06
CA THR A 16 -15.31 -11.54 7.71
C THR A 16 -15.29 -11.04 6.27
N GLY A 17 -16.45 -11.09 5.62
CA GLY A 17 -16.55 -10.65 4.25
C GLY A 17 -17.37 -9.38 4.10
N ASP A 18 -17.51 -8.64 5.19
CA ASP A 18 -18.29 -7.41 5.19
C ASP A 18 -17.37 -6.19 5.23
N LEU A 19 -16.36 -6.19 4.36
CA LEU A 19 -15.41 -5.09 4.30
C LEU A 19 -15.19 -4.63 2.85
N PRO A 20 -14.68 -3.41 2.69
CA PRO A 20 -14.40 -2.84 1.36
C PRO A 20 -13.24 -3.54 0.66
N LYS A 21 -13.56 -4.30 -0.38
CA LYS A 21 -12.54 -5.01 -1.14
C LYS A 21 -11.99 -4.14 -2.27
N PHE A 22 -12.88 -3.41 -2.94
CA PHE A 22 -12.47 -2.54 -4.03
C PHE A 22 -11.53 -1.44 -3.55
N ILE A 23 -11.82 -0.89 -2.37
CA ILE A 23 -11.00 0.16 -1.79
C ILE A 23 -9.60 -0.35 -1.47
N GLU A 24 -9.53 -1.46 -0.75
CA GLU A 24 -8.25 -2.05 -0.38
C GLU A 24 -7.48 -2.50 -1.61
N GLU A 25 -8.22 -2.89 -2.66
CA GLU A 25 -7.61 -3.34 -3.89
C GLU A 25 -7.06 -2.17 -4.69
N THR A 26 -7.87 -1.12 -4.85
CA THR A 26 -7.48 0.06 -5.59
C THR A 26 -6.40 0.84 -4.84
N GLU A 27 -6.47 0.82 -3.52
CA GLU A 27 -5.50 1.52 -2.69
C GLU A 27 -4.15 0.80 -2.70
N LYS A 28 -4.17 -0.50 -2.45
CA LYS A 28 -2.95 -1.30 -2.44
C LYS A 28 -2.27 -1.28 -3.80
N LYS A 29 -3.07 -1.41 -4.87
CA LYS A 29 -2.55 -1.41 -6.22
C LYS A 29 -1.87 -0.08 -6.54
N ARG A 30 -2.44 1.00 -6.03
CA ARG A 30 -1.89 2.34 -6.27
C ARG A 30 -0.55 2.50 -5.55
N ILE A 31 -0.51 2.12 -4.28
CA ILE A 31 0.70 2.22 -3.48
C ILE A 31 1.83 1.40 -4.09
N ILE A 32 1.55 0.12 -4.36
CA ILE A 32 2.54 -0.77 -4.95
C ILE A 32 2.96 -0.29 -6.33
N GLU A 33 2.00 0.24 -7.08
CA GLU A 33 2.27 0.75 -8.42
C GLU A 33 3.24 1.93 -8.38
N ALA A 34 2.92 2.91 -7.55
CA ALA A 34 3.77 4.10 -7.42
C ALA A 34 5.17 3.72 -6.95
N LEU A 35 5.24 2.83 -5.96
CA LEU A 35 6.52 2.39 -5.42
C LEU A 35 7.39 1.77 -6.50
N GLU A 36 6.84 0.78 -7.20
CA GLU A 36 7.57 0.11 -8.27
C GLU A 36 8.00 1.09 -9.35
N LYS A 37 7.13 2.07 -9.62
CA LYS A 37 7.41 3.08 -10.63
C LYS A 37 8.45 4.07 -10.12
N THR A 38 8.56 4.19 -8.81
CA THR A 38 9.51 5.11 -8.20
C THR A 38 10.82 4.40 -7.87
N GLY A 39 10.81 3.08 -7.98
CA GLY A 39 12.01 2.30 -7.69
C GLY A 39 12.04 1.78 -6.27
N TYR A 40 10.88 1.35 -5.77
CA TYR A 40 10.78 0.83 -4.41
C TYR A 40 11.19 1.89 -3.39
N VAL A 41 10.60 3.07 -3.51
CA VAL A 41 10.91 4.17 -2.60
C VAL A 41 9.64 4.73 -1.96
N LYS A 42 9.61 4.74 -0.63
CA LYS A 42 8.45 5.25 0.10
C LYS A 42 8.31 6.76 -0.10
N SER A 43 9.41 7.48 0.08
CA SER A 43 9.40 8.93 -0.07
C SER A 43 8.83 9.33 -1.43
N ARG A 44 9.38 8.75 -2.50
CA ARG A 44 8.94 9.04 -3.85
C ARG A 44 7.50 8.57 -4.06
N ALA A 45 7.22 7.33 -3.68
CA ALA A 45 5.89 6.76 -3.83
C ALA A 45 4.85 7.63 -3.13
N ALA A 46 5.23 8.20 -2.00
CA ALA A 46 4.33 9.06 -1.23
C ALA A 46 4.09 10.39 -1.94
N LYS A 47 5.17 11.06 -2.31
CA LYS A 47 5.07 12.34 -3.01
C LYS A 47 4.38 12.18 -4.35
N LEU A 48 4.56 11.03 -4.97
CA LEU A 48 3.95 10.74 -6.27
C LEU A 48 2.45 10.52 -6.12
N LEU A 49 2.08 9.64 -5.19
CA LEU A 49 0.67 9.34 -4.95
C LEU A 49 -0.06 10.56 -4.39
N GLY A 50 0.57 11.24 -3.45
CA GLY A 50 -0.04 12.42 -2.85
C GLY A 50 -0.22 12.28 -1.36
N TYR A 51 0.51 11.35 -0.75
CA TYR A 51 0.43 11.11 0.68
C TYR A 51 1.77 11.35 1.36
N THR A 52 1.74 11.53 2.67
CA THR A 52 2.97 11.77 3.44
C THR A 52 3.61 10.46 3.88
N LEU A 53 4.86 10.53 4.31
CA LEU A 53 5.59 9.36 4.76
C LEU A 53 4.77 8.57 5.78
N ARG A 54 4.05 9.29 6.64
CA ARG A 54 3.23 8.65 7.66
C ARG A 54 2.08 7.88 7.04
N GLN A 55 1.34 8.54 6.15
CA GLN A 55 0.21 7.92 5.47
C GLN A 55 0.66 6.71 4.66
N LEU A 56 1.62 6.93 3.77
CA LEU A 56 2.15 5.87 2.93
C LEU A 56 2.61 4.67 3.76
N ASP A 57 3.45 4.95 4.76
CA ASP A 57 3.96 3.89 5.64
C ASP A 57 2.81 3.10 6.25
N TYR A 58 1.81 3.81 6.76
CA TYR A 58 0.66 3.17 7.38
C TYR A 58 -0.03 2.22 6.40
N ARG A 59 -0.05 2.60 5.13
CA ARG A 59 -0.67 1.78 4.10
C ARG A 59 0.18 0.56 3.78
N ILE A 60 1.50 0.72 3.85
CA ILE A 60 2.42 -0.37 3.57
C ILE A 60 2.30 -1.46 4.62
N LYS A 61 2.17 -1.06 5.88
CA LYS A 61 2.03 -2.01 6.98
C LYS A 61 0.67 -2.67 6.96
N LYS A 62 -0.37 -1.88 6.73
CA LYS A 62 -1.73 -2.39 6.69
C LYS A 62 -1.93 -3.32 5.50
N TYR A 63 -1.43 -2.91 4.34
CA TYR A 63 -1.54 -3.71 3.12
C TYR A 63 -0.42 -4.72 3.03
N GLY A 64 0.51 -4.66 3.98
CA GLY A 64 1.63 -5.58 3.98
C GLY A 64 2.35 -5.61 2.64
N ILE A 65 2.58 -4.45 2.07
CA ILE A 65 3.27 -4.35 0.79
C ILE A 65 4.77 -4.56 0.95
N GLU A 66 5.40 -5.04 -0.12
CA GLU A 66 6.84 -5.28 -0.10
C GLU A 66 7.57 -4.32 -1.04
N LEU A 67 8.85 -4.08 -0.75
CA LEU A 67 9.66 -3.18 -1.57
C LEU A 67 11.13 -3.31 -1.21
N LYS A 68 12.00 -3.12 -2.20
CA LYS A 68 13.44 -3.20 -2.00
C LYS A 68 13.95 -1.98 -1.22
N LYS A 69 13.76 -2.01 0.10
CA LYS A 69 14.20 -0.92 0.95
C LYS A 69 14.61 -1.43 2.32
N PHE A 70 15.29 -0.58 3.10
CA PHE A 70 15.74 -0.95 4.42
C PHE A 70 15.51 0.19 5.41
N THR A 1 13.75 -4.59 10.68
CA THR A 1 12.70 -4.14 11.59
C THR A 1 11.48 -5.06 11.49
N SER A 2 11.21 -5.79 12.57
CA SER A 2 10.07 -6.70 12.61
C SER A 2 8.76 -5.92 12.73
N SER A 3 7.81 -6.24 11.84
CA SER A 3 6.52 -5.58 11.84
C SER A 3 5.46 -6.44 12.51
N GLU A 4 5.59 -6.62 13.81
CA GLU A 4 4.65 -7.44 14.58
C GLU A 4 3.66 -6.55 15.33
N LEU A 5 2.41 -7.02 15.42
CA LEU A 5 1.37 -6.28 16.12
C LEU A 5 1.39 -6.57 17.61
N PRO A 6 0.85 -5.63 18.40
CA PRO A 6 0.80 -5.77 19.86
C PRO A 6 -0.18 -6.85 20.31
N GLU A 7 -1.38 -6.83 19.74
CA GLU A 7 -2.40 -7.82 20.08
C GLU A 7 -2.94 -8.50 18.82
N LEU A 8 -2.38 -9.65 18.50
CA LEU A 8 -2.80 -10.41 17.32
C LEU A 8 -4.22 -10.94 17.50
N LEU A 9 -4.52 -11.44 18.70
CA LEU A 9 -5.84 -11.98 19.00
C LEU A 9 -6.91 -10.91 18.84
N ARG A 10 -6.56 -9.67 19.19
CA ARG A 10 -7.50 -8.56 19.09
C ARG A 10 -7.91 -8.33 17.63
N LYS A 11 -6.97 -8.52 16.72
CA LYS A 11 -7.23 -8.33 15.30
C LYS A 11 -8.16 -9.41 14.77
N ARG A 12 -9.02 -9.03 13.83
CA ARG A 12 -9.98 -9.96 13.25
C ARG A 12 -9.35 -10.70 12.05
N GLU A 13 -8.46 -11.64 12.35
CA GLU A 13 -7.80 -12.41 11.31
C GLU A 13 -8.73 -13.47 10.73
N ARG A 14 -9.01 -14.50 11.52
CA ARG A 14 -9.89 -15.58 11.09
C ARG A 14 -11.32 -15.08 10.88
N LYS A 15 -11.68 -14.04 11.64
CA LYS A 15 -13.02 -13.46 11.54
C LYS A 15 -13.15 -12.61 10.28
N THR A 16 -13.93 -13.10 9.31
CA THR A 16 -14.13 -12.39 8.07
C THR A 16 -15.60 -12.07 7.85
N GLY A 17 -15.93 -10.77 7.87
CA GLY A 17 -17.31 -10.36 7.68
C GLY A 17 -17.53 -9.68 6.35
N ASP A 18 -17.77 -8.38 6.37
CA ASP A 18 -18.00 -7.61 5.15
C ASP A 18 -17.12 -6.38 5.11
N LEU A 19 -15.97 -6.49 4.44
CA LEU A 19 -15.03 -5.38 4.34
C LEU A 19 -14.95 -4.88 2.89
N PRO A 20 -14.47 -3.64 2.72
CA PRO A 20 -14.33 -3.01 1.40
C PRO A 20 -13.22 -3.66 0.58
N LYS A 21 -13.60 -4.43 -0.44
CA LYS A 21 -12.64 -5.10 -1.30
C LYS A 21 -12.20 -4.19 -2.43
N PHE A 22 -13.13 -3.39 -2.94
CA PHE A 22 -12.84 -2.46 -4.03
C PHE A 22 -11.88 -1.36 -3.57
N ILE A 23 -12.01 -0.98 -2.31
CA ILE A 23 -11.16 0.07 -1.74
C ILE A 23 -9.78 -0.48 -1.40
N GLU A 24 -9.76 -1.61 -0.71
CA GLU A 24 -8.50 -2.25 -0.32
C GLU A 24 -7.71 -2.69 -1.54
N GLU A 25 -8.42 -3.04 -2.61
CA GLU A 25 -7.79 -3.48 -3.84
C GLU A 25 -7.19 -2.31 -4.60
N THR A 26 -7.97 -1.24 -4.73
CA THR A 26 -7.52 -0.05 -5.44
C THR A 26 -6.45 0.69 -4.65
N GLU A 27 -6.56 0.65 -3.32
CA GLU A 27 -5.59 1.31 -2.45
C GLU A 27 -4.26 0.57 -2.44
N LYS A 28 -4.32 -0.74 -2.22
CA LYS A 28 -3.13 -1.57 -2.18
C LYS A 28 -2.43 -1.59 -3.54
N LYS A 29 -3.22 -1.74 -4.59
CA LYS A 29 -2.69 -1.76 -5.96
C LYS A 29 -2.06 -0.41 -6.31
N ARG A 30 -2.65 0.66 -5.82
CA ARG A 30 -2.15 2.00 -6.09
C ARG A 30 -0.79 2.22 -5.43
N ILE A 31 -0.70 1.89 -4.15
CA ILE A 31 0.54 2.05 -3.39
C ILE A 31 1.65 1.20 -4.00
N ILE A 32 1.38 -0.09 -4.20
CA ILE A 32 2.36 -1.00 -4.77
C ILE A 32 2.75 -0.57 -6.17
N GLU A 33 1.78 -0.06 -6.92
CA GLU A 33 2.03 0.39 -8.29
C GLU A 33 3.02 1.56 -8.31
N ALA A 34 2.73 2.57 -7.50
CA ALA A 34 3.59 3.75 -7.42
C ALA A 34 5.00 3.38 -6.99
N LEU A 35 5.09 2.54 -5.96
CA LEU A 35 6.39 2.11 -5.44
C LEU A 35 7.20 1.42 -6.54
N GLU A 36 6.62 0.41 -7.16
CA GLU A 36 7.29 -0.33 -8.22
C GLU A 36 7.71 0.62 -9.35
N LYS A 37 6.86 1.59 -9.65
CA LYS A 37 7.14 2.56 -10.71
C LYS A 37 8.23 3.54 -10.27
N THR A 38 8.36 3.72 -8.95
CA THR A 38 9.36 4.63 -8.41
C THR A 38 10.65 3.90 -8.07
N GLY A 39 10.61 2.57 -8.15
CA GLY A 39 11.79 1.77 -7.87
C GLY A 39 11.83 1.32 -6.41
N TYR A 40 10.68 0.93 -5.88
CA TYR A 40 10.59 0.47 -4.51
C TYR A 40 11.02 1.57 -3.54
N VAL A 41 10.59 2.80 -3.82
CA VAL A 41 10.93 3.93 -2.97
C VAL A 41 9.69 4.51 -2.30
N LYS A 42 9.74 4.63 -0.97
CA LYS A 42 8.62 5.17 -0.20
C LYS A 42 8.45 6.65 -0.46
N SER A 43 9.53 7.41 -0.31
CA SER A 43 9.50 8.84 -0.52
C SER A 43 8.90 9.18 -1.88
N ARG A 44 9.45 8.58 -2.93
CA ARG A 44 8.97 8.81 -4.28
C ARG A 44 7.51 8.36 -4.43
N ALA A 45 7.22 7.14 -3.98
CA ALA A 45 5.87 6.59 -4.05
C ALA A 45 4.87 7.50 -3.34
N ALA A 46 5.31 8.12 -2.25
CA ALA A 46 4.45 9.02 -1.49
C ALA A 46 4.15 10.28 -2.28
N LYS A 47 5.19 10.95 -2.76
CA LYS A 47 5.03 12.18 -3.53
C LYS A 47 4.30 11.90 -4.83
N LEU A 48 4.52 10.72 -5.40
CA LEU A 48 3.88 10.34 -6.65
C LEU A 48 2.38 10.16 -6.47
N LEU A 49 2.01 9.38 -5.45
CA LEU A 49 0.60 9.13 -5.16
C LEU A 49 -0.08 10.38 -4.61
N GLY A 50 0.63 11.10 -3.75
CA GLY A 50 0.07 12.32 -3.17
C GLY A 50 -0.06 12.23 -1.66
N TYR A 51 0.65 11.29 -1.07
CA TYR A 51 0.60 11.10 0.38
C TYR A 51 1.98 11.35 1.01
N THR A 52 1.99 11.60 2.31
CA THR A 52 3.23 11.85 3.03
C THR A 52 3.84 10.55 3.54
N LEU A 53 5.11 10.62 3.95
CA LEU A 53 5.81 9.44 4.46
C LEU A 53 4.99 8.74 5.54
N ARG A 54 4.30 9.54 6.35
CA ARG A 54 3.47 8.99 7.42
C ARG A 54 2.29 8.21 6.86
N GLN A 55 1.55 8.83 5.95
CA GLN A 55 0.39 8.19 5.34
C GLN A 55 0.81 6.94 4.57
N LEU A 56 1.76 7.09 3.65
CA LEU A 56 2.24 5.97 2.85
C LEU A 56 2.70 4.82 3.74
N ASP A 57 3.56 5.14 4.70
CA ASP A 57 4.08 4.14 5.63
C ASP A 57 2.94 3.36 6.28
N TYR A 58 1.97 4.10 6.83
CA TYR A 58 0.83 3.48 7.48
C TYR A 58 0.11 2.50 6.55
N ARG A 59 0.03 2.88 5.28
CA ARG A 59 -0.62 2.05 4.27
C ARG A 59 0.18 0.78 4.00
N ILE A 60 1.51 0.95 3.89
CA ILE A 60 2.39 -0.18 3.64
C ILE A 60 2.26 -1.25 4.72
N LYS A 61 2.22 -0.80 5.98
CA LYS A 61 2.09 -1.72 7.10
C LYS A 61 0.67 -2.27 7.19
N LYS A 62 -0.30 -1.48 6.75
CA LYS A 62 -1.70 -1.89 6.79
C LYS A 62 -1.97 -2.96 5.73
N TYR A 63 -1.45 -2.74 4.52
CA TYR A 63 -1.65 -3.69 3.42
C TYR A 63 -0.50 -4.68 3.36
N GLY A 64 0.47 -4.54 4.27
CA GLY A 64 1.60 -5.43 4.29
C GLY A 64 2.28 -5.56 2.94
N ILE A 65 2.46 -4.44 2.27
CA ILE A 65 3.10 -4.43 0.96
C ILE A 65 4.59 -4.68 1.07
N GLU A 66 5.17 -5.24 0.01
CA GLU A 66 6.60 -5.55 0.00
C GLU A 66 7.37 -4.50 -0.82
N LEU A 67 8.68 -4.47 -0.65
CA LEU A 67 9.53 -3.52 -1.37
C LEU A 67 11.00 -3.80 -1.11
N LYS A 68 11.85 -3.43 -2.06
CA LYS A 68 13.29 -3.63 -1.94
C LYS A 68 13.87 -2.72 -0.86
N LYS A 69 13.80 -1.42 -1.09
CA LYS A 69 14.32 -0.44 -0.14
C LYS A 69 13.72 -0.65 1.25
N PHE A 70 14.19 0.12 2.22
CA PHE A 70 13.70 0.01 3.58
C PHE A 70 12.85 1.23 3.95
N THR A 1 20.88 -2.30 13.97
CA THR A 1 19.88 -1.86 14.94
C THR A 1 20.53 -1.40 16.23
N SER A 2 21.63 -0.65 16.11
CA SER A 2 22.35 -0.15 17.27
C SER A 2 21.73 1.15 17.77
N SER A 3 20.54 1.05 18.38
CA SER A 3 19.84 2.21 18.89
C SER A 3 19.54 3.21 17.77
N GLU A 4 19.41 2.69 16.56
CA GLU A 4 19.12 3.53 15.40
C GLU A 4 17.75 4.18 15.53
N LEU A 5 16.86 3.54 16.28
CA LEU A 5 15.51 4.05 16.48
C LEU A 5 15.36 4.66 17.88
N PRO A 6 14.39 5.57 18.02
CA PRO A 6 14.13 6.25 19.30
C PRO A 6 13.53 5.30 20.34
N GLU A 7 12.60 4.45 19.91
CA GLU A 7 11.96 3.51 20.80
C GLU A 7 11.58 2.23 20.05
N LEU A 8 11.77 1.09 20.70
CA LEU A 8 11.45 -0.20 20.10
C LEU A 8 9.94 -0.34 19.89
N LEU A 9 9.17 0.03 20.90
CA LEU A 9 7.72 -0.05 20.82
C LEU A 9 7.19 0.72 19.62
N ARG A 10 7.82 1.86 19.33
CA ARG A 10 7.41 2.68 18.19
C ARG A 10 7.59 1.92 16.88
N LYS A 11 8.50 0.98 16.87
CA LYS A 11 8.76 0.17 15.67
C LYS A 11 8.17 -1.22 15.81
N ARG A 12 6.85 -1.30 15.72
CA ARG A 12 6.15 -2.58 15.83
C ARG A 12 5.14 -2.75 14.70
N GLU A 13 4.81 -4.00 14.39
CA GLU A 13 3.86 -4.30 13.33
C GLU A 13 2.46 -4.48 13.89
N ARG A 14 1.46 -4.40 13.02
CA ARG A 14 0.07 -4.56 13.42
C ARG A 14 -0.81 -4.96 12.24
N LYS A 15 -1.54 -6.05 12.40
CA LYS A 15 -2.43 -6.54 11.35
C LYS A 15 -3.89 -6.25 11.68
N THR A 16 -4.36 -5.09 11.25
CA THR A 16 -5.75 -4.69 11.51
C THR A 16 -6.21 -3.63 10.51
N GLY A 17 -7.25 -3.94 9.75
CA GLY A 17 -7.77 -3.01 8.78
C GLY A 17 -9.28 -3.02 8.71
N ASP A 18 -9.86 -1.85 8.46
CA ASP A 18 -11.32 -1.72 8.38
C ASP A 18 -11.73 -1.15 7.03
N LEU A 19 -11.65 -1.97 6.00
CA LEU A 19 -12.02 -1.55 4.66
C LEU A 19 -12.49 -2.73 3.81
N PRO A 20 -13.28 -2.44 2.77
CA PRO A 20 -13.82 -3.47 1.87
C PRO A 20 -12.73 -4.12 1.01
N LYS A 21 -13.15 -4.88 0.02
CA LYS A 21 -12.22 -5.56 -0.88
C LYS A 21 -11.81 -4.64 -2.03
N PHE A 22 -12.76 -3.85 -2.50
CA PHE A 22 -12.50 -2.92 -3.60
C PHE A 22 -11.54 -1.82 -3.16
N ILE A 23 -11.88 -1.15 -2.07
CA ILE A 23 -11.03 -0.07 -1.55
C ILE A 23 -9.63 -0.57 -1.24
N GLU A 24 -9.55 -1.67 -0.51
CA GLU A 24 -8.26 -2.25 -0.14
C GLU A 24 -7.49 -2.71 -1.38
N GLU A 25 -8.23 -3.15 -2.39
CA GLU A 25 -7.62 -3.61 -3.63
C GLU A 25 -7.08 -2.43 -4.45
N THR A 26 -7.88 -1.39 -4.58
CA THR A 26 -7.49 -0.20 -5.32
C THR A 26 -6.41 0.58 -4.58
N GLU A 27 -6.48 0.56 -3.25
CA GLU A 27 -5.51 1.28 -2.43
C GLU A 27 -4.16 0.56 -2.44
N LYS A 28 -4.18 -0.74 -2.18
CA LYS A 28 -2.96 -1.54 -2.16
C LYS A 28 -2.30 -1.55 -3.54
N LYS A 29 -3.11 -1.74 -4.58
CA LYS A 29 -2.61 -1.77 -5.94
C LYS A 29 -1.96 -0.44 -6.32
N ARG A 30 -2.53 0.64 -5.83
CA ARG A 30 -2.02 1.98 -6.11
C ARG A 30 -0.67 2.19 -5.44
N ILE A 31 -0.59 1.87 -4.15
CA ILE A 31 0.64 2.02 -3.39
C ILE A 31 1.76 1.19 -4.00
N ILE A 32 1.50 -0.09 -4.22
CA ILE A 32 2.48 -0.99 -4.80
C ILE A 32 2.86 -0.55 -6.21
N GLU A 33 1.88 -0.05 -6.96
CA GLU A 33 2.11 0.40 -8.33
C GLU A 33 3.06 1.59 -8.36
N ALA A 34 2.77 2.60 -7.54
CA ALA A 34 3.60 3.78 -7.48
C ALA A 34 5.01 3.45 -7.00
N LEU A 35 5.10 2.58 -6.00
CA LEU A 35 6.39 2.18 -5.45
C LEU A 35 7.25 1.52 -6.53
N GLU A 36 6.71 0.50 -7.17
CA GLU A 36 7.43 -0.21 -8.23
C GLU A 36 7.82 0.74 -9.36
N LYS A 37 6.93 1.68 -9.66
CA LYS A 37 7.18 2.66 -10.72
C LYS A 37 8.21 3.68 -10.28
N THR A 38 8.34 3.87 -8.97
CA THR A 38 9.30 4.81 -8.42
C THR A 38 10.63 4.15 -8.10
N GLY A 39 10.62 2.81 -8.09
CA GLY A 39 11.84 2.08 -7.80
C GLY A 39 11.91 1.61 -6.36
N TYR A 40 10.77 1.19 -5.82
CA TYR A 40 10.70 0.72 -4.45
C TYR A 40 11.14 1.81 -3.48
N VAL A 41 10.51 2.98 -3.60
CA VAL A 41 10.82 4.10 -2.73
C VAL A 41 9.56 4.70 -2.12
N LYS A 42 9.42 4.56 -0.81
CA LYS A 42 8.25 5.07 -0.10
C LYS A 42 8.12 6.58 -0.30
N SER A 43 9.24 7.29 -0.20
CA SER A 43 9.25 8.74 -0.37
C SER A 43 8.68 9.13 -1.74
N ARG A 44 9.24 8.53 -2.79
CA ARG A 44 8.78 8.81 -4.14
C ARG A 44 7.34 8.35 -4.35
N ALA A 45 7.02 7.19 -3.79
CA ALA A 45 5.68 6.63 -3.91
C ALA A 45 4.65 7.51 -3.20
N ALA A 46 5.08 8.14 -2.10
CA ALA A 46 4.20 9.00 -1.33
C ALA A 46 3.94 10.31 -2.07
N LYS A 47 5.01 10.98 -2.47
CA LYS A 47 4.91 12.25 -3.17
C LYS A 47 4.19 12.06 -4.51
N LEU A 48 4.38 10.90 -5.12
CA LEU A 48 3.76 10.59 -6.40
C LEU A 48 2.27 10.33 -6.24
N LEU A 49 1.94 9.44 -5.31
CA LEU A 49 0.54 9.10 -5.04
C LEU A 49 -0.22 10.30 -4.49
N GLY A 50 0.42 11.05 -3.60
CA GLY A 50 -0.21 12.23 -3.02
C GLY A 50 -0.39 12.10 -1.52
N TYR A 51 0.37 11.21 -0.91
CA TYR A 51 0.29 10.99 0.53
C TYR A 51 1.63 11.27 1.21
N THR A 52 1.59 11.49 2.52
CA THR A 52 2.81 11.76 3.28
C THR A 52 3.46 10.48 3.76
N LEU A 53 4.72 10.59 4.19
CA LEU A 53 5.46 9.43 4.68
C LEU A 53 4.65 8.65 5.72
N ARG A 54 3.92 9.38 6.55
CA ARG A 54 3.11 8.78 7.59
C ARG A 54 1.97 7.96 6.98
N GLN A 55 1.23 8.58 6.07
CA GLN A 55 0.10 7.91 5.41
C GLN A 55 0.59 6.69 4.63
N LEU A 56 1.55 6.90 3.74
CA LEU A 56 2.10 5.82 2.93
C LEU A 56 2.57 4.67 3.81
N ASP A 57 3.40 4.98 4.79
CA ASP A 57 3.92 3.97 5.71
C ASP A 57 2.78 3.17 6.33
N TYR A 58 1.76 3.86 6.80
CA TYR A 58 0.62 3.21 7.42
C TYR A 58 -0.04 2.23 6.46
N ARG A 59 -0.07 2.59 5.18
CA ARG A 59 -0.67 1.74 4.15
C ARG A 59 0.20 0.52 3.90
N ILE A 60 1.51 0.71 3.92
CA ILE A 60 2.45 -0.38 3.68
C ILE A 60 2.35 -1.44 4.77
N LYS A 61 2.21 -0.99 6.02
CA LYS A 61 2.10 -1.90 7.14
C LYS A 61 0.72 -2.56 7.18
N LYS A 62 -0.31 -1.78 6.86
CA LYS A 62 -1.68 -2.29 6.85
C LYS A 62 -1.88 -3.29 5.72
N TYR A 63 -1.37 -2.96 4.54
CA TYR A 63 -1.50 -3.83 3.38
C TYR A 63 -0.34 -4.81 3.30
N GLY A 64 0.59 -4.68 4.24
CA GLY A 64 1.75 -5.56 4.28
C GLY A 64 2.46 -5.62 2.94
N ILE A 65 2.65 -4.47 2.31
CA ILE A 65 3.32 -4.40 1.02
C ILE A 65 4.83 -4.56 1.18
N GLU A 66 5.48 -5.05 0.12
CA GLU A 66 6.92 -5.26 0.14
C GLU A 66 7.63 -4.21 -0.71
N LEU A 67 8.95 -4.14 -0.58
CA LEU A 67 9.75 -3.18 -1.33
C LEU A 67 11.24 -3.43 -1.12
N LYS A 68 12.02 -3.28 -2.19
CA LYS A 68 13.46 -3.48 -2.12
C LYS A 68 14.07 -2.67 -0.98
N LYS A 69 14.00 -1.35 -1.10
CA LYS A 69 14.54 -0.46 -0.08
C LYS A 69 14.01 -0.83 1.31
N PHE A 70 14.60 -0.25 2.34
CA PHE A 70 14.19 -0.51 3.71
C PHE A 70 14.23 0.76 4.55
N THR A 1 10.32 -23.83 21.07
CA THR A 1 10.80 -22.45 21.07
C THR A 1 11.10 -21.97 19.65
N SER A 2 10.13 -21.27 19.06
CA SER A 2 10.28 -20.75 17.71
C SER A 2 10.98 -19.39 17.71
N SER A 3 11.63 -19.07 16.59
CA SER A 3 12.33 -17.80 16.47
C SER A 3 12.48 -17.39 15.01
N GLU A 4 12.06 -16.16 14.69
CA GLU A 4 12.14 -15.66 13.32
C GLU A 4 13.23 -14.60 13.20
N LEU A 5 13.73 -14.41 11.98
CA LEU A 5 14.77 -13.44 11.73
C LEU A 5 14.24 -12.02 11.86
N PRO A 6 15.14 -11.07 12.14
CA PRO A 6 14.78 -9.65 12.29
C PRO A 6 14.36 -9.01 10.98
N GLU A 7 14.79 -9.61 9.87
CA GLU A 7 14.45 -9.09 8.54
C GLU A 7 12.94 -9.01 8.36
N LEU A 8 12.45 -7.82 8.06
CA LEU A 8 11.03 -7.60 7.86
C LEU A 8 10.48 -8.55 6.81
N LEU A 9 11.31 -8.87 5.82
CA LEU A 9 10.90 -9.78 4.75
C LEU A 9 10.51 -11.15 5.31
N ARG A 10 11.23 -11.59 6.34
CA ARG A 10 10.96 -12.88 6.97
C ARG A 10 9.72 -12.81 7.84
N LYS A 11 9.48 -11.65 8.44
CA LYS A 11 8.31 -11.44 9.29
C LYS A 11 7.08 -11.11 8.47
N ARG A 12 5.91 -11.43 9.01
CA ARG A 12 4.65 -11.16 8.32
C ARG A 12 3.70 -10.38 9.21
N GLU A 13 3.09 -9.34 8.64
CA GLU A 13 2.16 -8.50 9.39
C GLU A 13 0.79 -8.49 8.73
N ARG A 14 -0.24 -8.83 9.51
CA ARG A 14 -1.60 -8.87 9.00
C ARG A 14 -2.51 -7.97 9.82
N LYS A 15 -2.55 -6.68 9.48
CA LYS A 15 -3.37 -5.71 10.18
C LYS A 15 -4.84 -5.86 9.78
N THR A 16 -5.71 -5.17 10.51
CA THR A 16 -7.15 -5.22 10.22
C THR A 16 -7.69 -3.85 9.84
N GLY A 17 -8.35 -3.78 8.69
CA GLY A 17 -8.90 -2.52 8.23
C GLY A 17 -10.42 -2.46 8.37
N ASP A 18 -11.01 -1.37 7.90
CA ASP A 18 -12.46 -1.20 7.98
C ASP A 18 -13.04 -0.90 6.60
N LEU A 19 -12.38 -1.42 5.56
CA LEU A 19 -12.84 -1.21 4.19
C LEU A 19 -13.09 -2.54 3.49
N PRO A 20 -13.89 -2.50 2.41
CA PRO A 20 -14.23 -3.70 1.64
C PRO A 20 -13.04 -4.23 0.85
N LYS A 21 -13.30 -5.17 -0.04
CA LYS A 21 -12.25 -5.77 -0.87
C LYS A 21 -11.94 -4.88 -2.07
N PHE A 22 -12.97 -4.19 -2.57
CA PHE A 22 -12.81 -3.30 -3.72
C PHE A 22 -11.90 -2.13 -3.37
N ILE A 23 -12.03 -1.64 -2.14
CA ILE A 23 -11.23 -0.52 -1.68
C ILE A 23 -9.81 -0.95 -1.33
N GLU A 24 -9.71 -2.04 -0.56
CA GLU A 24 -8.41 -2.56 -0.15
C GLU A 24 -7.60 -3.02 -1.37
N GLU A 25 -8.30 -3.47 -2.40
CA GLU A 25 -7.65 -3.93 -3.61
C GLU A 25 -7.13 -2.77 -4.44
N THR A 26 -7.98 -1.76 -4.63
CA THR A 26 -7.62 -0.58 -5.40
C THR A 26 -6.59 0.27 -4.66
N GLU A 27 -6.68 0.28 -3.34
CA GLU A 27 -5.76 1.06 -2.51
C GLU A 27 -4.39 0.39 -2.47
N LYS A 28 -4.38 -0.90 -2.16
CA LYS A 28 -3.14 -1.66 -2.07
C LYS A 28 -2.41 -1.66 -3.43
N LYS A 29 -3.17 -1.89 -4.50
CA LYS A 29 -2.59 -1.92 -5.83
C LYS A 29 -2.03 -0.57 -6.21
N ARG A 30 -2.66 0.49 -5.73
CA ARG A 30 -2.22 1.86 -6.01
C ARG A 30 -0.88 2.13 -5.35
N ILE A 31 -0.80 1.85 -4.06
CA ILE A 31 0.43 2.08 -3.31
C ILE A 31 1.59 1.28 -3.89
N ILE A 32 1.37 -0.02 -4.05
CA ILE A 32 2.40 -0.90 -4.60
C ILE A 32 2.79 -0.47 -6.02
N GLU A 33 1.80 -0.02 -6.78
CA GLU A 33 2.03 0.40 -8.16
C GLU A 33 2.99 1.59 -8.19
N ALA A 34 2.70 2.61 -7.39
CA ALA A 34 3.54 3.80 -7.33
C ALA A 34 4.95 3.46 -6.87
N LEU A 35 5.05 2.60 -5.86
CA LEU A 35 6.34 2.19 -5.32
C LEU A 35 7.20 1.54 -6.42
N GLU A 36 6.65 0.52 -7.06
CA GLU A 36 7.37 -0.17 -8.13
C GLU A 36 7.74 0.79 -9.25
N LYS A 37 6.85 1.73 -9.54
CA LYS A 37 7.08 2.71 -10.60
C LYS A 37 8.12 3.75 -10.16
N THR A 38 8.26 3.91 -8.85
CA THR A 38 9.22 4.86 -8.30
C THR A 38 10.55 4.19 -8.01
N GLY A 39 10.56 2.86 -7.97
CA GLY A 39 11.78 2.13 -7.70
C GLY A 39 11.85 1.63 -6.27
N TYR A 40 10.72 1.19 -5.74
CA TYR A 40 10.66 0.70 -4.37
C TYR A 40 11.08 1.77 -3.37
N VAL A 41 10.78 3.03 -3.71
CA VAL A 41 11.12 4.16 -2.85
C VAL A 41 9.88 4.71 -2.15
N LYS A 42 9.95 4.81 -0.83
CA LYS A 42 8.84 5.32 -0.04
C LYS A 42 8.66 6.81 -0.28
N SER A 43 9.76 7.56 -0.25
CA SER A 43 9.72 9.00 -0.47
C SER A 43 9.08 9.33 -1.82
N ARG A 44 9.61 8.74 -2.88
CA ARG A 44 9.09 8.96 -4.22
C ARG A 44 7.65 8.49 -4.33
N ALA A 45 7.37 7.31 -3.78
CA ALA A 45 6.03 6.74 -3.82
C ALA A 45 5.02 7.64 -3.10
N ALA A 46 5.47 8.22 -1.99
CA ALA A 46 4.61 9.10 -1.21
C ALA A 46 4.26 10.37 -1.99
N LYS A 47 5.29 11.05 -2.47
CA LYS A 47 5.10 12.28 -3.24
C LYS A 47 4.27 12.02 -4.50
N LEU A 48 4.46 10.84 -5.09
CA LEU A 48 3.73 10.47 -6.29
C LEU A 48 2.26 10.19 -5.98
N LEU A 49 2.02 9.36 -4.97
CA LEU A 49 0.67 9.02 -4.57
C LEU A 49 -0.03 10.22 -3.92
N GLY A 50 0.76 11.21 -3.52
CA GLY A 50 0.20 12.40 -2.91
C GLY A 50 0.05 12.25 -1.40
N TYR A 51 0.74 11.27 -0.84
CA TYR A 51 0.68 11.03 0.60
C TYR A 51 2.04 11.27 1.25
N THR A 52 2.04 11.47 2.57
CA THR A 52 3.27 11.71 3.30
C THR A 52 3.91 10.40 3.75
N LEU A 53 5.18 10.47 4.16
CA LEU A 53 5.90 9.29 4.62
C LEU A 53 5.09 8.52 5.65
N ARG A 54 4.40 9.25 6.52
CA ARG A 54 3.58 8.63 7.56
C ARG A 54 2.40 7.88 6.94
N GLN A 55 1.66 8.55 6.08
CA GLN A 55 0.51 7.95 5.42
C GLN A 55 0.93 6.70 4.63
N LEU A 56 1.89 6.88 3.73
CA LEU A 56 2.37 5.77 2.91
C LEU A 56 2.80 4.59 3.79
N ASP A 57 3.64 4.87 4.77
CA ASP A 57 4.13 3.84 5.69
C ASP A 57 2.96 3.06 6.29
N TYR A 58 1.94 3.79 6.73
CA TYR A 58 0.77 3.17 7.33
C TYR A 58 0.09 2.21 6.35
N ARG A 59 0.05 2.61 5.08
CA ARG A 59 -0.57 1.79 4.05
C ARG A 59 0.25 0.52 3.80
N ILE A 60 1.57 0.66 3.83
CA ILE A 60 2.46 -0.47 3.60
C ILE A 60 2.31 -1.52 4.70
N LYS A 61 2.20 -1.05 5.94
CA LYS A 61 2.05 -1.94 7.09
C LYS A 61 0.64 -2.53 7.13
N LYS A 62 -0.33 -1.74 6.70
CA LYS A 62 -1.73 -2.18 6.69
C LYS A 62 -1.96 -3.24 5.62
N TYR A 63 -1.43 -3.00 4.43
CA TYR A 63 -1.57 -3.94 3.32
C TYR A 63 -0.39 -4.90 3.26
N GLY A 64 0.54 -4.75 4.20
CA GLY A 64 1.69 -5.62 4.24
C GLY A 64 2.42 -5.66 2.92
N ILE A 65 2.57 -4.51 2.28
CA ILE A 65 3.25 -4.43 0.99
C ILE A 65 4.76 -4.56 1.16
N GLU A 66 5.42 -5.04 0.10
CA GLU A 66 6.87 -5.21 0.14
C GLU A 66 7.57 -4.09 -0.63
N LEU A 67 8.88 -4.01 -0.47
CA LEU A 67 9.67 -2.98 -1.13
C LEU A 67 11.16 -3.19 -0.90
N LYS A 68 11.95 -3.08 -1.96
CA LYS A 68 13.39 -3.25 -1.88
C LYS A 68 14.11 -1.91 -1.86
N LYS A 69 14.80 -1.63 -0.75
CA LYS A 69 15.53 -0.38 -0.61
C LYS A 69 16.74 -0.56 0.30
N PHE A 70 17.88 -0.02 -0.12
CA PHE A 70 19.10 -0.12 0.65
C PHE A 70 19.33 1.13 1.48
N THR A 1 -8.06 1.48 -34.38
CA THR A 1 -8.74 0.49 -33.57
C THR A 1 -8.59 0.79 -32.08
N SER A 2 -9.70 0.65 -31.35
CA SER A 2 -9.70 0.92 -29.92
C SER A 2 -9.64 -0.38 -29.12
N SER A 3 -9.01 -0.33 -27.94
CA SER A 3 -8.89 -1.50 -27.09
C SER A 3 -9.94 -1.48 -25.99
N GLU A 4 -10.22 -0.29 -25.46
CA GLU A 4 -11.20 -0.13 -24.40
C GLU A 4 -11.51 1.34 -24.15
N LEU A 5 -12.76 1.72 -24.38
CA LEU A 5 -13.19 3.10 -24.17
C LEU A 5 -13.43 3.40 -22.70
N PRO A 6 -13.38 4.69 -22.34
CA PRO A 6 -13.58 5.13 -20.95
C PRO A 6 -15.03 4.96 -20.50
N GLU A 7 -15.38 5.60 -19.39
CA GLU A 7 -16.73 5.52 -18.86
C GLU A 7 -16.93 6.53 -17.73
N LEU A 8 -17.80 7.50 -17.95
CA LEU A 8 -18.07 8.53 -16.95
C LEU A 8 -18.48 7.90 -15.63
N LEU A 9 -19.16 6.76 -15.71
CA LEU A 9 -19.61 6.05 -14.51
C LEU A 9 -18.43 5.70 -13.61
N ARG A 10 -17.33 5.29 -14.22
CA ARG A 10 -16.13 4.93 -13.48
C ARG A 10 -15.49 6.17 -12.85
N LYS A 11 -15.56 7.29 -13.55
CA LYS A 11 -14.99 8.53 -13.05
C LYS A 11 -15.86 9.14 -11.96
N ARG A 12 -15.29 10.05 -11.18
CA ARG A 12 -16.01 10.70 -10.09
C ARG A 12 -16.46 9.69 -9.05
N GLU A 13 -15.50 8.92 -8.53
CA GLU A 13 -15.79 7.92 -7.52
C GLU A 13 -16.09 8.57 -6.17
N ARG A 14 -17.04 7.99 -5.45
CA ARG A 14 -17.42 8.52 -4.14
C ARG A 14 -17.01 7.56 -3.02
N LYS A 15 -16.80 8.10 -1.83
CA LYS A 15 -16.40 7.29 -0.69
C LYS A 15 -17.51 7.25 0.36
N THR A 16 -18.04 6.06 0.62
CA THR A 16 -19.10 5.90 1.60
C THR A 16 -18.57 5.98 3.02
N GLY A 17 -17.49 5.25 3.28
CA GLY A 17 -16.89 5.26 4.60
C GLY A 17 -16.24 3.94 4.96
N ASP A 18 -16.99 2.85 4.79
CA ASP A 18 -16.47 1.52 5.10
C ASP A 18 -15.20 1.23 4.30
N LEU A 19 -14.59 0.08 4.56
CA LEU A 19 -13.37 -0.31 3.87
C LEU A 19 -13.49 -1.72 3.30
N PRO A 20 -14.28 -1.85 2.23
CA PRO A 20 -14.49 -3.14 1.55
C PRO A 20 -13.25 -3.62 0.83
N LYS A 21 -13.39 -4.72 0.08
CA LYS A 21 -12.29 -5.30 -0.67
C LYS A 21 -11.94 -4.42 -1.87
N PHE A 22 -12.93 -3.72 -2.39
CA PHE A 22 -12.72 -2.85 -3.54
C PHE A 22 -11.79 -1.70 -3.19
N ILE A 23 -11.86 -1.23 -1.95
CA ILE A 23 -11.02 -0.14 -1.48
C ILE A 23 -9.61 -0.62 -1.17
N GLU A 24 -9.51 -1.68 -0.38
CA GLU A 24 -8.22 -2.25 -0.01
C GLU A 24 -7.47 -2.76 -1.24
N GLU A 25 -8.23 -3.18 -2.24
CA GLU A 25 -7.63 -3.69 -3.48
C GLU A 25 -7.10 -2.55 -4.34
N THR A 26 -7.92 -1.52 -4.53
CA THR A 26 -7.54 -0.37 -5.33
C THR A 26 -6.45 0.45 -4.63
N GLU A 27 -6.51 0.48 -3.30
CA GLU A 27 -5.53 1.22 -2.52
C GLU A 27 -4.18 0.52 -2.51
N LYS A 28 -4.19 -0.78 -2.21
CA LYS A 28 -2.98 -1.58 -2.17
C LYS A 28 -2.31 -1.62 -3.55
N LYS A 29 -3.11 -1.82 -4.58
CA LYS A 29 -2.61 -1.88 -5.95
C LYS A 29 -1.96 -0.56 -6.35
N ARG A 30 -2.55 0.54 -5.89
CA ARG A 30 -2.02 1.87 -6.21
C ARG A 30 -0.67 2.09 -5.53
N ILE A 31 -0.60 1.77 -4.24
CA ILE A 31 0.63 1.92 -3.48
C ILE A 31 1.76 1.08 -4.08
N ILE A 32 1.49 -0.20 -4.25
CA ILE A 32 2.49 -1.11 -4.81
C ILE A 32 2.87 -0.70 -6.23
N GLU A 33 1.90 -0.21 -6.98
CA GLU A 33 2.14 0.21 -8.36
C GLU A 33 3.09 1.40 -8.40
N ALA A 34 2.78 2.43 -7.61
CA ALA A 34 3.60 3.62 -7.56
C ALA A 34 5.02 3.30 -7.10
N LEU A 35 5.13 2.48 -6.05
CA LEU A 35 6.43 2.08 -5.53
C LEU A 35 7.28 1.41 -6.60
N GLU A 36 6.72 0.37 -7.21
CA GLU A 36 7.42 -0.37 -8.26
C GLU A 36 7.84 0.57 -9.39
N LYS A 37 6.97 1.53 -9.72
CA LYS A 37 7.24 2.48 -10.78
C LYS A 37 8.29 3.49 -10.34
N THR A 38 8.40 3.70 -9.03
CA THR A 38 9.36 4.64 -8.48
C THR A 38 10.68 3.94 -8.12
N GLY A 39 10.67 2.62 -8.19
CA GLY A 39 11.86 1.85 -7.87
C GLY A 39 11.90 1.42 -6.42
N TYR A 40 10.75 1.01 -5.90
CA TYR A 40 10.66 0.57 -4.50
C TYR A 40 11.06 1.68 -3.56
N VAL A 41 10.50 2.86 -3.77
CA VAL A 41 10.80 4.02 -2.93
C VAL A 41 9.54 4.57 -2.28
N LYS A 42 9.54 4.67 -0.96
CA LYS A 42 8.39 5.19 -0.23
C LYS A 42 8.21 6.68 -0.48
N SER A 43 9.29 7.44 -0.37
CA SER A 43 9.25 8.88 -0.58
C SER A 43 8.66 9.21 -1.95
N ARG A 44 9.22 8.60 -3.00
CA ARG A 44 8.75 8.82 -4.35
C ARG A 44 7.32 8.36 -4.51
N ALA A 45 7.04 7.13 -4.07
CA ALA A 45 5.70 6.57 -4.17
C ALA A 45 4.68 7.45 -3.45
N ALA A 46 5.10 8.06 -2.35
CA ALA A 46 4.22 8.92 -1.58
C ALA A 46 3.89 10.19 -2.35
N LYS A 47 4.93 10.89 -2.81
CA LYS A 47 4.75 12.12 -3.57
C LYS A 47 4.02 11.86 -4.88
N LEU A 48 4.31 10.71 -5.50
CA LEU A 48 3.68 10.33 -6.76
C LEU A 48 2.19 10.08 -6.57
N LEU A 49 1.86 9.27 -5.57
CA LEU A 49 0.46 8.96 -5.28
C LEU A 49 -0.28 10.17 -4.74
N GLY A 50 0.42 10.98 -3.94
CA GLY A 50 -0.19 12.16 -3.36
C GLY A 50 -0.37 12.06 -1.86
N TYR A 51 0.38 11.16 -1.24
CA TYR A 51 0.29 10.96 0.20
C TYR A 51 1.63 11.26 0.87
N THR A 52 1.59 11.51 2.18
CA THR A 52 2.79 11.81 2.94
C THR A 52 3.45 10.54 3.47
N LEU A 53 4.70 10.66 3.90
CA LEU A 53 5.44 9.52 4.43
C LEU A 53 4.63 8.77 5.48
N ARG A 54 3.89 9.52 6.28
CA ARG A 54 3.05 8.93 7.32
C ARG A 54 1.93 8.09 6.73
N GLN A 55 1.19 8.68 5.80
CA GLN A 55 0.08 8.00 5.15
C GLN A 55 0.58 6.76 4.40
N LEU A 56 1.55 6.96 3.52
CA LEU A 56 2.11 5.86 2.74
C LEU A 56 2.58 4.73 3.64
N ASP A 57 3.39 5.08 4.64
CA ASP A 57 3.92 4.10 5.58
C ASP A 57 2.78 3.30 6.21
N TYR A 58 1.74 4.01 6.65
CA TYR A 58 0.59 3.36 7.28
C TYR A 58 -0.05 2.35 6.34
N ARG A 59 -0.05 2.67 5.04
CA ARG A 59 -0.64 1.79 4.04
C ARG A 59 0.24 0.57 3.81
N ILE A 60 1.55 0.78 3.83
CA ILE A 60 2.51 -0.30 3.62
C ILE A 60 2.42 -1.33 4.73
N LYS A 61 2.26 -0.86 5.96
CA LYS A 61 2.16 -1.74 7.12
C LYS A 61 0.80 -2.42 7.16
N LYS A 62 -0.25 -1.67 6.83
CA LYS A 62 -1.61 -2.22 6.82
C LYS A 62 -1.77 -3.25 5.71
N TYR A 63 -1.28 -2.91 4.52
CA TYR A 63 -1.38 -3.81 3.37
C TYR A 63 -0.21 -4.78 3.34
N GLY A 64 0.72 -4.60 4.27
CA GLY A 64 1.89 -5.47 4.33
C GLY A 64 2.60 -5.58 2.99
N ILE A 65 2.78 -4.44 2.32
CA ILE A 65 3.44 -4.41 1.03
C ILE A 65 4.96 -4.47 1.19
N GLU A 66 5.63 -5.08 0.21
CA GLU A 66 7.08 -5.20 0.24
C GLU A 66 7.74 -4.09 -0.58
N LEU A 67 9.05 -3.95 -0.43
CA LEU A 67 9.81 -2.94 -1.16
C LEU A 67 11.30 -3.09 -0.93
N LYS A 68 12.07 -3.03 -2.00
CA LYS A 68 13.53 -3.16 -1.92
C LYS A 68 14.15 -1.91 -1.31
N LYS A 69 14.05 -1.78 0.00
CA LYS A 69 14.61 -0.64 0.70
C LYS A 69 15.04 -1.03 2.12
N PHE A 70 16.11 -0.41 2.60
CA PHE A 70 16.63 -0.68 3.93
C PHE A 70 15.89 0.14 4.99
N THR A 1 17.29 -16.59 -2.03
CA THR A 1 16.49 -15.92 -1.00
C THR A 1 15.07 -16.48 -0.96
N SER A 2 14.49 -16.53 0.23
CA SER A 2 13.13 -17.03 0.41
C SER A 2 12.46 -16.38 1.61
N SER A 3 11.23 -16.79 1.88
CA SER A 3 10.46 -16.23 2.99
C SER A 3 10.98 -16.77 4.33
N GLU A 4 10.22 -16.52 5.39
CA GLU A 4 10.62 -16.98 6.72
C GLU A 4 9.60 -17.99 7.26
N LEU A 5 8.39 -17.93 6.74
CA LEU A 5 7.33 -18.84 7.18
C LEU A 5 7.28 -20.08 6.29
N PRO A 6 6.85 -21.20 6.86
CA PRO A 6 6.74 -22.48 6.14
C PRO A 6 5.62 -22.46 5.10
N GLU A 7 4.43 -22.05 5.52
CA GLU A 7 3.29 -21.98 4.62
C GLU A 7 2.64 -20.60 4.65
N LEU A 8 2.68 -19.97 5.82
CA LEU A 8 2.10 -18.64 5.98
C LEU A 8 2.62 -17.67 4.92
N LEU A 9 3.86 -17.89 4.50
CA LEU A 9 4.48 -17.04 3.48
C LEU A 9 3.61 -16.97 2.23
N ARG A 10 2.89 -18.06 1.96
CA ARG A 10 2.02 -18.12 0.80
C ARG A 10 0.76 -17.27 1.00
N LYS A 11 0.17 -17.39 2.19
CA LYS A 11 -1.04 -16.64 2.52
C LYS A 11 -0.76 -15.62 3.61
N ARG A 12 -0.36 -14.41 3.20
CA ARG A 12 -0.06 -13.34 4.15
C ARG A 12 -1.29 -12.98 4.96
N GLU A 13 -1.08 -12.20 6.02
CA GLU A 13 -2.18 -11.78 6.88
C GLU A 13 -3.26 -11.04 6.07
N ARG A 14 -4.52 -11.34 6.38
CA ARG A 14 -5.64 -10.72 5.68
C ARG A 14 -6.45 -9.84 6.63
N LYS A 15 -7.02 -10.45 7.66
CA LYS A 15 -7.82 -9.73 8.64
C LYS A 15 -8.92 -8.92 7.96
N THR A 16 -9.71 -9.59 7.13
CA THR A 16 -10.79 -8.93 6.41
C THR A 16 -12.10 -9.71 6.55
N GLY A 17 -13.17 -9.00 6.92
CA GLY A 17 -14.45 -9.65 7.09
C GLY A 17 -15.59 -8.81 6.53
N ASP A 18 -15.90 -7.71 7.20
CA ASP A 18 -16.97 -6.82 6.76
C ASP A 18 -16.41 -5.52 6.20
N LEU A 19 -15.26 -5.60 5.56
CA LEU A 19 -14.60 -4.43 4.99
C LEU A 19 -14.72 -4.44 3.46
N PRO A 20 -14.53 -3.27 2.85
CA PRO A 20 -14.61 -3.11 1.40
C PRO A 20 -13.44 -3.77 0.68
N LYS A 21 -13.76 -4.55 -0.35
CA LYS A 21 -12.72 -5.24 -1.12
C LYS A 21 -12.22 -4.37 -2.27
N PHE A 22 -13.12 -3.62 -2.88
CA PHE A 22 -12.77 -2.74 -3.99
C PHE A 22 -11.84 -1.63 -3.52
N ILE A 23 -12.18 -1.03 -2.37
CA ILE A 23 -11.38 0.06 -1.81
C ILE A 23 -9.98 -0.43 -1.43
N GLU A 24 -9.92 -1.52 -0.67
CA GLU A 24 -8.64 -2.08 -0.25
C GLU A 24 -7.84 -2.57 -1.45
N GLU A 25 -8.54 -3.00 -2.49
CA GLU A 25 -7.90 -3.50 -3.69
C GLU A 25 -7.34 -2.35 -4.52
N THR A 26 -8.16 -1.33 -4.73
CA THR A 26 -7.75 -0.16 -5.51
C THR A 26 -6.70 0.66 -4.77
N GLU A 27 -6.80 0.68 -3.44
CA GLU A 27 -5.87 1.42 -2.61
C GLU A 27 -4.51 0.72 -2.56
N LYS A 28 -4.53 -0.57 -2.27
CA LYS A 28 -3.31 -1.36 -2.19
C LYS A 28 -2.58 -1.37 -3.53
N LYS A 29 -3.32 -1.63 -4.59
CA LYS A 29 -2.76 -1.68 -5.94
C LYS A 29 -2.13 -0.33 -6.31
N ARG A 30 -2.77 0.75 -5.86
CA ARG A 30 -2.28 2.09 -6.13
C ARG A 30 -0.93 2.35 -5.45
N ILE A 31 -0.88 2.08 -4.15
CA ILE A 31 0.34 2.27 -3.38
C ILE A 31 1.49 1.44 -3.96
N ILE A 32 1.27 0.14 -4.09
CA ILE A 32 2.28 -0.76 -4.63
C ILE A 32 2.69 -0.34 -6.04
N GLU A 33 1.72 0.12 -6.82
CA GLU A 33 1.97 0.55 -8.19
C GLU A 33 2.97 1.70 -8.22
N ALA A 34 2.70 2.73 -7.42
CA ALA A 34 3.57 3.90 -7.35
C ALA A 34 4.97 3.51 -6.88
N LEU A 35 5.03 2.63 -5.89
CA LEU A 35 6.30 2.17 -5.34
C LEU A 35 7.16 1.53 -6.42
N GLU A 36 6.60 0.54 -7.11
CA GLU A 36 7.31 -0.16 -8.17
C GLU A 36 7.73 0.81 -9.27
N LYS A 37 6.86 1.76 -9.58
CA LYS A 37 7.13 2.75 -10.61
C LYS A 37 8.18 3.76 -10.13
N THR A 38 8.31 3.89 -8.82
CA THR A 38 9.28 4.82 -8.25
C THR A 38 10.59 4.10 -7.94
N GLY A 39 10.59 2.79 -8.06
CA GLY A 39 11.79 2.01 -7.79
C GLY A 39 11.87 1.55 -6.36
N TYR A 40 10.73 1.17 -5.79
CA TYR A 40 10.67 0.72 -4.41
C TYR A 40 11.16 1.79 -3.45
N VAL A 41 10.74 3.03 -3.71
CA VAL A 41 11.13 4.16 -2.87
C VAL A 41 9.92 4.77 -2.16
N LYS A 42 9.98 4.83 -0.84
CA LYS A 42 8.90 5.38 -0.05
C LYS A 42 8.75 6.88 -0.30
N SER A 43 9.87 7.61 -0.23
CA SER A 43 9.86 9.05 -0.46
C SER A 43 9.19 9.38 -1.79
N ARG A 44 9.68 8.76 -2.86
CA ARG A 44 9.14 8.99 -4.19
C ARG A 44 7.69 8.52 -4.28
N ALA A 45 7.44 7.29 -3.83
CA ALA A 45 6.09 6.73 -3.86
C ALA A 45 5.10 7.64 -3.15
N ALA A 46 5.53 8.22 -2.04
CA ALA A 46 4.67 9.12 -1.27
C ALA A 46 4.40 10.41 -2.03
N LYS A 47 5.45 11.06 -2.50
CA LYS A 47 5.32 12.31 -3.25
C LYS A 47 4.53 12.09 -4.52
N LEU A 48 4.65 10.89 -5.09
CA LEU A 48 3.94 10.56 -6.32
C LEU A 48 2.46 10.33 -6.04
N LEU A 49 2.16 9.51 -5.04
CA LEU A 49 0.78 9.22 -4.68
C LEU A 49 0.10 10.44 -4.05
N GLY A 50 0.91 11.38 -3.58
CA GLY A 50 0.39 12.59 -2.98
C GLY A 50 0.24 12.47 -1.48
N TYR A 51 0.89 11.46 -0.90
CA TYR A 51 0.82 11.23 0.54
C TYR A 51 2.19 11.43 1.19
N THR A 52 2.20 11.62 2.50
CA THR A 52 3.44 11.81 3.23
C THR A 52 4.04 10.49 3.68
N LEU A 53 5.30 10.52 4.10
CA LEU A 53 5.98 9.31 4.55
C LEU A 53 5.15 8.56 5.58
N ARG A 54 4.47 9.32 6.44
CA ARG A 54 3.63 8.73 7.47
C ARG A 54 2.43 7.99 6.86
N GLN A 55 1.71 8.68 5.97
CA GLN A 55 0.56 8.09 5.32
C GLN A 55 0.95 6.86 4.51
N LEU A 56 1.92 7.01 3.62
CA LEU A 56 2.39 5.91 2.79
C LEU A 56 2.80 4.72 3.65
N ASP A 57 3.66 4.97 4.64
CA ASP A 57 4.13 3.92 5.54
C ASP A 57 2.96 3.18 6.16
N TYR A 58 1.97 3.93 6.62
CA TYR A 58 0.78 3.34 7.24
C TYR A 58 0.06 2.41 6.26
N ARG A 59 0.03 2.80 5.00
CA ARG A 59 -0.63 2.01 3.97
C ARG A 59 0.15 0.73 3.69
N ILE A 60 1.48 0.84 3.70
CA ILE A 60 2.34 -0.31 3.45
C ILE A 60 2.19 -1.36 4.54
N LYS A 61 2.10 -0.90 5.78
CA LYS A 61 1.95 -1.80 6.93
C LYS A 61 0.54 -2.37 7.00
N LYS A 62 -0.44 -1.55 6.67
CA LYS A 62 -1.84 -1.97 6.68
C LYS A 62 -2.11 -2.98 5.58
N TYR A 63 -1.61 -2.71 4.38
CA TYR A 63 -1.79 -3.59 3.24
C TYR A 63 -0.65 -4.61 3.15
N GLY A 64 0.29 -4.51 4.08
CA GLY A 64 1.42 -5.43 4.08
C GLY A 64 2.11 -5.50 2.74
N ILE A 65 2.31 -4.35 2.12
CA ILE A 65 2.97 -4.28 0.82
C ILE A 65 4.48 -4.49 0.95
N GLU A 66 5.10 -4.99 -0.11
CA GLU A 66 6.54 -5.23 -0.12
C GLU A 66 7.27 -4.10 -0.83
N LEU A 67 8.58 -4.04 -0.62
CA LEU A 67 9.42 -3.01 -1.25
C LEU A 67 10.89 -3.27 -0.98
N LYS A 68 11.71 -3.16 -2.02
CA LYS A 68 13.14 -3.37 -1.90
C LYS A 68 13.88 -2.04 -1.76
N LYS A 69 14.32 -1.74 -0.54
CA LYS A 69 15.05 -0.50 -0.28
C LYS A 69 15.82 -0.59 1.03
N PHE A 70 17.07 -0.15 1.01
CA PHE A 70 17.91 -0.19 2.20
C PHE A 70 17.66 1.04 3.08
N THR A 1 -27.91 -40.21 -9.86
CA THR A 1 -27.22 -40.87 -10.96
C THR A 1 -27.14 -39.96 -12.19
N SER A 2 -28.25 -39.31 -12.52
CA SER A 2 -28.30 -38.41 -13.66
C SER A 2 -27.83 -37.01 -13.27
N SER A 3 -28.52 -36.42 -12.30
CA SER A 3 -28.17 -35.08 -11.83
C SER A 3 -26.94 -35.11 -10.94
N GLU A 4 -26.28 -33.97 -10.81
CA GLU A 4 -25.08 -33.87 -9.98
C GLU A 4 -24.92 -32.45 -9.43
N LEU A 5 -24.07 -32.32 -8.42
CA LEU A 5 -23.82 -31.02 -7.79
C LEU A 5 -22.93 -30.16 -8.66
N PRO A 6 -22.99 -28.84 -8.45
CA PRO A 6 -22.19 -27.88 -9.21
C PRO A 6 -20.71 -27.95 -8.86
N GLU A 7 -19.95 -26.94 -9.26
CA GLU A 7 -18.52 -26.89 -8.98
C GLU A 7 -18.12 -25.53 -8.41
N LEU A 8 -18.49 -24.47 -9.13
CA LEU A 8 -18.16 -23.11 -8.70
C LEU A 8 -18.83 -22.78 -7.38
N LEU A 9 -20.14 -23.00 -7.31
CA LEU A 9 -20.91 -22.74 -6.10
C LEU A 9 -20.41 -23.60 -4.94
N ARG A 10 -19.91 -24.79 -5.27
CA ARG A 10 -19.40 -25.71 -4.26
C ARG A 10 -18.10 -25.20 -3.66
N LYS A 11 -17.35 -24.42 -4.44
CA LYS A 11 -16.09 -23.87 -4.00
C LYS A 11 -16.25 -22.42 -3.54
N ARG A 12 -16.62 -22.23 -2.28
CA ARG A 12 -16.83 -20.89 -1.74
C ARG A 12 -15.67 -20.51 -0.83
N GLU A 13 -15.69 -19.27 -0.34
CA GLU A 13 -14.63 -18.77 0.54
C GLU A 13 -15.23 -17.98 1.70
N ARG A 14 -14.81 -18.31 2.92
CA ARG A 14 -15.30 -17.64 4.12
C ARG A 14 -14.53 -16.35 4.37
N LYS A 15 -15.17 -15.40 5.03
CA LYS A 15 -14.55 -14.12 5.33
C LYS A 15 -14.77 -13.73 6.78
N THR A 16 -13.84 -12.98 7.35
CA THR A 16 -13.93 -12.54 8.73
C THR A 16 -14.38 -11.09 8.83
N GLY A 17 -15.34 -10.72 7.97
CA GLY A 17 -15.84 -9.36 7.98
C GLY A 17 -16.31 -8.92 6.60
N ASP A 18 -16.82 -7.69 6.52
CA ASP A 18 -17.31 -7.14 5.26
C ASP A 18 -16.55 -5.88 4.88
N LEU A 19 -15.24 -5.90 5.08
CA LEU A 19 -14.40 -4.75 4.77
C LEU A 19 -14.47 -4.44 3.28
N PRO A 20 -14.08 -3.20 2.92
CA PRO A 20 -14.09 -2.74 1.53
C PRO A 20 -13.02 -3.42 0.68
N LYS A 21 -13.45 -4.18 -0.32
CA LYS A 21 -12.54 -4.88 -1.20
C LYS A 21 -12.11 -4.00 -2.36
N PHE A 22 -13.07 -3.24 -2.91
CA PHE A 22 -12.79 -2.35 -4.02
C PHE A 22 -11.84 -1.24 -3.61
N ILE A 23 -11.95 -0.80 -2.36
CA ILE A 23 -11.11 0.26 -1.83
C ILE A 23 -9.71 -0.26 -1.51
N GLU A 24 -9.66 -1.35 -0.74
CA GLU A 24 -8.39 -1.96 -0.36
C GLU A 24 -7.62 -2.44 -1.58
N GLU A 25 -8.36 -2.83 -2.61
CA GLU A 25 -7.75 -3.33 -3.85
C GLU A 25 -7.18 -2.18 -4.66
N THR A 26 -7.97 -1.12 -4.85
CA THR A 26 -7.54 0.05 -5.61
C THR A 26 -6.47 0.82 -4.87
N GLU A 27 -6.54 0.82 -3.54
CA GLU A 27 -5.57 1.53 -2.71
C GLU A 27 -4.23 0.79 -2.70
N LYS A 28 -4.28 -0.51 -2.43
CA LYS A 28 -3.08 -1.33 -2.39
C LYS A 28 -2.39 -1.37 -3.75
N LYS A 29 -3.19 -1.49 -4.80
CA LYS A 29 -2.66 -1.54 -6.16
C LYS A 29 -1.96 -0.24 -6.52
N ARG A 30 -2.54 0.88 -6.07
CA ARG A 30 -1.98 2.20 -6.34
C ARG A 30 -0.64 2.37 -5.62
N ILE A 31 -0.61 2.04 -4.34
CA ILE A 31 0.60 2.15 -3.54
C ILE A 31 1.73 1.32 -4.13
N ILE A 32 1.47 0.03 -4.31
CA ILE A 32 2.46 -0.88 -4.88
C ILE A 32 2.88 -0.44 -6.28
N GLU A 33 1.92 0.07 -7.04
CA GLU A 33 2.18 0.53 -8.40
C GLU A 33 3.19 1.68 -8.40
N ALA A 34 2.92 2.69 -7.59
CA ALA A 34 3.80 3.86 -7.49
C ALA A 34 5.19 3.45 -7.03
N LEU A 35 5.24 2.59 -6.01
CA LEU A 35 6.51 2.13 -5.47
C LEU A 35 7.36 1.47 -6.55
N GLU A 36 6.79 0.47 -7.22
CA GLU A 36 7.48 -0.24 -8.28
C GLU A 36 7.96 0.72 -9.36
N LYS A 37 7.10 1.68 -9.70
CA LYS A 37 7.43 2.68 -10.72
C LYS A 37 8.51 3.63 -10.23
N THR A 38 8.60 3.78 -8.91
CA THR A 38 9.58 4.67 -8.30
C THR A 38 10.86 3.92 -7.96
N GLY A 39 10.82 2.59 -8.08
CA GLY A 39 11.98 1.78 -7.78
C GLY A 39 12.00 1.31 -6.34
N TYR A 40 10.84 0.94 -5.83
CA TYR A 40 10.72 0.48 -4.45
C TYR A 40 11.16 1.56 -3.47
N VAL A 41 10.56 2.74 -3.60
CA VAL A 41 10.90 3.86 -2.72
C VAL A 41 9.64 4.46 -2.09
N LYS A 42 9.60 4.49 -0.77
CA LYS A 42 8.46 5.04 -0.05
C LYS A 42 8.35 6.54 -0.28
N SER A 43 9.47 7.24 -0.11
CA SER A 43 9.48 8.70 -0.29
C SER A 43 8.94 9.09 -1.66
N ARG A 44 9.47 8.47 -2.70
CA ARG A 44 9.03 8.74 -4.06
C ARG A 44 7.58 8.32 -4.26
N ALA A 45 7.27 7.09 -3.87
CA ALA A 45 5.92 6.55 -3.99
C ALA A 45 4.91 7.45 -3.31
N ALA A 46 5.32 8.06 -2.19
CA ALA A 46 4.44 8.95 -1.44
C ALA A 46 4.22 10.27 -2.18
N LYS A 47 5.32 10.90 -2.57
CA LYS A 47 5.25 12.17 -3.30
C LYS A 47 4.55 11.99 -4.63
N LEU A 48 4.71 10.82 -5.23
CA LEU A 48 4.11 10.52 -6.52
C LEU A 48 2.59 10.32 -6.38
N LEU A 49 2.19 9.49 -5.42
CA LEU A 49 0.79 9.22 -5.18
C LEU A 49 0.08 10.46 -4.64
N GLY A 50 0.73 11.14 -3.71
CA GLY A 50 0.15 12.35 -3.13
C GLY A 50 -0.06 12.22 -1.64
N TYR A 51 0.66 11.30 -1.01
CA TYR A 51 0.55 11.07 0.43
C TYR A 51 1.89 11.31 1.12
N THR A 52 1.83 11.52 2.43
CA THR A 52 3.04 11.76 3.22
C THR A 52 3.65 10.45 3.70
N LEU A 53 4.90 10.52 4.16
CA LEU A 53 5.59 9.34 4.65
C LEU A 53 4.75 8.59 5.68
N ARG A 54 4.01 9.34 6.50
CA ARG A 54 3.15 8.74 7.51
C ARG A 54 2.01 7.96 6.87
N GLN A 55 1.30 8.62 5.96
CA GLN A 55 0.18 7.98 5.27
C GLN A 55 0.63 6.77 4.49
N LEU A 56 1.62 6.96 3.62
CA LEU A 56 2.16 5.87 2.81
C LEU A 56 2.57 4.69 3.69
N ASP A 57 3.38 4.97 4.69
CA ASP A 57 3.86 3.94 5.61
C ASP A 57 2.69 3.16 6.20
N TYR A 58 1.68 3.89 6.65
CA TYR A 58 0.50 3.27 7.26
C TYR A 58 -0.17 2.32 6.28
N ARG A 59 -0.15 2.68 5.00
CA ARG A 59 -0.76 1.86 3.96
C ARG A 59 0.08 0.61 3.70
N ILE A 60 1.39 0.77 3.73
CA ILE A 60 2.30 -0.35 3.50
C ILE A 60 2.16 -1.41 4.59
N LYS A 61 2.01 -0.96 5.83
CA LYS A 61 1.85 -1.87 6.96
C LYS A 61 0.47 -2.50 6.97
N LYS A 62 -0.55 -1.69 6.64
CA LYS A 62 -1.93 -2.17 6.61
C LYS A 62 -2.13 -3.16 5.47
N TYR A 63 -1.61 -2.82 4.30
CA TYR A 63 -1.74 -3.67 3.12
C TYR A 63 -0.61 -4.69 3.06
N GLY A 64 0.32 -4.59 4.01
CA GLY A 64 1.45 -5.50 4.04
C GLY A 64 2.17 -5.60 2.72
N ILE A 65 2.39 -4.45 2.09
CA ILE A 65 3.08 -4.41 0.81
C ILE A 65 4.58 -4.64 0.97
N GLU A 66 5.21 -5.16 -0.09
CA GLU A 66 6.64 -5.43 -0.06
C GLU A 66 7.41 -4.35 -0.81
N LEU A 67 8.73 -4.32 -0.62
CA LEU A 67 9.57 -3.35 -1.28
C LEU A 67 11.05 -3.64 -1.01
N LYS A 68 11.87 -3.49 -2.04
CA LYS A 68 13.30 -3.74 -1.91
C LYS A 68 13.89 -2.95 -0.74
N LYS A 69 13.80 -1.63 -0.82
CA LYS A 69 14.31 -0.77 0.25
C LYS A 69 13.68 -1.13 1.59
N PHE A 70 14.09 -0.41 2.64
CA PHE A 70 13.56 -0.65 3.98
C PHE A 70 12.07 -0.33 4.04
N THR A 1 10.84 -7.57 7.78
CA THR A 1 10.24 -8.80 8.27
C THR A 1 9.58 -9.58 7.14
N SER A 2 9.12 -10.79 7.44
CA SER A 2 8.47 -11.64 6.45
C SER A 2 7.19 -12.24 7.00
N SER A 3 6.05 -11.74 6.54
CA SER A 3 4.76 -12.22 7.00
C SER A 3 3.99 -12.86 5.85
N GLU A 4 3.90 -14.19 5.87
CA GLU A 4 3.19 -14.91 4.83
C GLU A 4 2.83 -16.33 5.30
N LEU A 5 1.57 -16.71 5.09
CA LEU A 5 1.10 -18.03 5.50
C LEU A 5 1.40 -19.07 4.42
N PRO A 6 1.48 -20.34 4.84
CA PRO A 6 1.75 -21.46 3.92
C PRO A 6 0.58 -21.73 2.97
N GLU A 7 -0.62 -21.34 3.39
CA GLU A 7 -1.81 -21.54 2.57
C GLU A 7 -2.31 -20.21 2.00
N LEU A 8 -1.39 -19.27 1.82
CA LEU A 8 -1.74 -17.96 1.29
C LEU A 8 -2.25 -18.07 -0.15
N LEU A 9 -1.67 -19.01 -0.90
CA LEU A 9 -2.06 -19.22 -2.29
C LEU A 9 -3.50 -19.70 -2.38
N ARG A 10 -3.86 -20.65 -1.53
CA ARG A 10 -5.22 -21.20 -1.51
C ARG A 10 -6.22 -20.16 -1.01
N LYS A 11 -5.78 -19.34 -0.05
CA LYS A 11 -6.65 -18.31 0.50
C LYS A 11 -6.06 -16.91 0.23
N ARG A 12 -5.83 -16.62 -1.04
CA ARG A 12 -5.28 -15.33 -1.44
C ARG A 12 -6.37 -14.25 -1.47
N GLU A 13 -7.60 -14.68 -1.69
CA GLU A 13 -8.74 -13.77 -1.75
C GLU A 13 -10.05 -14.53 -1.79
N ARG A 14 -11.13 -13.87 -1.35
CA ARG A 14 -12.44 -14.49 -1.34
C ARG A 14 -13.44 -13.66 -2.15
N LYS A 15 -14.67 -14.15 -2.25
CA LYS A 15 -15.72 -13.46 -2.99
C LYS A 15 -16.83 -13.00 -2.05
N THR A 16 -16.52 -12.01 -1.21
CA THR A 16 -17.50 -11.48 -0.27
C THR A 16 -17.97 -10.10 -0.69
N GLY A 17 -19.28 -9.95 -0.88
CA GLY A 17 -19.83 -8.67 -1.27
C GLY A 17 -20.58 -7.98 -0.15
N ASP A 18 -19.88 -7.66 0.92
CA ASP A 18 -20.48 -6.99 2.07
C ASP A 18 -19.43 -6.22 2.87
N LEU A 19 -18.36 -5.82 2.19
CA LEU A 19 -17.29 -5.07 2.84
C LEU A 19 -16.48 -4.28 1.81
N PRO A 20 -15.77 -3.25 2.29
CA PRO A 20 -14.94 -2.40 1.43
C PRO A 20 -13.72 -3.13 0.89
N LYS A 21 -13.92 -3.94 -0.14
CA LYS A 21 -12.84 -4.71 -0.75
C LYS A 21 -12.17 -3.90 -1.85
N PHE A 22 -12.98 -3.26 -2.69
CA PHE A 22 -12.46 -2.46 -3.79
C PHE A 22 -11.55 -1.35 -3.28
N ILE A 23 -11.85 -0.84 -2.09
CA ILE A 23 -11.07 0.22 -1.48
C ILE A 23 -9.66 -0.26 -1.15
N GLU A 24 -9.57 -1.39 -0.44
CA GLU A 24 -8.28 -1.95 -0.05
C GLU A 24 -7.52 -2.44 -1.28
N GLU A 25 -8.26 -2.84 -2.31
CA GLU A 25 -7.66 -3.33 -3.55
C GLU A 25 -7.11 -2.17 -4.38
N THR A 26 -7.91 -1.13 -4.52
CA THR A 26 -7.51 0.04 -5.30
C THR A 26 -6.42 0.83 -4.58
N GLU A 27 -6.47 0.83 -3.26
CA GLU A 27 -5.48 1.55 -2.45
C GLU A 27 -4.14 0.82 -2.46
N LYS A 28 -4.18 -0.49 -2.19
CA LYS A 28 -2.97 -1.29 -2.18
C LYS A 28 -2.31 -1.33 -3.55
N LYS A 29 -3.13 -1.48 -4.59
CA LYS A 29 -2.63 -1.52 -5.95
C LYS A 29 -1.95 -0.22 -6.34
N ARG A 30 -2.51 0.90 -5.88
CA ARG A 30 -1.95 2.22 -6.16
C ARG A 30 -0.60 2.39 -5.47
N ILE A 31 -0.55 2.06 -4.18
CA ILE A 31 0.68 2.19 -3.41
C ILE A 31 1.80 1.34 -4.02
N ILE A 32 1.52 0.05 -4.19
CA ILE A 32 2.51 -0.87 -4.77
C ILE A 32 2.90 -0.44 -6.17
N GLU A 33 1.92 0.06 -6.93
CA GLU A 33 2.17 0.51 -8.30
C GLU A 33 3.17 1.68 -8.32
N ALA A 34 2.90 2.70 -7.52
CA ALA A 34 3.77 3.86 -7.44
C ALA A 34 5.18 3.46 -6.99
N LEU A 35 5.25 2.60 -5.99
CA LEU A 35 6.54 2.15 -5.46
C LEU A 35 7.37 1.49 -6.57
N GLU A 36 6.78 0.49 -7.22
CA GLU A 36 7.48 -0.21 -8.30
C GLU A 36 7.94 0.76 -9.39
N LYS A 37 7.08 1.72 -9.71
CA LYS A 37 7.39 2.72 -10.73
C LYS A 37 8.46 3.68 -10.24
N THR A 38 8.57 3.83 -8.92
CA THR A 38 9.56 4.71 -8.33
C THR A 38 10.84 3.96 -7.99
N GLY A 39 10.80 2.64 -8.15
CA GLY A 39 11.96 1.83 -7.85
C GLY A 39 11.99 1.36 -6.40
N TYR A 40 10.83 0.97 -5.88
CA TYR A 40 10.72 0.51 -4.51
C TYR A 40 11.17 1.59 -3.53
N VAL A 41 10.60 2.78 -3.67
CA VAL A 41 10.94 3.90 -2.80
C VAL A 41 9.68 4.48 -2.14
N LYS A 42 9.71 4.56 -0.82
CA LYS A 42 8.58 5.10 -0.07
C LYS A 42 8.43 6.60 -0.31
N SER A 43 9.53 7.32 -0.13
CA SER A 43 9.53 8.77 -0.33
C SER A 43 8.96 9.14 -1.70
N ARG A 44 9.52 8.53 -2.74
CA ARG A 44 9.06 8.81 -4.11
C ARG A 44 7.60 8.39 -4.28
N ALA A 45 7.29 7.16 -3.87
CA ALA A 45 5.93 6.64 -3.98
C ALA A 45 4.93 7.54 -3.25
N ALA A 46 5.38 8.13 -2.14
CA ALA A 46 4.53 9.02 -1.36
C ALA A 46 4.24 10.31 -2.12
N LYS A 47 5.30 10.97 -2.58
CA LYS A 47 5.17 12.22 -3.32
C LYS A 47 4.44 12.00 -4.65
N LEU A 48 4.68 10.84 -5.25
CA LEU A 48 4.05 10.50 -6.53
C LEU A 48 2.55 10.31 -6.35
N LEU A 49 2.17 9.50 -5.36
CA LEU A 49 0.76 9.22 -5.10
C LEU A 49 0.07 10.46 -4.54
N GLY A 50 0.76 11.18 -3.66
CA GLY A 50 0.19 12.37 -3.06
C GLY A 50 0.02 12.25 -1.56
N TYR A 51 0.76 11.34 -0.95
CA TYR A 51 0.68 11.12 0.49
C TYR A 51 2.03 11.35 1.15
N THR A 52 2.01 11.58 2.46
CA THR A 52 3.23 11.82 3.22
C THR A 52 3.85 10.51 3.70
N LEU A 53 5.10 10.59 4.13
CA LEU A 53 5.80 9.41 4.63
C LEU A 53 4.97 8.67 5.67
N ARG A 54 4.26 9.44 6.50
CA ARG A 54 3.43 8.85 7.53
C ARG A 54 2.27 8.06 6.93
N GLN A 55 1.54 8.70 6.01
CA GLN A 55 0.41 8.07 5.36
C GLN A 55 0.85 6.83 4.58
N LEU A 56 1.81 7.02 3.69
CA LEU A 56 2.33 5.92 2.87
C LEU A 56 2.77 4.76 3.76
N ASP A 57 3.61 5.05 4.74
CA ASP A 57 4.11 4.02 5.66
C ASP A 57 2.94 3.26 6.29
N TYR A 58 1.94 3.98 6.76
CA TYR A 58 0.78 3.37 7.38
C TYR A 58 0.09 2.40 6.43
N ARG A 59 0.08 2.76 5.15
CA ARG A 59 -0.54 1.92 4.13
C ARG A 59 0.28 0.66 3.87
N ILE A 60 1.61 0.83 3.87
CA ILE A 60 2.51 -0.29 3.63
C ILE A 60 2.39 -1.34 4.73
N LYS A 61 2.27 -0.87 5.97
CA LYS A 61 2.15 -1.78 7.10
C LYS A 61 0.77 -2.41 7.15
N LYS A 62 -0.26 -1.60 6.85
CA LYS A 62 -1.64 -2.10 6.84
C LYS A 62 -1.85 -3.10 5.72
N TYR A 63 -1.35 -2.78 4.54
CA TYR A 63 -1.49 -3.66 3.38
C TYR A 63 -0.36 -4.67 3.32
N GLY A 64 0.58 -4.56 4.25
CA GLY A 64 1.70 -5.48 4.29
C GLY A 64 2.41 -5.58 2.95
N ILE A 65 2.64 -4.44 2.31
CA ILE A 65 3.31 -4.41 1.02
C ILE A 65 4.81 -4.64 1.17
N GLU A 66 5.43 -5.16 0.13
CA GLU A 66 6.87 -5.43 0.14
C GLU A 66 7.61 -4.49 -0.80
N LEU A 67 8.92 -4.40 -0.64
CA LEU A 67 9.74 -3.53 -1.48
C LEU A 67 11.22 -3.81 -1.25
N LYS A 68 12.01 -3.67 -2.32
CA LYS A 68 13.45 -3.89 -2.23
C LYS A 68 14.07 -3.07 -1.11
N LYS A 69 13.46 -1.94 -0.81
CA LYS A 69 13.94 -1.06 0.26
C LYS A 69 13.20 -1.32 1.56
N PHE A 70 12.86 -2.59 1.79
CA PHE A 70 12.14 -2.97 3.01
C PHE A 70 13.11 -3.46 4.08
N THR A 1 7.08 -30.66 -20.81
CA THR A 1 6.32 -29.92 -19.81
C THR A 1 6.12 -28.47 -20.25
N SER A 2 5.09 -27.83 -19.72
CA SER A 2 4.79 -26.44 -20.06
C SER A 2 4.25 -25.69 -18.84
N SER A 3 4.46 -24.37 -18.84
CA SER A 3 4.01 -23.54 -17.73
C SER A 3 2.63 -22.95 -18.01
N GLU A 4 1.65 -23.83 -18.19
CA GLU A 4 0.28 -23.40 -18.48
C GLU A 4 -0.65 -23.74 -17.32
N LEU A 5 -0.66 -22.87 -16.31
CA LEU A 5 -1.50 -23.08 -15.14
C LEU A 5 -2.97 -22.79 -15.47
N PRO A 6 -3.88 -23.39 -14.68
CA PRO A 6 -5.32 -23.21 -14.87
C PRO A 6 -5.78 -21.81 -14.50
N GLU A 7 -5.02 -21.13 -13.65
CA GLU A 7 -5.35 -19.77 -13.23
C GLU A 7 -6.74 -19.72 -12.62
N LEU A 8 -7.17 -20.83 -12.03
CA LEU A 8 -8.48 -20.92 -11.40
C LEU A 8 -8.52 -20.12 -10.09
N LEU A 9 -7.46 -20.23 -9.31
CA LEU A 9 -7.37 -19.52 -8.04
C LEU A 9 -7.17 -18.03 -8.26
N ARG A 10 -6.40 -17.69 -9.29
CA ARG A 10 -6.13 -16.29 -9.60
C ARG A 10 -7.41 -15.59 -10.07
N LYS A 11 -8.29 -16.34 -10.74
CA LYS A 11 -9.54 -15.80 -11.23
C LYS A 11 -10.70 -16.18 -10.31
N ARG A 12 -10.53 -15.95 -9.02
CA ARG A 12 -11.56 -16.27 -8.04
C ARG A 12 -11.26 -15.61 -6.71
N GLU A 13 -12.26 -14.94 -6.14
CA GLU A 13 -12.10 -14.26 -4.86
C GLU A 13 -11.55 -15.21 -3.81
N ARG A 14 -10.96 -14.64 -2.76
CA ARG A 14 -10.38 -15.43 -1.68
C ARG A 14 -11.27 -15.40 -0.45
N LYS A 15 -11.93 -14.27 -0.23
CA LYS A 15 -12.82 -14.11 0.92
C LYS A 15 -14.17 -13.56 0.48
N THR A 16 -15.11 -13.49 1.43
CA THR A 16 -16.45 -12.98 1.14
C THR A 16 -16.94 -12.08 2.26
N GLY A 17 -18.18 -11.61 2.14
CA GLY A 17 -18.75 -10.74 3.14
C GLY A 17 -18.92 -9.32 2.65
N ASP A 18 -19.73 -8.55 3.36
CA ASP A 18 -19.97 -7.15 2.99
C ASP A 18 -18.90 -6.24 3.58
N LEU A 19 -17.69 -6.32 3.01
CA LEU A 19 -16.58 -5.51 3.47
C LEU A 19 -15.96 -4.71 2.33
N PRO A 20 -15.23 -3.65 2.66
CA PRO A 20 -14.56 -2.80 1.67
C PRO A 20 -13.41 -3.50 0.97
N LYS A 21 -13.73 -4.28 -0.06
CA LYS A 21 -12.72 -5.02 -0.81
C LYS A 21 -12.18 -4.16 -1.96
N PHE A 22 -13.06 -3.44 -2.63
CA PHE A 22 -12.68 -2.58 -3.74
C PHE A 22 -11.72 -1.49 -3.27
N ILE A 23 -12.01 -0.92 -2.11
CA ILE A 23 -11.17 0.14 -1.56
C ILE A 23 -9.78 -0.38 -1.24
N GLU A 24 -9.70 -1.47 -0.50
CA GLU A 24 -8.42 -2.06 -0.13
C GLU A 24 -7.66 -2.54 -1.36
N GLU A 25 -8.41 -2.93 -2.40
CA GLU A 25 -7.81 -3.42 -3.63
C GLU A 25 -7.26 -2.24 -4.46
N THR A 26 -8.09 -1.22 -4.62
CA THR A 26 -7.69 -0.04 -5.39
C THR A 26 -6.61 0.75 -4.67
N GLU A 27 -6.66 0.74 -3.33
CA GLU A 27 -5.68 1.46 -2.52
C GLU A 27 -4.33 0.75 -2.55
N LYS A 28 -4.35 -0.55 -2.28
CA LYS A 28 -3.14 -1.35 -2.25
C LYS A 28 -2.46 -1.34 -3.62
N LYS A 29 -3.26 -1.52 -4.68
CA LYS A 29 -2.73 -1.54 -6.03
C LYS A 29 -2.09 -0.20 -6.38
N ARG A 30 -2.68 0.89 -5.89
CA ARG A 30 -2.17 2.23 -6.15
C ARG A 30 -0.80 2.42 -5.48
N ILE A 31 -0.73 2.11 -4.19
CA ILE A 31 0.51 2.24 -3.45
C ILE A 31 1.63 1.41 -4.07
N ILE A 32 1.37 0.12 -4.24
CA ILE A 32 2.36 -0.78 -4.84
C ILE A 32 2.73 -0.33 -6.24
N GLU A 33 1.75 0.19 -6.98
CA GLU A 33 1.99 0.65 -8.33
C GLU A 33 2.99 1.81 -8.35
N ALA A 34 2.73 2.81 -7.53
CA ALA A 34 3.61 3.97 -7.44
C ALA A 34 5.02 3.57 -7.04
N LEU A 35 5.12 2.74 -6.00
CA LEU A 35 6.42 2.27 -5.51
C LEU A 35 7.21 1.60 -6.64
N GLU A 36 6.60 0.60 -7.28
CA GLU A 36 7.24 -0.11 -8.36
C GLU A 36 7.68 0.85 -9.47
N LYS A 37 6.83 1.82 -9.77
CA LYS A 37 7.12 2.81 -10.79
C LYS A 37 8.22 3.76 -10.34
N THR A 38 8.38 3.91 -9.03
CA THR A 38 9.39 4.79 -8.47
C THR A 38 10.68 4.02 -8.17
N GLY A 39 10.61 2.70 -8.29
CA GLY A 39 11.77 1.87 -8.02
C GLY A 39 11.84 1.40 -6.59
N TYR A 40 10.68 1.03 -6.04
CA TYR A 40 10.61 0.55 -4.67
C TYR A 40 11.08 1.62 -3.69
N VAL A 41 10.68 2.86 -3.95
CA VAL A 41 11.06 3.98 -3.09
C VAL A 41 9.85 4.56 -2.38
N LYS A 42 9.95 4.67 -1.06
CA LYS A 42 8.86 5.21 -0.25
C LYS A 42 8.70 6.71 -0.49
N SER A 43 9.80 7.45 -0.35
CA SER A 43 9.78 8.89 -0.54
C SER A 43 9.14 9.25 -1.89
N ARG A 44 9.66 8.65 -2.96
CA ARG A 44 9.15 8.90 -4.29
C ARG A 44 7.69 8.47 -4.41
N ALA A 45 7.40 7.24 -3.98
CA ALA A 45 6.05 6.72 -4.03
C ALA A 45 5.07 7.62 -3.28
N ALA A 46 5.54 8.20 -2.18
CA ALA A 46 4.71 9.09 -1.38
C ALA A 46 4.38 10.37 -2.13
N LYS A 47 5.42 11.04 -2.62
CA LYS A 47 5.25 12.28 -3.37
C LYS A 47 4.48 12.04 -4.67
N LEU A 48 4.70 10.87 -5.27
CA LEU A 48 4.02 10.51 -6.51
C LEU A 48 2.53 10.36 -6.29
N LEU A 49 2.16 9.57 -5.29
CA LEU A 49 0.76 9.34 -4.97
C LEU A 49 0.11 10.58 -4.37
N GLY A 50 0.90 11.31 -3.58
CA GLY A 50 0.39 12.52 -2.96
C GLY A 50 0.26 12.39 -1.45
N TYR A 51 0.92 11.38 -0.89
CA TYR A 51 0.88 11.14 0.54
C TYR A 51 2.25 11.35 1.18
N THR A 52 2.27 11.59 2.49
CA THR A 52 3.51 11.81 3.21
C THR A 52 4.09 10.49 3.71
N LEU A 53 5.34 10.52 4.14
CA LEU A 53 6.01 9.33 4.66
C LEU A 53 5.16 8.64 5.72
N ARG A 54 4.46 9.45 6.52
CA ARG A 54 3.60 8.91 7.57
C ARG A 54 2.42 8.15 6.99
N GLN A 55 1.70 8.79 6.07
CA GLN A 55 0.55 8.16 5.44
C GLN A 55 0.97 6.92 4.65
N LEU A 56 1.93 7.09 3.76
CA LEU A 56 2.42 5.98 2.94
C LEU A 56 2.82 4.80 3.82
N ASP A 57 3.67 5.06 4.80
CA ASP A 57 4.13 4.01 5.70
C ASP A 57 2.96 3.30 6.36
N TYR A 58 1.99 4.08 6.82
CA TYR A 58 0.80 3.52 7.47
C TYR A 58 0.07 2.55 6.54
N ARG A 59 0.02 2.90 5.26
CA ARG A 59 -0.63 2.06 4.26
C ARG A 59 0.19 0.81 3.96
N ILE A 60 1.50 1.01 3.80
CA ILE A 60 2.40 -0.10 3.51
C ILE A 60 2.29 -1.19 4.56
N LYS A 61 2.22 -0.79 5.82
CA LYS A 61 2.11 -1.73 6.93
C LYS A 61 0.70 -2.32 7.00
N LYS A 62 -0.29 -1.51 6.65
CA LYS A 62 -1.68 -1.95 6.67
C LYS A 62 -1.95 -2.98 5.58
N TYR A 63 -1.40 -2.73 4.40
CA TYR A 63 -1.58 -3.64 3.27
C TYR A 63 -0.42 -4.63 3.18
N GLY A 64 0.54 -4.49 4.10
CA GLY A 64 1.69 -5.38 4.10
C GLY A 64 2.37 -5.45 2.75
N ILE A 65 2.56 -4.30 2.12
CA ILE A 65 3.20 -4.24 0.81
C ILE A 65 4.70 -4.42 0.93
N GLU A 66 5.32 -4.93 -0.13
CA GLU A 66 6.75 -5.15 -0.15
C GLU A 66 7.47 -4.07 -0.95
N LEU A 67 8.79 -3.97 -0.76
CA LEU A 67 9.58 -2.97 -1.46
C LEU A 67 11.08 -3.18 -1.20
N LYS A 68 11.87 -3.14 -2.25
CA LYS A 68 13.31 -3.32 -2.14
C LYS A 68 13.98 -2.08 -1.55
N LYS A 69 14.16 -2.09 -0.24
CA LYS A 69 14.79 -0.96 0.45
C LYS A 69 15.37 -1.40 1.79
N PHE A 70 16.40 -0.70 2.24
CA PHE A 70 17.05 -1.02 3.50
C PHE A 70 17.47 -2.49 3.56
N THR A 1 8.95 -8.57 3.18
CA THR A 1 8.06 -9.05 4.24
C THR A 1 6.61 -8.68 3.94
N SER A 2 5.72 -9.66 4.07
CA SER A 2 4.30 -9.44 3.81
C SER A 2 3.48 -9.70 5.07
N SER A 3 2.46 -8.88 5.28
CA SER A 3 1.59 -9.02 6.45
C SER A 3 0.13 -9.14 6.02
N GLU A 4 -0.29 -10.36 5.70
CA GLU A 4 -1.65 -10.61 5.27
C GLU A 4 -2.46 -11.26 6.40
N LEU A 5 -3.71 -10.82 6.55
CA LEU A 5 -4.58 -11.35 7.59
C LEU A 5 -5.18 -12.69 7.17
N PRO A 6 -5.59 -13.50 8.15
CA PRO A 6 -6.19 -14.81 7.91
C PRO A 6 -7.57 -14.71 7.29
N GLU A 7 -8.41 -13.84 7.86
CA GLU A 7 -9.77 -13.65 7.37
C GLU A 7 -10.45 -12.49 8.08
N LEU A 8 -11.24 -11.73 7.34
CA LEU A 8 -11.95 -10.58 7.90
C LEU A 8 -12.79 -11.00 9.10
N LEU A 9 -13.41 -12.17 9.01
CA LEU A 9 -14.24 -12.68 10.09
C LEU A 9 -13.38 -13.12 11.27
N ARG A 10 -12.18 -13.57 10.99
CA ARG A 10 -11.25 -14.03 12.02
C ARG A 10 -10.79 -12.86 12.89
N LYS A 11 -10.65 -11.69 12.27
CA LYS A 11 -10.22 -10.49 12.98
C LYS A 11 -11.17 -10.17 14.13
N ARG A 12 -10.71 -10.43 15.35
CA ARG A 12 -11.52 -10.16 16.53
C ARG A 12 -10.97 -8.97 17.31
N GLU A 13 -11.66 -7.84 17.22
CA GLU A 13 -11.24 -6.63 17.91
C GLU A 13 -12.44 -5.73 18.22
N ARG A 14 -12.26 -4.82 19.17
CA ARG A 14 -13.33 -3.90 19.55
C ARG A 14 -13.48 -2.78 18.52
N LYS A 15 -14.72 -2.33 18.34
CA LYS A 15 -15.01 -1.27 17.39
C LYS A 15 -14.50 -1.63 15.99
N THR A 16 -15.04 -2.72 15.44
CA THR A 16 -14.64 -3.16 14.11
C THR A 16 -15.33 -2.35 13.02
N GLY A 17 -14.63 -2.14 11.92
CA GLY A 17 -15.19 -1.38 10.82
C GLY A 17 -14.17 -1.10 9.72
N ASP A 18 -13.34 -2.09 9.44
CA ASP A 18 -12.31 -1.95 8.41
C ASP A 18 -12.95 -1.76 7.04
N LEU A 19 -12.11 -1.53 6.03
CA LEU A 19 -12.59 -1.32 4.67
C LEU A 19 -12.87 -2.66 3.99
N PRO A 20 -13.70 -2.61 2.94
CA PRO A 20 -14.07 -3.81 2.17
C PRO A 20 -12.91 -4.36 1.35
N LYS A 21 -13.21 -5.31 0.47
CA LYS A 21 -12.19 -5.91 -0.38
C LYS A 21 -11.94 -5.05 -1.62
N PHE A 22 -12.99 -4.43 -2.12
CA PHE A 22 -12.88 -3.58 -3.31
C PHE A 22 -12.00 -2.37 -3.03
N ILE A 23 -12.10 -1.84 -1.82
CA ILE A 23 -11.32 -0.67 -1.42
C ILE A 23 -9.89 -1.06 -1.08
N GLU A 24 -9.74 -2.09 -0.26
CA GLU A 24 -8.42 -2.57 0.14
C GLU A 24 -7.63 -3.06 -1.07
N GLU A 25 -8.35 -3.57 -2.07
CA GLU A 25 -7.72 -4.08 -3.28
C GLU A 25 -7.24 -2.93 -4.17
N THR A 26 -8.12 -1.96 -4.39
CA THR A 26 -7.80 -0.81 -5.23
C THR A 26 -6.77 0.09 -4.55
N GLU A 27 -6.84 0.17 -3.22
CA GLU A 27 -5.91 0.99 -2.45
C GLU A 27 -4.53 0.36 -2.41
N LYS A 28 -4.48 -0.93 -2.06
CA LYS A 28 -3.21 -1.65 -1.98
C LYS A 28 -2.52 -1.69 -3.34
N LYS A 29 -3.30 -1.96 -4.39
CA LYS A 29 -2.76 -2.03 -5.74
C LYS A 29 -2.17 -0.68 -6.15
N ARG A 30 -2.83 0.40 -5.73
CA ARG A 30 -2.37 1.74 -6.06
C ARG A 30 -1.03 2.04 -5.38
N ILE A 31 -0.97 1.79 -4.08
CA ILE A 31 0.25 2.04 -3.32
C ILE A 31 1.42 1.25 -3.89
N ILE A 32 1.25 -0.06 -4.01
CA ILE A 32 2.30 -0.92 -4.54
C ILE A 32 2.67 -0.52 -5.96
N GLU A 33 1.66 -0.12 -6.73
CA GLU A 33 1.88 0.29 -8.12
C GLU A 33 2.81 1.51 -8.18
N ALA A 34 2.48 2.54 -7.41
CA ALA A 34 3.28 3.75 -7.38
C ALA A 34 4.69 3.47 -6.92
N LEU A 35 4.83 2.61 -5.90
CA LEU A 35 6.14 2.26 -5.37
C LEU A 35 7.01 1.63 -6.45
N GLU A 36 6.50 0.58 -7.09
CA GLU A 36 7.23 -0.10 -8.14
C GLU A 36 7.58 0.85 -9.28
N LYS A 37 6.65 1.76 -9.58
CA LYS A 37 6.85 2.73 -10.65
C LYS A 37 7.84 3.82 -10.22
N THR A 38 7.98 4.00 -8.91
CA THR A 38 8.90 5.00 -8.37
C THR A 38 10.27 4.38 -8.08
N GLY A 39 10.31 3.06 -8.03
CA GLY A 39 11.56 2.37 -7.76
C GLY A 39 11.67 1.90 -6.32
N TYR A 40 10.55 1.42 -5.79
CA TYR A 40 10.50 0.95 -4.41
C TYR A 40 10.90 2.06 -3.43
N VAL A 41 10.63 3.29 -3.82
CA VAL A 41 10.95 4.44 -2.99
C VAL A 41 9.71 4.97 -2.28
N LYS A 42 9.78 5.09 -0.96
CA LYS A 42 8.66 5.58 -0.17
C LYS A 42 8.42 7.07 -0.42
N SER A 43 9.50 7.84 -0.42
CA SER A 43 9.42 9.28 -0.65
C SER A 43 8.76 9.57 -2.01
N ARG A 44 9.30 8.98 -3.06
CA ARG A 44 8.77 9.17 -4.40
C ARG A 44 7.34 8.65 -4.50
N ALA A 45 7.11 7.48 -3.93
CA ALA A 45 5.78 6.86 -3.95
C ALA A 45 4.76 7.74 -3.24
N ALA A 46 5.15 8.30 -2.10
CA ALA A 46 4.27 9.15 -1.32
C ALA A 46 3.88 10.40 -2.10
N LYS A 47 4.89 11.12 -2.60
CA LYS A 47 4.65 12.33 -3.38
C LYS A 47 3.85 12.03 -4.63
N LEU A 48 4.06 10.85 -5.20
CA LEU A 48 3.35 10.44 -6.41
C LEU A 48 1.89 10.12 -6.09
N LEU A 49 1.68 9.29 -5.07
CA LEU A 49 0.33 8.91 -4.67
C LEU A 49 -0.42 10.11 -4.08
N GLY A 50 0.33 11.09 -3.60
CA GLY A 50 -0.28 12.28 -3.03
C GLY A 50 -0.39 12.20 -1.52
N TYR A 51 0.34 11.25 -0.93
CA TYR A 51 0.33 11.06 0.52
C TYR A 51 1.70 11.35 1.12
N THR A 52 1.73 11.60 2.43
CA THR A 52 2.98 11.89 3.12
C THR A 52 3.65 10.61 3.62
N LEU A 53 4.91 10.72 3.98
CA LEU A 53 5.67 9.56 4.47
C LEU A 53 4.90 8.83 5.56
N ARG A 54 4.22 9.60 6.41
CA ARG A 54 3.45 9.02 7.51
C ARG A 54 2.27 8.21 6.97
N GLN A 55 1.49 8.82 6.09
CA GLN A 55 0.33 8.15 5.50
C GLN A 55 0.76 6.91 4.74
N LEU A 56 1.68 7.09 3.81
CA LEU A 56 2.18 5.97 2.99
C LEU A 56 2.62 4.82 3.88
N ASP A 57 3.50 5.11 4.84
CA ASP A 57 4.00 4.08 5.75
C ASP A 57 2.85 3.35 6.42
N TYR A 58 1.84 4.10 6.87
CA TYR A 58 0.68 3.51 7.54
C TYR A 58 -0.04 2.54 6.62
N ARG A 59 -0.10 2.88 5.33
CA ARG A 59 -0.76 2.04 4.35
C ARG A 59 0.08 0.81 4.03
N ILE A 60 1.39 1.00 3.93
CA ILE A 60 2.30 -0.10 3.64
C ILE A 60 2.22 -1.18 4.71
N LYS A 61 2.15 -0.76 5.97
CA LYS A 61 2.07 -1.69 7.08
C LYS A 61 0.68 -2.32 7.17
N LYS A 62 -0.34 -1.53 6.86
CA LYS A 62 -1.72 -2.02 6.89
C LYS A 62 -1.96 -3.04 5.78
N TYR A 63 -1.47 -2.73 4.59
CA TYR A 63 -1.64 -3.63 3.45
C TYR A 63 -0.47 -4.62 3.35
N GLY A 64 0.49 -4.47 4.27
CA GLY A 64 1.64 -5.36 4.26
C GLY A 64 2.31 -5.43 2.92
N ILE A 65 2.49 -4.27 2.28
CA ILE A 65 3.13 -4.22 0.97
C ILE A 65 4.65 -4.39 1.08
N GLU A 66 5.26 -4.88 0.01
CA GLU A 66 6.71 -5.09 0.00
C GLU A 66 7.42 -3.96 -0.74
N LEU A 67 8.72 -3.84 -0.52
CA LEU A 67 9.51 -2.80 -1.17
C LEU A 67 10.99 -2.98 -0.87
N LYS A 68 11.82 -2.83 -1.91
CA LYS A 68 13.27 -2.98 -1.76
C LYS A 68 13.96 -1.62 -1.82
N LYS A 69 14.46 -1.15 -0.68
CA LYS A 69 15.14 0.13 -0.61
C LYS A 69 16.21 0.11 0.49
N PHE A 70 17.40 0.57 0.15
CA PHE A 70 18.50 0.61 1.11
C PHE A 70 18.30 1.74 2.12
N THR A 1 10.71 4.45 17.45
CA THR A 1 9.51 3.92 16.81
C THR A 1 9.45 2.40 16.91
N SER A 2 10.55 1.74 16.58
CA SER A 2 10.62 0.28 16.64
C SER A 2 10.65 -0.20 18.09
N SER A 3 11.50 0.42 18.89
CA SER A 3 11.63 0.05 20.31
C SER A 3 11.97 -1.43 20.45
N GLU A 4 12.67 -1.97 19.46
CA GLU A 4 13.06 -3.38 19.47
C GLU A 4 11.82 -4.28 19.52
N LEU A 5 10.77 -3.87 18.83
CA LEU A 5 9.53 -4.64 18.80
C LEU A 5 9.67 -5.85 17.87
N PRO A 6 8.82 -6.86 18.09
CA PRO A 6 8.81 -8.07 17.28
C PRO A 6 8.31 -7.83 15.86
N GLU A 7 7.99 -8.92 15.15
CA GLU A 7 7.50 -8.82 13.79
C GLU A 7 6.12 -9.45 13.66
N LEU A 8 5.37 -9.46 14.77
CA LEU A 8 4.04 -10.04 14.78
C LEU A 8 3.06 -9.16 14.00
N LEU A 9 3.23 -7.85 14.12
CA LEU A 9 2.36 -6.90 13.42
C LEU A 9 2.56 -6.99 11.91
N ARG A 10 3.78 -7.30 11.49
CA ARG A 10 4.09 -7.42 10.08
C ARG A 10 3.32 -8.56 9.43
N LYS A 11 2.96 -9.55 10.24
CA LYS A 11 2.21 -10.70 9.76
C LYS A 11 0.94 -10.91 10.59
N ARG A 12 -0.17 -10.37 10.09
CA ARG A 12 -1.45 -10.50 10.78
C ARG A 12 -2.59 -9.95 9.93
N GLU A 13 -3.68 -10.69 9.84
CA GLU A 13 -4.84 -10.27 9.07
C GLU A 13 -5.78 -9.41 9.91
N ARG A 14 -6.15 -8.26 9.37
CA ARG A 14 -7.05 -7.34 10.07
C ARG A 14 -8.09 -6.76 9.11
N LYS A 15 -9.31 -6.59 9.61
CA LYS A 15 -10.39 -6.04 8.80
C LYS A 15 -11.41 -5.32 9.68
N THR A 16 -12.03 -4.28 9.13
CA THR A 16 -13.02 -3.50 9.86
C THR A 16 -14.30 -3.35 9.05
N GLY A 17 -15.26 -2.63 9.61
CA GLY A 17 -16.53 -2.42 8.92
C GLY A 17 -16.36 -1.67 7.62
N ASP A 18 -15.85 -0.45 7.69
CA ASP A 18 -15.64 0.37 6.50
C ASP A 18 -14.30 0.03 5.83
N LEU A 19 -14.28 -1.10 5.12
CA LEU A 19 -13.06 -1.54 4.44
C LEU A 19 -13.33 -2.79 3.61
N PRO A 20 -14.02 -2.61 2.48
CA PRO A 20 -14.36 -3.70 1.57
C PRO A 20 -13.14 -4.25 0.85
N LYS A 21 -13.37 -5.16 -0.09
CA LYS A 21 -12.28 -5.76 -0.86
C LYS A 21 -11.92 -4.89 -2.07
N PHE A 22 -12.92 -4.20 -2.61
CA PHE A 22 -12.70 -3.33 -3.76
C PHE A 22 -11.81 -2.15 -3.39
N ILE A 23 -11.95 -1.68 -2.15
CA ILE A 23 -11.16 -0.55 -1.68
C ILE A 23 -9.74 -0.99 -1.31
N GLU A 24 -9.65 -2.05 -0.52
CA GLU A 24 -8.35 -2.57 -0.10
C GLU A 24 -7.55 -3.07 -1.29
N GLU A 25 -8.25 -3.52 -2.32
CA GLU A 25 -7.61 -4.02 -3.53
C GLU A 25 -7.08 -2.88 -4.39
N THR A 26 -7.92 -1.87 -4.59
CA THR A 26 -7.54 -0.72 -5.39
C THR A 26 -6.51 0.15 -4.67
N GLU A 27 -6.61 0.18 -3.34
CA GLU A 27 -5.69 0.98 -2.53
C GLU A 27 -4.32 0.31 -2.47
N LYS A 28 -4.31 -0.98 -2.14
CA LYS A 28 -3.06 -1.74 -2.05
C LYS A 28 -2.35 -1.78 -3.40
N LYS A 29 -3.11 -2.02 -4.46
CA LYS A 29 -2.56 -2.08 -5.81
C LYS A 29 -1.97 -0.74 -6.21
N ARG A 30 -2.62 0.34 -5.79
CA ARG A 30 -2.16 1.69 -6.12
C ARG A 30 -0.83 1.98 -5.43
N ILE A 31 -0.76 1.69 -4.13
CA ILE A 31 0.45 1.93 -3.36
C ILE A 31 1.62 1.12 -3.91
N ILE A 32 1.43 -0.19 -4.03
CA ILE A 32 2.47 -1.07 -4.55
C ILE A 32 2.87 -0.67 -5.97
N GLU A 33 1.89 -0.25 -6.76
CA GLU A 33 2.14 0.16 -8.14
C GLU A 33 3.08 1.36 -8.18
N ALA A 34 2.73 2.40 -7.42
CA ALA A 34 3.54 3.61 -7.37
C ALA A 34 4.96 3.31 -6.90
N LEU A 35 5.08 2.52 -5.84
CA LEU A 35 6.38 2.15 -5.29
C LEU A 35 7.24 1.47 -6.36
N GLU A 36 6.71 0.43 -6.96
CA GLU A 36 7.43 -0.31 -7.99
C GLU A 36 7.80 0.60 -9.16
N LYS A 37 6.91 1.54 -9.48
CA LYS A 37 7.15 2.48 -10.56
C LYS A 37 8.17 3.53 -10.16
N THR A 38 8.32 3.75 -8.85
CA THR A 38 9.27 4.73 -8.34
C THR A 38 10.60 4.08 -8.01
N GLY A 39 10.61 2.74 -7.96
CA GLY A 39 11.83 2.03 -7.65
C GLY A 39 11.91 1.60 -6.20
N TYR A 40 10.78 1.20 -5.64
CA TYR A 40 10.73 0.78 -4.24
C TYR A 40 11.16 1.90 -3.31
N VAL A 41 10.90 3.14 -3.73
CA VAL A 41 11.26 4.30 -2.93
C VAL A 41 10.04 4.89 -2.22
N LYS A 42 10.12 4.96 -0.90
CA LYS A 42 9.03 5.51 -0.10
C LYS A 42 8.82 6.99 -0.39
N SER A 43 9.91 7.75 -0.39
CA SER A 43 9.84 9.18 -0.66
C SER A 43 9.15 9.46 -1.98
N ARG A 44 9.63 8.82 -3.04
CA ARG A 44 9.06 9.00 -4.38
C ARG A 44 7.64 8.46 -4.42
N ALA A 45 7.44 7.24 -3.93
CA ALA A 45 6.13 6.62 -3.93
C ALA A 45 5.10 7.53 -3.26
N ALA A 46 5.45 8.04 -2.08
CA ALA A 46 4.55 8.92 -1.33
C ALA A 46 4.25 10.19 -2.11
N LYS A 47 5.30 10.86 -2.57
CA LYS A 47 5.15 12.09 -3.33
C LYS A 47 4.33 11.85 -4.60
N LEU A 48 4.47 10.65 -5.17
CA LEU A 48 3.74 10.28 -6.38
C LEU A 48 2.27 10.02 -6.07
N LEU A 49 2.01 9.20 -5.07
CA LEU A 49 0.65 8.87 -4.67
C LEU A 49 -0.05 10.08 -4.05
N GLY A 50 0.75 11.06 -3.64
CA GLY A 50 0.19 12.26 -3.03
C GLY A 50 0.00 12.12 -1.53
N TYR A 51 0.70 11.16 -0.94
CA TYR A 51 0.60 10.92 0.50
C TYR A 51 1.94 11.16 1.19
N THR A 52 1.89 11.41 2.49
CA THR A 52 3.10 11.66 3.27
C THR A 52 3.69 10.35 3.80
N LEU A 53 4.91 10.43 4.31
CA LEU A 53 5.60 9.25 4.86
C LEU A 53 4.69 8.53 5.86
N ARG A 54 3.95 9.30 6.65
CA ARG A 54 3.06 8.72 7.64
C ARG A 54 1.93 7.94 6.98
N GLN A 55 1.26 8.57 6.02
CA GLN A 55 0.16 7.92 5.31
C GLN A 55 0.66 6.69 4.55
N LEU A 56 1.66 6.90 3.70
CA LEU A 56 2.22 5.81 2.91
C LEU A 56 2.63 4.64 3.80
N ASP A 57 3.45 4.94 4.81
CA ASP A 57 3.92 3.92 5.74
C ASP A 57 2.74 3.14 6.34
N TYR A 58 1.72 3.88 6.77
CA TYR A 58 0.54 3.27 7.36
C TYR A 58 -0.10 2.28 6.39
N ARG A 59 -0.09 2.63 5.11
CA ARG A 59 -0.67 1.77 4.08
C ARG A 59 0.18 0.53 3.85
N ILE A 60 1.50 0.70 3.88
CA ILE A 60 2.42 -0.39 3.67
C ILE A 60 2.29 -1.44 4.78
N LYS A 61 2.12 -0.97 6.01
CA LYS A 61 1.97 -1.86 7.16
C LYS A 61 0.59 -2.51 7.17
N LYS A 62 -0.43 -1.72 6.83
CA LYS A 62 -1.80 -2.20 6.81
C LYS A 62 -1.98 -3.23 5.69
N TYR A 63 -1.46 -2.92 4.51
CA TYR A 63 -1.57 -3.81 3.36
C TYR A 63 -0.40 -4.78 3.31
N GLY A 64 0.51 -4.65 4.27
CA GLY A 64 1.67 -5.52 4.32
C GLY A 64 2.40 -5.58 3.00
N ILE A 65 2.56 -4.43 2.36
CA ILE A 65 3.25 -4.35 1.07
C ILE A 65 4.76 -4.46 1.25
N GLU A 66 5.44 -4.94 0.21
CA GLU A 66 6.88 -5.10 0.25
C GLU A 66 7.58 -3.98 -0.52
N LEU A 67 8.89 -3.86 -0.32
CA LEU A 67 9.67 -2.82 -0.99
C LEU A 67 11.16 -3.00 -0.71
N LYS A 68 11.97 -2.90 -1.76
CA LYS A 68 13.41 -3.05 -1.64
C LYS A 68 14.09 -1.68 -1.54
N LYS A 69 14.68 -1.40 -0.38
CA LYS A 69 15.37 -0.14 -0.16
C LYS A 69 16.73 -0.36 0.48
N PHE A 70 17.73 0.39 0.03
CA PHE A 70 19.08 0.27 0.56
C PHE A 70 19.29 1.23 1.72
N THR A 1 8.46 30.44 -5.83
CA THR A 1 7.80 29.17 -6.08
C THR A 1 7.07 28.68 -4.84
N SER A 2 6.38 29.58 -4.17
CA SER A 2 5.64 29.24 -2.96
C SER A 2 4.13 29.30 -3.21
N SER A 3 3.50 28.13 -3.23
CA SER A 3 2.06 28.05 -3.46
C SER A 3 1.28 28.47 -2.22
N GLU A 4 0.18 29.17 -2.43
CA GLU A 4 -0.66 29.63 -1.33
C GLU A 4 -1.52 28.51 -0.78
N LEU A 5 -2.31 27.88 -1.65
CA LEU A 5 -3.18 26.79 -1.26
C LEU A 5 -2.57 25.44 -1.64
N PRO A 6 -3.00 24.38 -0.96
CA PRO A 6 -2.52 23.02 -1.21
C PRO A 6 -2.99 22.47 -2.55
N GLU A 7 -2.86 21.17 -2.73
CA GLU A 7 -3.27 20.53 -3.98
C GLU A 7 -4.53 19.68 -3.76
N LEU A 8 -5.45 20.21 -2.96
CA LEU A 8 -6.69 19.49 -2.67
C LEU A 8 -7.44 19.16 -3.96
N LEU A 9 -7.36 20.05 -4.94
CA LEU A 9 -8.03 19.85 -6.22
C LEU A 9 -7.56 18.56 -6.87
N ARG A 10 -6.28 18.26 -6.73
CA ARG A 10 -5.71 17.05 -7.32
C ARG A 10 -6.30 15.80 -6.67
N LYS A 11 -6.62 15.90 -5.38
CA LYS A 11 -7.19 14.78 -4.64
C LYS A 11 -8.11 15.28 -3.53
N ARG A 12 -9.38 14.95 -3.62
CA ARG A 12 -10.36 15.36 -2.62
C ARG A 12 -10.47 14.32 -1.51
N GLU A 13 -11.04 14.73 -0.38
CA GLU A 13 -11.20 13.83 0.76
C GLU A 13 -12.12 12.66 0.41
N ARG A 14 -12.21 11.69 1.31
CA ARG A 14 -13.05 10.52 1.09
C ARG A 14 -14.10 10.40 2.19
N LYS A 15 -15.20 11.13 2.03
CA LYS A 15 -16.28 11.10 3.01
C LYS A 15 -16.72 9.68 3.29
N THR A 16 -16.56 8.79 2.31
CA THR A 16 -16.94 7.40 2.46
C THR A 16 -16.32 6.79 3.71
N GLY A 17 -17.09 5.95 4.40
CA GLY A 17 -16.60 5.32 5.62
C GLY A 17 -16.29 3.86 5.42
N ASP A 18 -17.20 3.15 4.74
CA ASP A 18 -17.02 1.73 4.49
C ASP A 18 -15.66 1.45 3.85
N LEU A 19 -15.19 0.21 3.98
CA LEU A 19 -13.91 -0.18 3.42
C LEU A 19 -13.98 -1.58 2.81
N PRO A 20 -14.71 -1.70 1.70
CA PRO A 20 -14.88 -2.98 0.99
C PRO A 20 -13.59 -3.43 0.30
N LYS A 21 -13.62 -4.64 -0.25
CA LYS A 21 -12.45 -5.19 -0.93
C LYS A 21 -12.06 -4.31 -2.12
N PHE A 22 -13.04 -3.61 -2.68
CA PHE A 22 -12.81 -2.73 -3.83
C PHE A 22 -11.88 -1.59 -3.45
N ILE A 23 -11.99 -1.13 -2.20
CA ILE A 23 -11.16 -0.03 -1.72
C ILE A 23 -9.75 -0.51 -1.37
N GLU A 24 -9.68 -1.57 -0.58
CA GLU A 24 -8.40 -2.14 -0.18
C GLU A 24 -7.62 -2.65 -1.38
N GLU A 25 -8.35 -3.08 -2.42
CA GLU A 25 -7.72 -3.59 -3.63
C GLU A 25 -7.18 -2.45 -4.48
N THR A 26 -7.98 -1.42 -4.68
CA THR A 26 -7.58 -0.27 -5.47
C THR A 26 -6.52 0.55 -4.74
N GLU A 27 -6.60 0.59 -3.42
CA GLU A 27 -5.65 1.33 -2.61
C GLU A 27 -4.30 0.63 -2.57
N LYS A 28 -4.32 -0.66 -2.26
CA LYS A 28 -3.10 -1.46 -2.20
C LYS A 28 -2.41 -1.53 -3.56
N LYS A 29 -3.21 -1.75 -4.60
CA LYS A 29 -2.69 -1.83 -5.96
C LYS A 29 -1.98 -0.54 -6.35
N ARG A 30 -2.57 0.60 -5.96
CA ARG A 30 -2.00 1.90 -6.26
C ARG A 30 -0.68 2.11 -5.55
N ILE A 31 -0.68 1.87 -4.23
CA ILE A 31 0.52 2.03 -3.43
C ILE A 31 1.68 1.21 -3.98
N ILE A 32 1.44 -0.08 -4.14
CA ILE A 32 2.47 -0.98 -4.67
C ILE A 32 2.86 -0.59 -6.09
N GLU A 33 1.88 -0.14 -6.87
CA GLU A 33 2.13 0.27 -8.24
C GLU A 33 3.10 1.44 -8.30
N ALA A 34 2.80 2.48 -7.52
CA ALA A 34 3.65 3.67 -7.48
C ALA A 34 5.04 3.33 -6.96
N LEU A 35 5.10 2.47 -5.96
CA LEU A 35 6.37 2.07 -5.36
C LEU A 35 7.27 1.40 -6.41
N GLU A 36 6.75 0.37 -7.07
CA GLU A 36 7.50 -0.34 -8.09
C GLU A 36 7.88 0.59 -9.24
N LYS A 37 6.98 1.51 -9.56
CA LYS A 37 7.21 2.46 -10.65
C LYS A 37 8.24 3.52 -10.22
N THR A 38 8.35 3.73 -8.91
CA THR A 38 9.29 4.70 -8.37
C THR A 38 10.63 4.07 -8.05
N GLY A 39 10.65 2.74 -7.97
CA GLY A 39 11.88 2.03 -7.66
C GLY A 39 11.95 1.61 -6.20
N TYR A 40 10.82 1.20 -5.65
CA TYR A 40 10.78 0.77 -4.26
C TYR A 40 11.22 1.89 -3.32
N VAL A 41 10.59 3.05 -3.45
CA VAL A 41 10.92 4.20 -2.62
C VAL A 41 9.66 4.81 -2.01
N LYS A 42 9.42 4.53 -0.74
CA LYS A 42 8.26 5.06 -0.03
C LYS A 42 8.18 6.56 -0.20
N SER A 43 9.33 7.21 -0.33
CA SER A 43 9.39 8.66 -0.48
C SER A 43 8.82 9.08 -1.83
N ARG A 44 9.35 8.50 -2.90
CA ARG A 44 8.90 8.81 -4.25
C ARG A 44 7.45 8.38 -4.46
N ALA A 45 7.12 7.19 -3.96
CA ALA A 45 5.76 6.66 -4.09
C ALA A 45 4.76 7.55 -3.35
N ALA A 46 5.13 7.98 -2.15
CA ALA A 46 4.26 8.83 -1.34
C ALA A 46 4.00 10.15 -2.03
N LYS A 47 5.07 10.84 -2.43
CA LYS A 47 4.96 12.12 -3.10
C LYS A 47 4.20 11.98 -4.41
N LEU A 48 4.39 10.84 -5.09
CA LEU A 48 3.72 10.59 -6.36
C LEU A 48 2.22 10.38 -6.16
N LEU A 49 1.88 9.49 -5.23
CA LEU A 49 0.48 9.18 -4.93
C LEU A 49 -0.21 10.40 -4.33
N GLY A 50 0.56 11.25 -3.66
CA GLY A 50 -0.01 12.44 -3.04
C GLY A 50 -0.20 12.28 -1.55
N TYR A 51 0.45 11.27 -0.98
CA TYR A 51 0.34 11.01 0.45
C TYR A 51 1.67 11.26 1.16
N THR A 52 1.61 11.44 2.47
CA THR A 52 2.81 11.68 3.26
C THR A 52 3.44 10.38 3.73
N LEU A 53 4.69 10.45 4.19
CA LEU A 53 5.40 9.28 4.67
C LEU A 53 4.56 8.52 5.69
N ARG A 54 3.82 9.25 6.51
CA ARG A 54 2.97 8.64 7.53
C ARG A 54 1.83 7.85 6.89
N GLN A 55 1.11 8.50 5.97
CA GLN A 55 -0.01 7.85 5.29
C GLN A 55 0.47 6.62 4.52
N LEU A 56 1.45 6.82 3.64
CA LEU A 56 1.98 5.73 2.84
C LEU A 56 2.43 4.56 3.73
N ASP A 57 3.25 4.88 4.73
CA ASP A 57 3.75 3.87 5.65
C ASP A 57 2.60 3.08 6.26
N TYR A 58 1.57 3.79 6.70
CA TYR A 58 0.41 3.16 7.31
C TYR A 58 -0.25 2.17 6.35
N ARG A 59 -0.25 2.53 5.07
CA ARG A 59 -0.85 1.67 4.05
C ARG A 59 0.01 0.43 3.80
N ILE A 60 1.33 0.63 3.82
CA ILE A 60 2.27 -0.47 3.60
C ILE A 60 2.15 -1.53 4.70
N LYS A 61 2.01 -1.07 5.94
CA LYS A 61 1.87 -1.97 7.08
C LYS A 61 0.50 -2.62 7.10
N LYS A 62 -0.53 -1.85 6.77
CA LYS A 62 -1.90 -2.35 6.76
C LYS A 62 -2.09 -3.35 5.62
N TYR A 63 -1.56 -3.03 4.46
CA TYR A 63 -1.67 -3.90 3.29
C TYR A 63 -0.52 -4.90 3.25
N GLY A 64 0.40 -4.78 4.20
CA GLY A 64 1.53 -5.69 4.26
C GLY A 64 2.28 -5.76 2.94
N ILE A 65 2.49 -4.61 2.31
CA ILE A 65 3.20 -4.55 1.04
C ILE A 65 4.70 -4.69 1.23
N GLU A 66 5.39 -5.20 0.21
CA GLU A 66 6.82 -5.38 0.26
C GLU A 66 7.55 -4.27 -0.49
N LEU A 67 8.86 -4.19 -0.32
CA LEU A 67 9.67 -3.18 -0.98
C LEU A 67 11.16 -3.41 -0.72
N LYS A 68 11.96 -3.26 -1.77
CA LYS A 68 13.40 -3.45 -1.66
C LYS A 68 13.97 -2.64 -0.49
N LYS A 69 13.87 -1.32 -0.59
CA LYS A 69 14.37 -0.44 0.47
C LYS A 69 13.81 -0.84 1.82
N PHE A 70 14.33 -0.23 2.88
CA PHE A 70 13.89 -0.52 4.24
C PHE A 70 13.95 -2.01 4.53
N THR A 1 -26.28 -3.33 -28.11
CA THR A 1 -25.48 -2.53 -27.19
C THR A 1 -25.39 -3.19 -25.82
N SER A 2 -24.23 -3.05 -25.18
CA SER A 2 -24.01 -3.63 -23.86
C SER A 2 -24.34 -5.11 -23.86
N SER A 3 -24.17 -5.75 -25.02
CA SER A 3 -24.45 -7.18 -25.15
C SER A 3 -23.51 -8.01 -24.27
N GLU A 4 -24.11 -8.82 -23.40
CA GLU A 4 -23.32 -9.66 -22.50
C GLU A 4 -23.52 -11.14 -22.83
N LEU A 5 -22.95 -11.57 -23.95
CA LEU A 5 -23.06 -12.96 -24.38
C LEU A 5 -21.97 -13.82 -23.74
N PRO A 6 -22.23 -15.14 -23.66
CA PRO A 6 -21.28 -16.09 -23.08
C PRO A 6 -20.05 -16.29 -23.95
N GLU A 7 -20.13 -15.81 -25.19
CA GLU A 7 -19.02 -15.94 -26.13
C GLU A 7 -17.72 -15.43 -25.50
N LEU A 8 -16.77 -16.35 -25.29
CA LEU A 8 -15.49 -15.99 -24.70
C LEU A 8 -14.83 -14.85 -25.47
N LEU A 9 -15.09 -14.80 -26.78
CA LEU A 9 -14.52 -13.77 -27.63
C LEU A 9 -14.87 -12.37 -27.10
N ARG A 10 -16.00 -12.28 -26.40
CA ARG A 10 -16.45 -11.02 -25.84
C ARG A 10 -15.53 -10.57 -24.71
N LYS A 11 -14.84 -11.52 -24.10
CA LYS A 11 -13.92 -11.23 -23.00
C LYS A 11 -14.67 -10.61 -21.82
N ARG A 12 -15.17 -11.48 -20.94
CA ARG A 12 -15.90 -11.02 -19.76
C ARG A 12 -14.97 -10.34 -18.77
N GLU A 13 -15.53 -9.85 -17.67
CA GLU A 13 -14.75 -9.18 -16.64
C GLU A 13 -15.42 -9.30 -15.28
N ARG A 14 -14.76 -10.00 -14.36
CA ARG A 14 -15.30 -10.19 -13.01
C ARG A 14 -15.44 -8.87 -12.29
N LYS A 15 -16.65 -8.32 -12.28
CA LYS A 15 -16.93 -7.05 -11.62
C LYS A 15 -16.75 -7.18 -10.11
N THR A 16 -16.24 -6.12 -9.49
CA THR A 16 -16.02 -6.11 -8.05
C THR A 16 -17.20 -5.49 -7.32
N GLY A 17 -17.92 -4.62 -8.01
CA GLY A 17 -19.07 -3.97 -7.41
C GLY A 17 -18.67 -2.83 -6.48
N ASP A 18 -19.39 -2.71 -5.37
CA ASP A 18 -19.11 -1.66 -4.39
C ASP A 18 -18.78 -2.26 -3.02
N LEU A 19 -18.27 -3.49 -3.03
CA LEU A 19 -17.92 -4.18 -1.79
C LEU A 19 -16.82 -3.43 -1.05
N PRO A 20 -16.70 -3.69 0.26
CA PRO A 20 -15.69 -3.06 1.11
C PRO A 20 -14.28 -3.54 0.80
N LYS A 21 -14.19 -4.70 0.14
CA LYS A 21 -12.90 -5.27 -0.22
C LYS A 21 -12.27 -4.50 -1.38
N PHE A 22 -13.11 -3.95 -2.25
CA PHE A 22 -12.63 -3.19 -3.39
C PHE A 22 -11.94 -1.90 -2.95
N ILE A 23 -12.43 -1.32 -1.86
CA ILE A 23 -11.86 -0.10 -1.32
C ILE A 23 -10.49 -0.35 -0.72
N GLU A 24 -10.40 -1.33 0.16
CA GLU A 24 -9.14 -1.67 0.81
C GLU A 24 -8.09 -2.07 -0.22
N GLU A 25 -8.48 -2.93 -1.16
CA GLU A 25 -7.58 -3.38 -2.21
C GLU A 25 -7.22 -2.25 -3.16
N THR A 26 -8.16 -1.32 -3.34
CA THR A 26 -7.96 -0.18 -4.23
C THR A 26 -6.75 0.64 -3.79
N GLU A 27 -6.64 0.88 -2.48
CA GLU A 27 -5.54 1.65 -1.94
C GLU A 27 -4.22 0.89 -2.05
N LYS A 28 -4.25 -0.37 -1.60
CA LYS A 28 -3.06 -1.21 -1.64
C LYS A 28 -2.49 -1.28 -3.06
N LYS A 29 -3.38 -1.34 -4.05
CA LYS A 29 -2.96 -1.39 -5.44
C LYS A 29 -2.24 -0.11 -5.85
N ARG A 30 -2.75 1.03 -5.38
CA ARG A 30 -2.16 2.33 -5.69
C ARG A 30 -0.79 2.46 -5.05
N ILE A 31 -0.67 2.05 -3.80
CA ILE A 31 0.59 2.13 -3.08
C ILE A 31 1.66 1.26 -3.74
N ILE A 32 1.33 -0.01 -3.95
CA ILE A 32 2.26 -0.94 -4.58
C ILE A 32 2.59 -0.52 -6.00
N GLU A 33 1.59 0.02 -6.70
CA GLU A 33 1.78 0.49 -8.08
C GLU A 33 2.77 1.64 -8.14
N ALA A 34 2.55 2.66 -7.32
CA ALA A 34 3.42 3.82 -7.27
C ALA A 34 4.84 3.42 -6.88
N LEU A 35 4.95 2.58 -5.87
CA LEU A 35 6.25 2.12 -5.39
C LEU A 35 7.03 1.44 -6.51
N GLU A 36 6.42 0.44 -7.12
CA GLU A 36 7.06 -0.30 -8.22
C GLU A 36 7.43 0.65 -9.35
N LYS A 37 6.57 1.62 -9.62
CA LYS A 37 6.81 2.59 -10.69
C LYS A 37 7.90 3.57 -10.29
N THR A 38 8.09 3.75 -8.98
CA THR A 38 9.12 4.65 -8.47
C THR A 38 10.43 3.93 -8.22
N GLY A 39 10.37 2.60 -8.23
CA GLY A 39 11.57 1.81 -7.99
C GLY A 39 11.68 1.33 -6.56
N TYR A 40 10.55 0.95 -5.98
CA TYR A 40 10.52 0.49 -4.60
C TYR A 40 11.03 1.56 -3.64
N VAL A 41 10.45 2.76 -3.76
CA VAL A 41 10.84 3.88 -2.90
C VAL A 41 9.62 4.49 -2.21
N LYS A 42 9.66 4.53 -0.88
CA LYS A 42 8.56 5.07 -0.10
C LYS A 42 8.44 6.57 -0.32
N SER A 43 9.57 7.27 -0.29
CA SER A 43 9.58 8.72 -0.49
C SER A 43 8.95 9.09 -1.82
N ARG A 44 9.42 8.47 -2.90
CA ARG A 44 8.90 8.74 -4.23
C ARG A 44 7.43 8.33 -4.33
N ALA A 45 7.14 7.12 -3.89
CA ALA A 45 5.77 6.60 -3.93
C ALA A 45 4.83 7.51 -3.16
N ALA A 46 5.31 8.07 -2.06
CA ALA A 46 4.51 8.96 -1.23
C ALA A 46 4.20 10.26 -1.96
N LYS A 47 5.24 10.91 -2.45
CA LYS A 47 5.08 12.17 -3.17
C LYS A 47 4.28 11.97 -4.46
N LEU A 48 4.48 10.82 -5.10
CA LEU A 48 3.78 10.50 -6.34
C LEU A 48 2.29 10.30 -6.08
N LEU A 49 1.97 9.47 -5.08
CA LEU A 49 0.58 9.20 -4.73
C LEU A 49 -0.08 10.43 -4.13
N GLY A 50 0.70 11.23 -3.41
CA GLY A 50 0.17 12.44 -2.79
C GLY A 50 0.06 12.31 -1.28
N TYR A 51 0.74 11.32 -0.72
CA TYR A 51 0.71 11.10 0.72
C TYR A 51 2.08 11.35 1.34
N THR A 52 2.11 11.54 2.65
CA THR A 52 3.36 11.80 3.36
C THR A 52 4.01 10.50 3.81
N LEU A 53 5.28 10.57 4.17
CA LEU A 53 6.02 9.40 4.62
C LEU A 53 5.25 8.65 5.70
N ARG A 54 4.57 9.40 6.56
CA ARG A 54 3.80 8.80 7.64
C ARG A 54 2.61 8.01 7.09
N GLN A 55 1.84 8.66 6.22
CA GLN A 55 0.67 8.02 5.62
C GLN A 55 1.08 6.78 4.83
N LEU A 56 2.01 6.96 3.89
CA LEU A 56 2.48 5.86 3.06
C LEU A 56 2.96 4.69 3.92
N ASP A 57 3.84 5.00 4.87
CA ASP A 57 4.38 3.97 5.77
C ASP A 57 3.26 3.20 6.45
N TYR A 58 2.26 3.93 6.95
CA TYR A 58 1.13 3.32 7.62
C TYR A 58 0.40 2.35 6.71
N ARG A 59 0.32 2.70 5.42
CA ARG A 59 -0.34 1.85 4.44
C ARG A 59 0.47 0.61 4.14
N ILE A 60 1.80 0.77 4.11
CA ILE A 60 2.70 -0.34 3.85
C ILE A 60 2.62 -1.39 4.95
N LYS A 61 2.56 -0.93 6.20
CA LYS A 61 2.48 -1.82 7.34
C LYS A 61 1.09 -2.45 7.44
N LYS A 62 0.06 -1.66 7.15
CA LYS A 62 -1.31 -2.13 7.21
C LYS A 62 -1.59 -3.13 6.10
N TYR A 63 -1.14 -2.81 4.90
CA TYR A 63 -1.34 -3.68 3.74
C TYR A 63 -0.21 -4.69 3.62
N GLY A 64 0.77 -4.59 4.51
CA GLY A 64 1.90 -5.50 4.49
C GLY A 64 2.53 -5.60 3.13
N ILE A 65 2.73 -4.46 2.47
CA ILE A 65 3.33 -4.43 1.14
C ILE A 65 4.84 -4.60 1.23
N GLU A 66 5.43 -5.18 0.18
CA GLU A 66 6.88 -5.40 0.14
C GLU A 66 7.56 -4.30 -0.68
N LEU A 67 8.88 -4.22 -0.55
CA LEU A 67 9.67 -3.22 -1.26
C LEU A 67 11.16 -3.45 -1.07
N LYS A 68 11.93 -3.27 -2.14
CA LYS A 68 13.37 -3.46 -2.09
C LYS A 68 13.97 -2.66 -0.94
N LYS A 69 13.59 -1.39 -0.83
CA LYS A 69 14.09 -0.53 0.22
C LYS A 69 13.87 -1.15 1.60
N PHE A 70 14.86 -1.01 2.47
CA PHE A 70 14.78 -1.57 3.82
C PHE A 70 14.43 -3.06 3.77
N THR A 1 11.15 16.58 22.52
CA THR A 1 12.12 15.51 22.29
C THR A 1 11.93 14.37 23.27
N SER A 2 11.83 13.15 22.75
CA SER A 2 11.64 11.98 23.60
C SER A 2 12.40 10.78 23.04
N SER A 3 13.30 10.22 23.83
CA SER A 3 14.09 9.07 23.42
C SER A 3 14.07 7.98 24.49
N GLU A 4 14.68 6.84 24.17
CA GLU A 4 14.73 5.71 25.10
C GLU A 4 13.33 5.25 25.45
N LEU A 5 12.38 5.48 24.55
CA LEU A 5 10.99 5.08 24.76
C LEU A 5 10.84 3.56 24.65
N PRO A 6 9.77 3.03 25.26
CA PRO A 6 9.48 1.59 25.25
C PRO A 6 9.07 1.10 23.87
N GLU A 7 8.51 -0.10 23.81
CA GLU A 7 8.07 -0.69 22.55
C GLU A 7 6.55 -0.90 22.55
N LEU A 8 5.82 0.13 22.17
CA LEU A 8 4.36 0.06 22.12
C LEU A 8 3.89 -0.82 20.96
N LEU A 9 4.62 -0.76 19.84
CA LEU A 9 4.28 -1.55 18.67
C LEU A 9 4.45 -3.03 18.95
N ARG A 10 5.39 -3.37 19.83
CA ARG A 10 5.64 -4.77 20.18
C ARG A 10 4.44 -5.38 20.88
N LYS A 11 3.68 -4.53 21.58
CA LYS A 11 2.49 -4.99 22.30
C LYS A 11 1.25 -4.86 21.43
N ARG A 12 1.24 -3.86 20.55
CA ARG A 12 0.11 -3.63 19.67
C ARG A 12 0.51 -3.85 18.21
N GLU A 13 0.31 -5.07 17.73
CA GLU A 13 0.65 -5.41 16.35
C GLU A 13 -0.50 -6.16 15.68
N ARG A 14 -1.73 -5.77 16.01
CA ARG A 14 -2.90 -6.40 15.44
C ARG A 14 -3.97 -5.37 15.10
N LYS A 15 -4.79 -5.67 14.10
CA LYS A 15 -5.86 -4.76 13.69
C LYS A 15 -6.84 -5.47 12.76
N THR A 16 -8.13 -5.40 13.10
CA THR A 16 -9.17 -6.04 12.30
C THR A 16 -9.18 -5.48 10.88
N GLY A 17 -9.75 -6.25 9.96
CA GLY A 17 -9.81 -5.82 8.58
C GLY A 17 -10.48 -4.46 8.42
N ASP A 18 -9.77 -3.52 7.83
CA ASP A 18 -10.30 -2.17 7.62
C ASP A 18 -10.64 -1.94 6.16
N LEU A 19 -11.72 -1.21 5.91
CA LEU A 19 -12.14 -0.91 4.55
C LEU A 19 -12.55 -2.19 3.82
N PRO A 20 -13.43 -2.04 2.81
CA PRO A 20 -13.91 -3.17 2.01
C PRO A 20 -12.82 -3.75 1.11
N LYS A 21 -13.22 -4.63 0.20
CA LYS A 21 -12.28 -5.26 -0.72
C LYS A 21 -12.04 -4.37 -1.94
N PHE A 22 -13.07 -3.65 -2.36
CA PHE A 22 -12.96 -2.76 -3.50
C PHE A 22 -12.01 -1.60 -3.21
N ILE A 23 -12.06 -1.10 -1.97
CA ILE A 23 -11.21 0.00 -1.56
C ILE A 23 -9.79 -0.48 -1.26
N GLU A 24 -9.69 -1.57 -0.52
CA GLU A 24 -8.39 -2.13 -0.16
C GLU A 24 -7.64 -2.61 -1.41
N GLU A 25 -8.39 -3.01 -2.42
CA GLU A 25 -7.79 -3.49 -3.66
C GLU A 25 -7.27 -2.33 -4.50
N THR A 26 -8.09 -1.29 -4.63
CA THR A 26 -7.71 -0.11 -5.39
C THR A 26 -6.62 0.69 -4.69
N GLU A 27 -6.67 0.69 -3.36
CA GLU A 27 -5.68 1.41 -2.57
C GLU A 27 -4.34 0.70 -2.58
N LYS A 28 -4.37 -0.61 -2.30
CA LYS A 28 -3.16 -1.41 -2.28
C LYS A 28 -2.50 -1.45 -3.65
N LYS A 29 -3.31 -1.57 -4.69
CA LYS A 29 -2.82 -1.62 -6.07
C LYS A 29 -2.13 -0.31 -6.43
N ARG A 30 -2.70 0.80 -5.97
CA ARG A 30 -2.12 2.12 -6.25
C ARG A 30 -0.78 2.29 -5.55
N ILE A 31 -0.75 1.96 -4.27
CA ILE A 31 0.49 2.08 -3.48
C ILE A 31 1.61 1.25 -4.09
N ILE A 32 1.34 -0.04 -4.27
CA ILE A 32 2.34 -0.94 -4.85
C ILE A 32 2.72 -0.52 -6.26
N GLU A 33 1.75 -0.01 -7.01
CA GLU A 33 2.00 0.44 -8.37
C GLU A 33 2.99 1.61 -8.39
N ALA A 34 2.71 2.63 -7.58
CA ALA A 34 3.58 3.79 -7.51
C ALA A 34 4.99 3.40 -7.05
N LEU A 35 5.06 2.52 -6.05
CA LEU A 35 6.34 2.07 -5.52
C LEU A 35 7.18 1.43 -6.62
N GLU A 36 6.61 0.43 -7.28
CA GLU A 36 7.31 -0.27 -8.36
C GLU A 36 7.73 0.70 -9.45
N LYS A 37 6.86 1.65 -9.76
CA LYS A 37 7.15 2.64 -10.80
C LYS A 37 8.22 3.63 -10.32
N THR A 38 8.33 3.77 -9.00
CA THR A 38 9.31 4.68 -8.43
C THR A 38 10.62 3.96 -8.11
N GLY A 39 10.59 2.64 -8.21
CA GLY A 39 11.78 1.85 -7.93
C GLY A 39 11.83 1.37 -6.49
N TYR A 40 10.68 0.97 -5.96
CA TYR A 40 10.61 0.50 -4.58
C TYR A 40 11.07 1.59 -3.61
N VAL A 41 10.45 2.76 -3.71
CA VAL A 41 10.80 3.88 -2.83
C VAL A 41 9.54 4.48 -2.20
N LYS A 42 9.47 4.42 -0.88
CA LYS A 42 8.34 4.95 -0.14
C LYS A 42 8.21 6.47 -0.36
N SER A 43 9.32 7.17 -0.18
CA SER A 43 9.34 8.62 -0.36
C SER A 43 8.75 9.01 -1.71
N ARG A 44 9.28 8.41 -2.77
CA ARG A 44 8.81 8.69 -4.12
C ARG A 44 7.36 8.26 -4.30
N ALA A 45 7.06 7.03 -3.90
CA ALA A 45 5.71 6.50 -4.01
C ALA A 45 4.70 7.39 -3.29
N ALA A 46 5.14 8.00 -2.20
CA ALA A 46 4.27 8.89 -1.43
C ALA A 46 4.04 10.21 -2.17
N LYS A 47 5.13 10.86 -2.57
CA LYS A 47 5.05 12.12 -3.29
C LYS A 47 4.33 11.95 -4.62
N LEU A 48 4.49 10.77 -5.23
CA LEU A 48 3.86 10.47 -6.51
C LEU A 48 2.36 10.27 -6.34
N LEU A 49 1.99 9.42 -5.38
CA LEU A 49 0.58 9.14 -5.12
C LEU A 49 -0.14 10.37 -4.57
N GLY A 50 0.53 11.07 -3.64
CA GLY A 50 -0.06 12.26 -3.06
C GLY A 50 -0.23 12.14 -1.56
N TYR A 51 0.50 11.22 -0.95
CA TYR A 51 0.43 11.00 0.50
C TYR A 51 1.77 11.23 1.16
N THR A 52 1.75 11.48 2.46
CA THR A 52 2.97 11.72 3.22
C THR A 52 3.58 10.41 3.71
N LEU A 53 4.83 10.49 4.15
CA LEU A 53 5.53 9.30 4.64
C LEU A 53 4.69 8.56 5.68
N ARG A 54 3.97 9.33 6.49
CA ARG A 54 3.12 8.75 7.53
C ARG A 54 1.97 7.96 6.93
N GLN A 55 1.25 8.59 6.00
CA GLN A 55 0.12 7.95 5.34
C GLN A 55 0.57 6.72 4.56
N LEU A 56 1.55 6.92 3.66
CA LEU A 56 2.07 5.82 2.86
C LEU A 56 2.51 4.66 3.73
N ASP A 57 3.35 4.96 4.72
CA ASP A 57 3.86 3.93 5.63
C ASP A 57 2.71 3.16 6.26
N TYR A 58 1.70 3.89 6.73
CA TYR A 58 0.54 3.26 7.35
C TYR A 58 -0.15 2.29 6.40
N ARG A 59 -0.15 2.64 5.11
CA ARG A 59 -0.77 1.81 4.10
C ARG A 59 0.07 0.55 3.83
N ILE A 60 1.38 0.73 3.85
CA ILE A 60 2.30 -0.38 3.59
C ILE A 60 2.20 -1.43 4.70
N LYS A 61 2.06 -0.98 5.94
CA LYS A 61 1.93 -1.88 7.07
C LYS A 61 0.57 -2.54 7.11
N LYS A 62 -0.47 -1.76 6.80
CA LYS A 62 -1.84 -2.27 6.79
C LYS A 62 -2.04 -3.26 5.64
N TYR A 63 -1.55 -2.90 4.46
CA TYR A 63 -1.68 -3.75 3.29
C TYR A 63 -0.53 -4.75 3.22
N GLY A 64 0.41 -4.64 4.15
CA GLY A 64 1.54 -5.54 4.18
C GLY A 64 2.23 -5.65 2.83
N ILE A 65 2.44 -4.50 2.20
CA ILE A 65 3.10 -4.46 0.90
C ILE A 65 4.61 -4.68 1.04
N GLU A 66 5.23 -5.21 -0.01
CA GLU A 66 6.66 -5.47 -0.01
C GLU A 66 7.40 -4.43 -0.84
N LEU A 67 8.72 -4.41 -0.72
CA LEU A 67 9.56 -3.47 -1.46
C LEU A 67 11.03 -3.77 -1.25
N LYS A 68 11.81 -3.66 -2.33
CA LYS A 68 13.24 -3.91 -2.27
C LYS A 68 13.89 -3.12 -1.14
N LYS A 69 13.81 -1.80 -1.23
CA LYS A 69 14.37 -0.92 -0.22
C LYS A 69 13.92 -1.33 1.18
N PHE A 70 14.62 -0.83 2.19
CA PHE A 70 14.29 -1.16 3.58
C PHE A 70 14.08 0.13 4.39
N THR A 1 15.41 16.79 -2.67
CA THR A 1 15.76 15.78 -1.69
C THR A 1 15.86 16.37 -0.30
N SER A 2 14.73 16.47 0.39
CA SER A 2 14.69 17.04 1.74
C SER A 2 14.90 15.95 2.78
N SER A 3 16.15 15.78 3.20
CA SER A 3 16.49 14.77 4.20
C SER A 3 15.64 14.93 5.45
N GLU A 4 15.58 13.89 6.27
CA GLU A 4 14.80 13.92 7.50
C GLU A 4 15.57 13.27 8.65
N LEU A 5 15.14 13.55 9.87
CA LEU A 5 15.79 13.01 11.06
C LEU A 5 15.12 11.71 11.50
N PRO A 6 15.87 10.87 12.22
CA PRO A 6 15.37 9.58 12.72
C PRO A 6 14.32 9.76 13.81
N GLU A 7 13.21 10.40 13.47
CA GLU A 7 12.13 10.63 14.42
C GLU A 7 10.82 10.01 13.92
N LEU A 8 10.95 8.97 13.11
CA LEU A 8 9.77 8.29 12.56
C LEU A 8 9.03 7.53 13.65
N LEU A 9 9.78 6.90 14.55
CA LEU A 9 9.19 6.14 15.65
C LEU A 9 8.24 7.01 16.46
N ARG A 10 8.55 8.29 16.55
CA ARG A 10 7.71 9.23 17.29
C ARG A 10 6.44 9.56 16.52
N LYS A 11 6.60 9.84 15.22
CA LYS A 11 5.47 10.18 14.37
C LYS A 11 4.62 8.94 14.09
N ARG A 12 3.43 8.90 14.71
CA ARG A 12 2.52 7.77 14.53
C ARG A 12 1.11 8.14 14.98
N GLU A 13 0.12 7.74 14.20
CA GLU A 13 -1.27 8.03 14.51
C GLU A 13 -2.14 6.78 14.35
N ARG A 14 -3.10 6.61 15.26
CA ARG A 14 -3.99 5.45 15.22
C ARG A 14 -5.27 5.79 14.47
N LYS A 15 -5.18 5.82 13.14
CA LYS A 15 -6.33 6.12 12.30
C LYS A 15 -7.16 4.86 12.04
N THR A 16 -8.25 4.71 12.78
CA THR A 16 -9.13 3.56 12.63
C THR A 16 -10.03 3.71 11.41
N GLY A 17 -10.56 2.58 10.94
CA GLY A 17 -11.44 2.62 9.78
C GLY A 17 -11.41 1.31 9.00
N ASP A 18 -12.58 0.72 8.81
CA ASP A 18 -12.70 -0.54 8.08
C ASP A 18 -13.19 -0.30 6.65
N LEU A 19 -12.61 -1.03 5.70
CA LEU A 19 -12.99 -0.89 4.31
C LEU A 19 -13.16 -2.26 3.66
N PRO A 20 -13.99 -2.32 2.59
CA PRO A 20 -14.26 -3.55 1.86
C PRO A 20 -13.04 -4.05 1.07
N LYS A 21 -13.25 -5.05 0.24
CA LYS A 21 -12.17 -5.61 -0.58
C LYS A 21 -11.87 -4.71 -1.76
N PHE A 22 -12.88 -4.00 -2.24
CA PHE A 22 -12.73 -3.09 -3.38
C PHE A 22 -11.80 -1.93 -3.03
N ILE A 23 -11.86 -1.49 -1.77
CA ILE A 23 -11.03 -0.39 -1.31
C ILE A 23 -9.61 -0.86 -1.02
N GLU A 24 -9.50 -1.94 -0.25
CA GLU A 24 -8.19 -2.49 0.09
C GLU A 24 -7.45 -2.96 -1.15
N GLU A 25 -8.21 -3.38 -2.16
CA GLU A 25 -7.62 -3.85 -3.41
C GLU A 25 -7.11 -2.69 -4.25
N THR A 26 -7.95 -1.66 -4.40
CA THR A 26 -7.58 -0.49 -5.19
C THR A 26 -6.50 0.33 -4.48
N GLU A 27 -6.55 0.33 -3.15
CA GLU A 27 -5.57 1.07 -2.36
C GLU A 27 -4.21 0.39 -2.38
N LYS A 28 -4.21 -0.91 -2.10
CA LYS A 28 -2.97 -1.70 -2.09
C LYS A 28 -2.32 -1.70 -3.47
N LYS A 29 -3.14 -1.89 -4.50
CA LYS A 29 -2.64 -1.91 -5.87
C LYS A 29 -2.00 -0.58 -6.24
N ARG A 30 -2.58 0.51 -5.75
CA ARG A 30 -2.07 1.84 -6.03
C ARG A 30 -0.72 2.07 -5.35
N ILE A 31 -0.64 1.72 -4.07
CA ILE A 31 0.59 1.87 -3.31
C ILE A 31 1.72 1.05 -3.92
N ILE A 32 1.45 -0.23 -4.16
CA ILE A 32 2.45 -1.13 -4.74
C ILE A 32 2.83 -0.68 -6.14
N GLU A 33 1.84 -0.19 -6.89
CA GLU A 33 2.07 0.28 -8.25
C GLU A 33 3.02 1.47 -8.28
N ALA A 34 2.70 2.47 -7.47
CA ALA A 34 3.53 3.67 -7.39
C ALA A 34 4.95 3.35 -6.94
N LEU A 35 5.05 2.51 -5.90
CA LEU A 35 6.35 2.11 -5.37
C LEU A 35 7.21 1.46 -6.45
N GLU A 36 6.67 0.43 -7.10
CA GLU A 36 7.39 -0.27 -8.16
C GLU A 36 7.79 0.69 -9.27
N LYS A 37 6.90 1.64 -9.59
CA LYS A 37 7.16 2.62 -10.63
C LYS A 37 8.19 3.64 -10.17
N THR A 38 8.31 3.80 -8.86
CA THR A 38 9.26 4.75 -8.29
C THR A 38 10.58 4.06 -7.96
N GLY A 39 10.59 2.73 -8.02
CA GLY A 39 11.79 1.99 -7.74
C GLY A 39 11.84 1.52 -6.29
N TYR A 40 10.70 1.09 -5.76
CA TYR A 40 10.62 0.63 -4.38
C TYR A 40 11.01 1.74 -3.42
N VAL A 41 10.45 2.92 -3.61
CA VAL A 41 10.75 4.05 -2.74
C VAL A 41 9.48 4.59 -2.09
N LYS A 42 9.48 4.65 -0.76
CA LYS A 42 8.33 5.15 -0.01
C LYS A 42 8.12 6.64 -0.25
N SER A 43 9.20 7.41 -0.12
CA SER A 43 9.14 8.85 -0.32
C SER A 43 8.54 9.19 -1.68
N ARG A 44 9.12 8.60 -2.72
CA ARG A 44 8.64 8.84 -4.09
C ARG A 44 7.20 8.35 -4.24
N ALA A 45 6.94 7.13 -3.81
CA ALA A 45 5.60 6.55 -3.90
C ALA A 45 4.58 7.42 -3.19
N ALA A 46 4.99 8.04 -2.09
CA ALA A 46 4.10 8.91 -1.31
C ALA A 46 3.77 10.18 -2.09
N LYS A 47 4.81 10.87 -2.54
CA LYS A 47 4.63 12.11 -3.29
C LYS A 47 3.91 11.84 -4.61
N LEU A 48 4.19 10.69 -5.21
CA LEU A 48 3.56 10.32 -6.47
C LEU A 48 2.07 10.07 -6.29
N LEU A 49 1.73 9.25 -5.30
CA LEU A 49 0.34 8.92 -5.01
C LEU A 49 -0.40 10.13 -4.45
N GLY A 50 0.29 10.92 -3.64
CA GLY A 50 -0.31 12.11 -3.05
C GLY A 50 -0.48 11.99 -1.55
N TYR A 51 0.25 11.06 -0.95
CA TYR A 51 0.18 10.84 0.49
C TYR A 51 1.51 11.14 1.15
N THR A 52 1.48 11.36 2.47
CA THR A 52 2.69 11.65 3.22
C THR A 52 3.37 10.37 3.70
N LEU A 53 4.61 10.49 4.13
CA LEU A 53 5.37 9.34 4.61
C LEU A 53 4.57 8.58 5.67
N ARG A 54 3.83 9.30 6.49
CA ARG A 54 3.03 8.70 7.54
C ARG A 54 1.89 7.86 6.94
N GLN A 55 1.14 8.47 6.02
CA GLN A 55 0.03 7.78 5.38
C GLN A 55 0.52 6.56 4.60
N LEU A 56 1.47 6.78 3.70
CA LEU A 56 2.03 5.69 2.91
C LEU A 56 2.53 4.56 3.78
N ASP A 57 3.37 4.89 4.75
CA ASP A 57 3.91 3.90 5.68
C ASP A 57 2.80 3.10 6.33
N TYR A 58 1.76 3.79 6.79
CA TYR A 58 0.62 3.15 7.43
C TYR A 58 -0.04 2.13 6.50
N ARG A 59 -0.07 2.45 5.21
CA ARG A 59 -0.66 1.57 4.22
C ARG A 59 0.23 0.36 3.96
N ILE A 60 1.54 0.59 3.98
CA ILE A 60 2.51 -0.48 3.75
C ILE A 60 2.44 -1.54 4.85
N LYS A 61 2.30 -1.07 6.09
CA LYS A 61 2.22 -1.98 7.23
C LYS A 61 0.88 -2.71 7.26
N LYS A 62 -0.19 -1.96 7.02
CA LYS A 62 -1.53 -2.53 7.02
C LYS A 62 -1.70 -3.52 5.85
N TYR A 63 -1.24 -3.12 4.68
CA TYR A 63 -1.34 -3.97 3.49
C TYR A 63 -0.16 -4.94 3.42
N GLY A 64 0.76 -4.80 4.36
CA GLY A 64 1.93 -5.67 4.37
C GLY A 64 2.63 -5.73 3.03
N ILE A 65 2.78 -4.58 2.40
CA ILE A 65 3.45 -4.50 1.09
C ILE A 65 4.96 -4.59 1.24
N GLU A 66 5.62 -5.09 0.20
CA GLU A 66 7.07 -5.23 0.22
C GLU A 66 7.73 -4.13 -0.59
N LEU A 67 9.05 -4.00 -0.44
CA LEU A 67 9.80 -2.97 -1.16
C LEU A 67 11.30 -3.15 -0.93
N LYS A 68 12.07 -3.09 -2.01
CA LYS A 68 13.52 -3.23 -1.93
C LYS A 68 14.17 -1.97 -1.36
N LYS A 69 14.38 -1.96 -0.05
CA LYS A 69 14.98 -0.82 0.62
C LYS A 69 15.61 -1.23 1.95
N PHE A 70 16.21 -0.27 2.64
CA PHE A 70 16.84 -0.54 3.93
C PHE A 70 15.89 -0.20 5.07
N THR A 1 15.77 -32.41 10.16
CA THR A 1 14.75 -31.43 9.81
C THR A 1 14.42 -30.52 10.99
N SER A 2 14.80 -29.25 10.88
CA SER A 2 14.56 -28.29 11.94
C SER A 2 14.20 -26.92 11.37
N SER A 3 13.46 -26.13 12.13
CA SER A 3 13.05 -24.80 11.70
C SER A 3 13.77 -23.72 12.50
N GLU A 4 13.89 -22.54 11.92
CA GLU A 4 14.56 -21.42 12.58
C GLU A 4 13.62 -20.22 12.70
N LEU A 5 13.04 -19.81 11.58
CA LEU A 5 12.12 -18.68 11.57
C LEU A 5 10.69 -19.14 11.43
N PRO A 6 9.74 -18.28 11.85
CA PRO A 6 8.31 -18.58 11.78
C PRO A 6 7.79 -18.61 10.35
N GLU A 7 6.47 -18.57 10.20
CA GLU A 7 5.85 -18.58 8.88
C GLU A 7 5.44 -17.17 8.46
N LEU A 8 6.24 -16.19 8.87
CA LEU A 8 5.96 -14.79 8.53
C LEU A 8 6.09 -14.56 7.03
N LEU A 9 7.20 -15.03 6.45
CA LEU A 9 7.44 -14.87 5.02
C LEU A 9 6.32 -15.51 4.21
N ARG A 10 5.87 -16.68 4.64
CA ARG A 10 4.80 -17.39 3.95
C ARG A 10 3.51 -16.59 3.97
N LYS A 11 3.29 -15.86 5.06
CA LYS A 11 2.09 -15.03 5.20
C LYS A 11 2.36 -13.60 4.76
N ARG A 12 1.94 -13.28 3.54
CA ARG A 12 2.13 -11.94 2.99
C ARG A 12 0.79 -11.22 2.84
N GLU A 13 -0.25 -11.98 2.49
CA GLU A 13 -1.58 -11.41 2.32
C GLU A 13 -2.66 -12.47 2.49
N ARG A 14 -3.55 -12.27 3.46
CA ARG A 14 -4.62 -13.22 3.71
C ARG A 14 -5.97 -12.63 3.31
N LYS A 15 -6.85 -13.48 2.80
CA LYS A 15 -8.18 -13.05 2.37
C LYS A 15 -9.05 -12.70 3.58
N THR A 16 -9.90 -11.70 3.43
CA THR A 16 -10.80 -11.27 4.50
C THR A 16 -12.15 -10.86 3.95
N GLY A 17 -13.20 -11.03 4.77
CA GLY A 17 -14.54 -10.67 4.35
C GLY A 17 -14.90 -9.25 4.75
N ASP A 18 -14.47 -8.84 5.93
CA ASP A 18 -14.77 -7.51 6.43
C ASP A 18 -14.01 -6.45 5.62
N LEU A 19 -14.29 -5.18 5.90
CA LEU A 19 -13.64 -4.08 5.20
C LEU A 19 -13.93 -4.14 3.70
N PRO A 20 -13.76 -2.99 3.02
CA PRO A 20 -14.00 -2.89 1.58
C PRO A 20 -12.95 -3.65 0.76
N LYS A 21 -13.41 -4.34 -0.26
CA LYS A 21 -12.52 -5.11 -1.13
C LYS A 21 -12.00 -4.25 -2.27
N PHE A 22 -12.90 -3.50 -2.89
CA PHE A 22 -12.53 -2.64 -4.02
C PHE A 22 -11.58 -1.53 -3.55
N ILE A 23 -11.90 -0.93 -2.41
CA ILE A 23 -11.08 0.15 -1.87
C ILE A 23 -9.69 -0.37 -1.49
N GLU A 24 -9.66 -1.44 -0.70
CA GLU A 24 -8.39 -2.03 -0.28
C GLU A 24 -7.59 -2.55 -1.47
N GLU A 25 -8.31 -2.97 -2.51
CA GLU A 25 -7.67 -3.49 -3.71
C GLU A 25 -7.09 -2.36 -4.56
N THR A 26 -7.89 -1.31 -4.77
CA THR A 26 -7.46 -0.17 -5.55
C THR A 26 -6.40 0.63 -4.82
N GLU A 27 -6.49 0.67 -3.49
CA GLU A 27 -5.54 1.40 -2.67
C GLU A 27 -4.19 0.67 -2.62
N LYS A 28 -4.24 -0.62 -2.32
CA LYS A 28 -3.03 -1.42 -2.24
C LYS A 28 -2.33 -1.49 -3.59
N LYS A 29 -3.11 -1.66 -4.65
CA LYS A 29 -2.57 -1.75 -6.00
C LYS A 29 -1.88 -0.43 -6.39
N ARG A 30 -2.46 0.68 -5.96
CA ARG A 30 -1.91 2.00 -6.27
C ARG A 30 -0.59 2.20 -5.54
N ILE A 31 -0.57 1.90 -4.25
CA ILE A 31 0.65 2.05 -3.46
C ILE A 31 1.79 1.20 -4.01
N ILE A 32 1.52 -0.09 -4.19
CA ILE A 32 2.52 -1.00 -4.72
C ILE A 32 2.95 -0.60 -6.12
N GLU A 33 2.00 -0.11 -6.90
CA GLU A 33 2.27 0.31 -8.28
C GLU A 33 3.25 1.48 -8.29
N ALA A 34 2.94 2.52 -7.52
CA ALA A 34 3.79 3.70 -7.44
C ALA A 34 5.19 3.34 -6.95
N LEU A 35 5.24 2.52 -5.90
CA LEU A 35 6.51 2.10 -5.32
C LEU A 35 7.39 1.41 -6.37
N GLU A 36 6.83 0.38 -7.00
CA GLU A 36 7.56 -0.36 -8.02
C GLU A 36 8.00 0.56 -9.16
N LYS A 37 7.15 1.50 -9.51
CA LYS A 37 7.44 2.46 -10.58
C LYS A 37 8.48 3.47 -10.13
N THR A 38 8.58 3.68 -8.81
CA THR A 38 9.55 4.62 -8.26
C THR A 38 10.85 3.92 -7.89
N GLY A 39 10.82 2.59 -7.89
CA GLY A 39 12.01 1.83 -7.55
C GLY A 39 12.03 1.40 -6.10
N TYR A 40 10.87 1.00 -5.59
CA TYR A 40 10.76 0.57 -4.20
C TYR A 40 11.18 1.69 -3.24
N VAL A 41 10.59 2.87 -3.44
CA VAL A 41 10.90 4.01 -2.59
C VAL A 41 9.63 4.61 -2.00
N LYS A 42 9.56 4.66 -0.68
CA LYS A 42 8.41 5.22 0.02
C LYS A 42 8.28 6.71 -0.26
N SER A 43 9.39 7.43 -0.12
CA SER A 43 9.39 8.88 -0.35
C SER A 43 8.84 9.21 -1.74
N ARG A 44 9.38 8.56 -2.76
CA ARG A 44 8.95 8.79 -4.13
C ARG A 44 7.51 8.32 -4.33
N ALA A 45 7.22 7.09 -3.89
CA ALA A 45 5.88 6.53 -4.01
C ALA A 45 4.85 7.43 -3.36
N ALA A 46 5.23 8.07 -2.26
CA ALA A 46 4.33 8.96 -1.54
C ALA A 46 4.10 10.26 -2.31
N LYS A 47 5.19 10.90 -2.70
CA LYS A 47 5.11 12.15 -3.46
C LYS A 47 4.42 11.93 -4.80
N LEU A 48 4.60 10.74 -5.37
CA LEU A 48 4.00 10.41 -6.65
C LEU A 48 2.49 10.19 -6.51
N LEU A 49 2.11 9.38 -5.54
CA LEU A 49 0.70 9.08 -5.29
C LEU A 49 -0.03 10.33 -4.79
N GLY A 50 0.60 11.05 -3.88
CA GLY A 50 0.00 12.26 -3.34
C GLY A 50 -0.22 12.17 -1.85
N TYR A 51 0.51 11.29 -1.19
CA TYR A 51 0.39 11.10 0.25
C TYR A 51 1.72 11.39 0.95
N THR A 52 1.66 11.63 2.26
CA THR A 52 2.85 11.91 3.04
C THR A 52 3.49 10.63 3.56
N LEU A 53 4.73 10.74 4.02
CA LEU A 53 5.45 9.58 4.54
C LEU A 53 4.61 8.84 5.57
N ARG A 54 3.87 9.60 6.38
CA ARG A 54 3.02 9.01 7.41
C ARG A 54 1.89 8.19 6.79
N GLN A 55 1.17 8.81 5.86
CA GLN A 55 0.07 8.15 5.18
C GLN A 55 0.55 6.91 4.44
N LEU A 56 1.54 7.09 3.57
CA LEU A 56 2.08 5.99 2.79
C LEU A 56 2.51 4.84 3.70
N ASP A 57 3.33 5.16 4.70
CA ASP A 57 3.81 4.16 5.64
C ASP A 57 2.65 3.38 6.25
N TYR A 58 1.63 4.11 6.71
CA TYR A 58 0.46 3.48 7.32
C TYR A 58 -0.19 2.50 6.35
N ARG A 59 -0.18 2.83 5.07
CA ARG A 59 -0.77 1.97 4.05
C ARG A 59 0.08 0.73 3.83
N ILE A 60 1.40 0.90 3.87
CA ILE A 60 2.32 -0.21 3.67
C ILE A 60 2.17 -1.25 4.78
N LYS A 61 2.02 -0.78 6.00
CA LYS A 61 1.87 -1.67 7.15
C LYS A 61 0.48 -2.29 7.16
N LYS A 62 -0.53 -1.50 6.81
CA LYS A 62 -1.91 -2.00 6.78
C LYS A 62 -2.10 -3.02 5.66
N TYR A 63 -1.57 -2.70 4.49
CA TYR A 63 -1.69 -3.58 3.33
C TYR A 63 -0.54 -4.59 3.30
N GLY A 64 0.37 -4.46 4.26
CA GLY A 64 1.52 -5.36 4.32
C GLY A 64 2.25 -5.45 3.00
N ILE A 65 2.46 -4.30 2.36
CA ILE A 65 3.16 -4.26 1.08
C ILE A 65 4.66 -4.43 1.27
N GLU A 66 5.32 -4.94 0.24
CA GLU A 66 6.77 -5.14 0.29
C GLU A 66 7.50 -4.06 -0.50
N LEU A 67 8.81 -3.97 -0.28
CA LEU A 67 9.63 -2.98 -0.97
C LEU A 67 11.11 -3.19 -0.66
N LYS A 68 11.93 -3.15 -1.70
CA LYS A 68 13.37 -3.34 -1.54
C LYS A 68 14.04 -2.03 -1.10
N LYS A 69 14.27 -1.91 0.20
CA LYS A 69 14.91 -0.72 0.75
C LYS A 69 15.39 -0.97 2.17
N PHE A 70 16.11 0.01 2.72
CA PHE A 70 16.64 -0.11 4.09
C PHE A 70 16.56 1.23 4.81
#